data_2FFG
# 
_entry.id   2FFG 
# 
_audit_conform.dict_name       mmcif_pdbx.dic 
_audit_conform.dict_version    5.397 
_audit_conform.dict_location   http://mmcif.pdb.org/dictionaries/ascii/mmcif_pdbx.dic 
# 
loop_
_database_2.database_id 
_database_2.database_code 
_database_2.pdbx_database_accession 
_database_2.pdbx_DOI 
PDB   2FFG         pdb_00002ffg 10.2210/pdb2ffg/pdb 
RCSB  RCSB035815   ?            ?                   
WWPDB D_1000035815 ?            ?                   
# 
loop_
_pdbx_audit_revision_history.ordinal 
_pdbx_audit_revision_history.data_content_type 
_pdbx_audit_revision_history.major_revision 
_pdbx_audit_revision_history.minor_revision 
_pdbx_audit_revision_history.revision_date 
1 'Structure model' 1 0 2005-12-27 
2 'Structure model' 1 1 2008-05-01 
3 'Structure model' 1 2 2011-07-13 
4 'Structure model' 1 3 2024-10-16 
# 
_pdbx_audit_revision_details.ordinal             1 
_pdbx_audit_revision_details.revision_ordinal    1 
_pdbx_audit_revision_details.data_content_type   'Structure model' 
_pdbx_audit_revision_details.provider            repository 
_pdbx_audit_revision_details.type                'Initial release' 
_pdbx_audit_revision_details.description         ? 
_pdbx_audit_revision_details.details             ? 
# 
loop_
_pdbx_audit_revision_group.ordinal 
_pdbx_audit_revision_group.revision_ordinal 
_pdbx_audit_revision_group.data_content_type 
_pdbx_audit_revision_group.group 
1 2 'Structure model' 'Version format compliance' 
2 3 'Structure model' 'Version format compliance' 
3 4 'Structure model' 'Data collection'           
4 4 'Structure model' 'Database references'       
5 4 'Structure model' 'Derived calculations'      
6 4 'Structure model' 'Structure summary'         
# 
loop_
_pdbx_audit_revision_category.ordinal 
_pdbx_audit_revision_category.revision_ordinal 
_pdbx_audit_revision_category.data_content_type 
_pdbx_audit_revision_category.category 
1 4 'Structure model' chem_comp_atom            
2 4 'Structure model' chem_comp_bond            
3 4 'Structure model' database_2                
4 4 'Structure model' pdbx_entry_details        
5 4 'Structure model' pdbx_modification_feature 
6 4 'Structure model' struct_conn               
7 4 'Structure model' struct_ref_seq_dif        
# 
loop_
_pdbx_audit_revision_item.ordinal 
_pdbx_audit_revision_item.revision_ordinal 
_pdbx_audit_revision_item.data_content_type 
_pdbx_audit_revision_item.item 
1 4 'Structure model' '_database_2.pdbx_DOI'                
2 4 'Structure model' '_database_2.pdbx_database_accession' 
3 4 'Structure model' '_struct_conn.pdbx_leaving_atom_flag' 
4 4 'Structure model' '_struct_ref_seq_dif.details'         
# 
_pdbx_database_status.status_code                     REL 
_pdbx_database_status.entry_id                        2FFG 
_pdbx_database_status.recvd_initial_deposition_date   2005-12-19 
_pdbx_database_status.deposit_site                    RCSB 
_pdbx_database_status.process_site                    RCSB 
_pdbx_database_status.status_code_sf                  REL 
_pdbx_database_status.status_code_mr                  ? 
_pdbx_database_status.SG_entry                        Y 
_pdbx_database_status.pdb_format_compatible           Y 
_pdbx_database_status.status_code_cs                  ? 
_pdbx_database_status.status_code_nmr_data            ? 
_pdbx_database_status.methods_development_category    ? 
# 
_pdbx_database_related.db_name        TargetDB 
_pdbx_database_related.db_id          SR360 
_pdbx_database_related.details        . 
_pdbx_database_related.content_type   unspecified 
# 
loop_
_audit_author.name 
_audit_author.pdbx_ordinal 
'Kuzin, A.P.'                                     1  
'Abashidze, M.'                                   2  
'Forouhar, F.'                                    3  
'Vorobiev, S.M.'                                  4  
'Ho, C.K.'                                        5  
'Janjua, H.'                                      6  
'Cunningham, K.'                                  7  
'Conover, K.'                                     8  
'Ma, L.C.'                                        9  
'Xiao, R.'                                        10 
'Acton, T.B.'                                     11 
'Montelione, G.T.'                                12 
'Tong, L.'                                        13 
'Hunt, J.F.'                                      14 
'Northeast Structural Genomics Consortium (NESG)' 15 
# 
_citation.id                        primary 
_citation.title                     
'Novel x-ray structure of the YkuJ protein from Bacillus subtilis. Northeast Structural Genomics target SR360.' 
_citation.journal_abbrev            'To be Published' 
_citation.journal_volume            ? 
_citation.page_first                ? 
_citation.page_last                 ? 
_citation.year                      ? 
_citation.journal_id_ASTM           ? 
_citation.country                   ? 
_citation.journal_id_ISSN           ? 
_citation.journal_id_CSD            0353 
_citation.book_publisher            ? 
_citation.pdbx_database_id_PubMed   ? 
_citation.pdbx_database_id_DOI      ? 
# 
loop_
_citation_author.citation_id 
_citation_author.name 
_citation_author.ordinal 
_citation_author.identifier_ORCID 
primary 'Kuzin, A.P.'                                     1  ? 
primary 'Abashidze, M.'                                   2  ? 
primary 'Forouhar, F.'                                    3  ? 
primary 'Vorobiev, S.M.'                                  4  ? 
primary 'Ho, C.K.'                                        5  ? 
primary 'Janjua, H.'                                      6  ? 
primary 'Cunningham, K.'                                  7  ? 
primary 'Conover, K.'                                     8  ? 
primary 'Ma, L.C.'                                        9  ? 
primary 'Xiao, R.'                                        10 ? 
primary 'Acton, T.B.'                                     11 ? 
primary 'Montelione, G.T.'                                12 ? 
primary 'Tong, L.'                                        13 ? 
primary 'Hunt, J.F.'                                      14 ? 
primary 'Northeast Structural Genomics Consortium (NESG)' 15 ? 
# 
loop_
_entity.id 
_entity.type 
_entity.src_method 
_entity.pdbx_description 
_entity.formula_weight 
_entity.pdbx_number_of_molecules 
_entity.pdbx_ec 
_entity.pdbx_mutation 
_entity.pdbx_fragment 
_entity.details 
1 polymer man ykuJ  10510.231 2  ? ? ? ? 
2 water   nat water 18.015    67 ? ? ? ? 
# 
_entity_poly.entity_id                      1 
_entity_poly.type                           'polypeptide(L)' 
_entity_poly.nstd_linkage                   no 
_entity_poly.nstd_monomer                   yes 
_entity_poly.pdbx_seq_one_letter_code       
;(MSE)SQL(MSE)GIITRLQSLQETAEAANEP(MSE)QRYFEVNGEKICSVKYFEKNQTFELTVFQKGEKPNTYPFDNID
(MSE)VSIEIFELLQLEHHHHHH
;
_entity_poly.pdbx_seq_one_letter_code_can   
;MSQLMGIITRLQSLQETAEAANEPMQRYFEVNGEKICSVKYFEKNQTFELTVFQKGEKPNTYPFDNIDMVSIEIFELLQL
EHHHHHH
;
_entity_poly.pdbx_strand_id                 A,B 
_entity_poly.pdbx_target_identifier         SR360 
# 
_pdbx_entity_nonpoly.entity_id   2 
_pdbx_entity_nonpoly.name        water 
_pdbx_entity_nonpoly.comp_id     HOH 
# 
loop_
_entity_poly_seq.entity_id 
_entity_poly_seq.num 
_entity_poly_seq.mon_id 
_entity_poly_seq.hetero 
1 1  MSE n 
1 2  SER n 
1 3  GLN n 
1 4  LEU n 
1 5  MSE n 
1 6  GLY n 
1 7  ILE n 
1 8  ILE n 
1 9  THR n 
1 10 ARG n 
1 11 LEU n 
1 12 GLN n 
1 13 SER n 
1 14 LEU n 
1 15 GLN n 
1 16 GLU n 
1 17 THR n 
1 18 ALA n 
1 19 GLU n 
1 20 ALA n 
1 21 ALA n 
1 22 ASN n 
1 23 GLU n 
1 24 PRO n 
1 25 MSE n 
1 26 GLN n 
1 27 ARG n 
1 28 TYR n 
1 29 PHE n 
1 30 GLU n 
1 31 VAL n 
1 32 ASN n 
1 33 GLY n 
1 34 GLU n 
1 35 LYS n 
1 36 ILE n 
1 37 CYS n 
1 38 SER n 
1 39 VAL n 
1 40 LYS n 
1 41 TYR n 
1 42 PHE n 
1 43 GLU n 
1 44 LYS n 
1 45 ASN n 
1 46 GLN n 
1 47 THR n 
1 48 PHE n 
1 49 GLU n 
1 50 LEU n 
1 51 THR n 
1 52 VAL n 
1 53 PHE n 
1 54 GLN n 
1 55 LYS n 
1 56 GLY n 
1 57 GLU n 
1 58 LYS n 
1 59 PRO n 
1 60 ASN n 
1 61 THR n 
1 62 TYR n 
1 63 PRO n 
1 64 PHE n 
1 65 ASP n 
1 66 ASN n 
1 67 ILE n 
1 68 ASP n 
1 69 MSE n 
1 70 VAL n 
1 71 SER n 
1 72 ILE n 
1 73 GLU n 
1 74 ILE n 
1 75 PHE n 
1 76 GLU n 
1 77 LEU n 
1 78 LEU n 
1 79 GLN n 
1 80 LEU n 
1 81 GLU n 
1 82 HIS n 
1 83 HIS n 
1 84 HIS n 
1 85 HIS n 
1 86 HIS n 
1 87 HIS n 
# 
_entity_src_gen.entity_id                          1 
_entity_src_gen.pdbx_src_id                        1 
_entity_src_gen.pdbx_alt_source_flag               sample 
_entity_src_gen.pdbx_seq_type                      ? 
_entity_src_gen.pdbx_beg_seq_num                   ? 
_entity_src_gen.pdbx_end_seq_num                   ? 
_entity_src_gen.gene_src_common_name               ? 
_entity_src_gen.gene_src_genus                     Bacillus 
_entity_src_gen.pdbx_gene_src_gene                 ykuJ 
_entity_src_gen.gene_src_species                   ? 
_entity_src_gen.gene_src_strain                    ? 
_entity_src_gen.gene_src_tissue                    ? 
_entity_src_gen.gene_src_tissue_fraction           ? 
_entity_src_gen.gene_src_details                   ? 
_entity_src_gen.pdbx_gene_src_fragment             ? 
_entity_src_gen.pdbx_gene_src_scientific_name      'Bacillus subtilis' 
_entity_src_gen.pdbx_gene_src_ncbi_taxonomy_id     1423 
_entity_src_gen.pdbx_gene_src_variant              ? 
_entity_src_gen.pdbx_gene_src_cell_line            ? 
_entity_src_gen.pdbx_gene_src_atcc                 ? 
_entity_src_gen.pdbx_gene_src_organ                ? 
_entity_src_gen.pdbx_gene_src_organelle            ? 
_entity_src_gen.pdbx_gene_src_cell                 ? 
_entity_src_gen.pdbx_gene_src_cellular_location    ? 
_entity_src_gen.host_org_common_name               ? 
_entity_src_gen.pdbx_host_org_scientific_name      'Escherichia coli' 
_entity_src_gen.pdbx_host_org_ncbi_taxonomy_id     562 
_entity_src_gen.host_org_genus                     Escherichia 
_entity_src_gen.pdbx_host_org_gene                 ? 
_entity_src_gen.pdbx_host_org_organ                ? 
_entity_src_gen.host_org_species                   ? 
_entity_src_gen.pdbx_host_org_tissue               ? 
_entity_src_gen.pdbx_host_org_tissue_fraction      ? 
_entity_src_gen.pdbx_host_org_strain               'BL21(DE3) + Magic' 
_entity_src_gen.pdbx_host_org_variant              ? 
_entity_src_gen.pdbx_host_org_cell_line            ? 
_entity_src_gen.pdbx_host_org_atcc                 ? 
_entity_src_gen.pdbx_host_org_culture_collection   ? 
_entity_src_gen.pdbx_host_org_cell                 ? 
_entity_src_gen.pdbx_host_org_organelle            ? 
_entity_src_gen.pdbx_host_org_cellular_location    ? 
_entity_src_gen.pdbx_host_org_vector_type          plasmid 
_entity_src_gen.pdbx_host_org_vector               ? 
_entity_src_gen.host_org_details                   ? 
_entity_src_gen.expression_system_id               ? 
_entity_src_gen.plasmid_name                       pET21 
_entity_src_gen.plasmid_details                    ? 
_entity_src_gen.pdbx_description                   ? 
# 
loop_
_chem_comp.id 
_chem_comp.type 
_chem_comp.mon_nstd_flag 
_chem_comp.name 
_chem_comp.pdbx_synonyms 
_chem_comp.formula 
_chem_comp.formula_weight 
ALA 'L-peptide linking' y ALANINE          ? 'C3 H7 N O2'     89.093  
ARG 'L-peptide linking' y ARGININE         ? 'C6 H15 N4 O2 1' 175.209 
ASN 'L-peptide linking' y ASPARAGINE       ? 'C4 H8 N2 O3'    132.118 
ASP 'L-peptide linking' y 'ASPARTIC ACID'  ? 'C4 H7 N O4'     133.103 
CYS 'L-peptide linking' y CYSTEINE         ? 'C3 H7 N O2 S'   121.158 
GLN 'L-peptide linking' y GLUTAMINE        ? 'C5 H10 N2 O3'   146.144 
GLU 'L-peptide linking' y 'GLUTAMIC ACID'  ? 'C5 H9 N O4'     147.129 
GLY 'peptide linking'   y GLYCINE          ? 'C2 H5 N O2'     75.067  
HIS 'L-peptide linking' y HISTIDINE        ? 'C6 H10 N3 O2 1' 156.162 
HOH non-polymer         . WATER            ? 'H2 O'           18.015  
ILE 'L-peptide linking' y ISOLEUCINE       ? 'C6 H13 N O2'    131.173 
LEU 'L-peptide linking' y LEUCINE          ? 'C6 H13 N O2'    131.173 
LYS 'L-peptide linking' y LYSINE           ? 'C6 H15 N2 O2 1' 147.195 
MET 'L-peptide linking' y METHIONINE       ? 'C5 H11 N O2 S'  149.211 
MSE 'L-peptide linking' n SELENOMETHIONINE ? 'C5 H11 N O2 Se' 196.106 
PHE 'L-peptide linking' y PHENYLALANINE    ? 'C9 H11 N O2'    165.189 
PRO 'L-peptide linking' y PROLINE          ? 'C5 H9 N O2'     115.130 
SER 'L-peptide linking' y SERINE           ? 'C3 H7 N O3'     105.093 
THR 'L-peptide linking' y THREONINE        ? 'C4 H9 N O3'     119.119 
TYR 'L-peptide linking' y TYROSINE         ? 'C9 H11 N O3'    181.189 
VAL 'L-peptide linking' y VALINE           ? 'C5 H11 N O2'    117.146 
# 
loop_
_pdbx_poly_seq_scheme.asym_id 
_pdbx_poly_seq_scheme.entity_id 
_pdbx_poly_seq_scheme.seq_id 
_pdbx_poly_seq_scheme.mon_id 
_pdbx_poly_seq_scheme.ndb_seq_num 
_pdbx_poly_seq_scheme.pdb_seq_num 
_pdbx_poly_seq_scheme.auth_seq_num 
_pdbx_poly_seq_scheme.pdb_mon_id 
_pdbx_poly_seq_scheme.auth_mon_id 
_pdbx_poly_seq_scheme.pdb_strand_id 
_pdbx_poly_seq_scheme.pdb_ins_code 
_pdbx_poly_seq_scheme.hetero 
A 1 1  MSE 1  1  ?  ?   ?   A . n 
A 1 2  SER 2  2  2  SER SER A . n 
A 1 3  GLN 3  3  3  GLN GLN A . n 
A 1 4  LEU 4  4  4  LEU LEU A . n 
A 1 5  MSE 5  5  5  MSE MSE A . n 
A 1 6  GLY 6  6  6  GLY GLY A . n 
A 1 7  ILE 7  7  7  ILE ILE A . n 
A 1 8  ILE 8  8  8  ILE ILE A . n 
A 1 9  THR 9  9  9  THR THR A . n 
A 1 10 ARG 10 10 10 ARG ARG A . n 
A 1 11 LEU 11 11 11 LEU LEU A . n 
A 1 12 GLN 12 12 12 GLN GLN A . n 
A 1 13 SER 13 13 13 SER SER A . n 
A 1 14 LEU 14 14 14 LEU LEU A . n 
A 1 15 GLN 15 15 15 GLN GLN A . n 
A 1 16 GLU 16 16 16 GLU GLU A . n 
A 1 17 THR 17 17 17 THR THR A . n 
A 1 18 ALA 18 18 18 ALA ALA A . n 
A 1 19 GLU 19 19 19 GLU GLU A . n 
A 1 20 ALA 20 20 20 ALA ALA A . n 
A 1 21 ALA 21 21 21 ALA ALA A . n 
A 1 22 ASN 22 22 22 ASN ASN A . n 
A 1 23 GLU 23 23 23 GLU GLU A . n 
A 1 24 PRO 24 24 24 PRO PRO A . n 
A 1 25 MSE 25 25 25 MSE MSE A . n 
A 1 26 GLN 26 26 26 GLN GLN A . n 
A 1 27 ARG 27 27 27 ARG ARG A . n 
A 1 28 TYR 28 28 28 TYR TYR A . n 
A 1 29 PHE 29 29 29 PHE PHE A . n 
A 1 30 GLU 30 30 30 GLU GLU A . n 
A 1 31 VAL 31 31 31 VAL VAL A . n 
A 1 32 ASN 32 32 32 ASN ASN A . n 
A 1 33 GLY 33 33 33 GLY GLY A . n 
A 1 34 GLU 34 34 34 GLU GLU A . n 
A 1 35 LYS 35 35 35 LYS LYS A . n 
A 1 36 ILE 36 36 36 ILE ILE A . n 
A 1 37 CYS 37 37 37 CYS CYS A . n 
A 1 38 SER 38 38 38 SER SER A . n 
A 1 39 VAL 39 39 39 VAL VAL A . n 
A 1 40 LYS 40 40 40 LYS LYS A . n 
A 1 41 TYR 41 41 41 TYR TYR A . n 
A 1 42 PHE 42 42 42 PHE PHE A . n 
A 1 43 GLU 43 43 43 GLU GLU A . n 
A 1 44 LYS 44 44 44 LYS LYS A . n 
A 1 45 ASN 45 45 45 ASN ASN A . n 
A 1 46 GLN 46 46 46 GLN GLN A . n 
A 1 47 THR 47 47 47 THR THR A . n 
A 1 48 PHE 48 48 48 PHE PHE A . n 
A 1 49 GLU 49 49 49 GLU GLU A . n 
A 1 50 LEU 50 50 50 LEU LEU A . n 
A 1 51 THR 51 51 51 THR THR A . n 
A 1 52 VAL 52 52 52 VAL VAL A . n 
A 1 53 PHE 53 53 53 PHE PHE A . n 
A 1 54 GLN 54 54 54 GLN GLN A . n 
A 1 55 LYS 55 55 55 LYS LYS A . n 
A 1 56 GLY 56 56 56 GLY GLY A . n 
A 1 57 GLU 57 57 57 GLU GLU A . n 
A 1 58 LYS 58 58 58 LYS LYS A . n 
A 1 59 PRO 59 59 59 PRO PRO A . n 
A 1 60 ASN 60 60 60 ASN ASN A . n 
A 1 61 THR 61 61 61 THR THR A . n 
A 1 62 TYR 62 62 62 TYR TYR A . n 
A 1 63 PRO 63 63 63 PRO PRO A . n 
A 1 64 PHE 64 64 64 PHE PHE A . n 
A 1 65 ASP 65 65 65 ASP ASP A . n 
A 1 66 ASN 66 66 66 ASN ASN A . n 
A 1 67 ILE 67 67 67 ILE ILE A . n 
A 1 68 ASP 68 68 68 ASP ASP A . n 
A 1 69 MSE 69 69 69 MSE MSE A . n 
A 1 70 VAL 70 70 70 VAL VAL A . n 
A 1 71 SER 71 71 71 SER SER A . n 
A 1 72 ILE 72 72 72 ILE ILE A . n 
A 1 73 GLU 73 73 73 GLU GLU A . n 
A 1 74 ILE 74 74 74 ILE ILE A . n 
A 1 75 PHE 75 75 75 PHE PHE A . n 
A 1 76 GLU 76 76 76 GLU GLU A . n 
A 1 77 LEU 77 77 77 LEU LEU A . n 
A 1 78 LEU 78 78 78 LEU LEU A . n 
A 1 79 GLN 79 79 79 GLN GLN A . n 
A 1 80 LEU 80 80 80 LEU LEU A . n 
A 1 81 GLU 81 81 81 GLU GLU A . n 
A 1 82 HIS 82 82 ?  ?   ?   A . n 
A 1 83 HIS 83 83 ?  ?   ?   A . n 
A 1 84 HIS 84 84 ?  ?   ?   A . n 
A 1 85 HIS 85 85 ?  ?   ?   A . n 
A 1 86 HIS 86 86 ?  ?   ?   A . n 
A 1 87 HIS 87 87 ?  ?   ?   A . n 
B 1 1  MSE 1  1  ?  ?   ?   B . n 
B 1 2  SER 2  2  2  SER SER B . n 
B 1 3  GLN 3  3  3  GLN GLN B . n 
B 1 4  LEU 4  4  4  LEU LEU B . n 
B 1 5  MSE 5  5  5  MSE MSE B . n 
B 1 6  GLY 6  6  6  GLY GLY B . n 
B 1 7  ILE 7  7  7  ILE ILE B . n 
B 1 8  ILE 8  8  8  ILE ILE B . n 
B 1 9  THR 9  9  9  THR THR B . n 
B 1 10 ARG 10 10 10 ARG ARG B . n 
B 1 11 LEU 11 11 11 LEU LEU B . n 
B 1 12 GLN 12 12 12 GLN GLN B . n 
B 1 13 SER 13 13 13 SER SER B . n 
B 1 14 LEU 14 14 14 LEU LEU B . n 
B 1 15 GLN 15 15 15 GLN GLN B . n 
B 1 16 GLU 16 16 16 GLU GLU B . n 
B 1 17 THR 17 17 17 THR THR B . n 
B 1 18 ALA 18 18 18 ALA ALA B . n 
B 1 19 GLU 19 19 19 GLU GLU B . n 
B 1 20 ALA 20 20 20 ALA ALA B . n 
B 1 21 ALA 21 21 21 ALA ALA B . n 
B 1 22 ASN 22 22 22 ASN ASN B . n 
B 1 23 GLU 23 23 23 GLU GLU B . n 
B 1 24 PRO 24 24 24 PRO PRO B . n 
B 1 25 MSE 25 25 25 MSE MSE B . n 
B 1 26 GLN 26 26 26 GLN GLN B . n 
B 1 27 ARG 27 27 27 ARG ARG B . n 
B 1 28 TYR 28 28 28 TYR TYR B . n 
B 1 29 PHE 29 29 29 PHE PHE B . n 
B 1 30 GLU 30 30 30 GLU GLU B . n 
B 1 31 VAL 31 31 31 VAL VAL B . n 
B 1 32 ASN 32 32 32 ASN ASN B . n 
B 1 33 GLY 33 33 33 GLY GLY B . n 
B 1 34 GLU 34 34 34 GLU GLU B . n 
B 1 35 LYS 35 35 35 LYS LYS B . n 
B 1 36 ILE 36 36 36 ILE ILE B . n 
B 1 37 CYS 37 37 37 CYS CYS B . n 
B 1 38 SER 38 38 38 SER SER B . n 
B 1 39 VAL 39 39 39 VAL VAL B . n 
B 1 40 LYS 40 40 40 LYS LYS B . n 
B 1 41 TYR 41 41 41 TYR TYR B . n 
B 1 42 PHE 42 42 42 PHE PHE B . n 
B 1 43 GLU 43 43 43 GLU GLU B . n 
B 1 44 LYS 44 44 44 LYS LYS B . n 
B 1 45 ASN 45 45 45 ASN ASN B . n 
B 1 46 GLN 46 46 46 GLN GLN B . n 
B 1 47 THR 47 47 47 THR THR B . n 
B 1 48 PHE 48 48 48 PHE PHE B . n 
B 1 49 GLU 49 49 49 GLU GLU B . n 
B 1 50 LEU 50 50 50 LEU LEU B . n 
B 1 51 THR 51 51 51 THR THR B . n 
B 1 52 VAL 52 52 52 VAL VAL B . n 
B 1 53 PHE 53 53 53 PHE PHE B . n 
B 1 54 GLN 54 54 54 GLN GLN B . n 
B 1 55 LYS 55 55 55 LYS LYS B . n 
B 1 56 GLY 56 56 56 GLY GLY B . n 
B 1 57 GLU 57 57 57 GLU GLU B . n 
B 1 58 LYS 58 58 58 LYS LYS B . n 
B 1 59 PRO 59 59 59 PRO PRO B . n 
B 1 60 ASN 60 60 60 ASN ASN B . n 
B 1 61 THR 61 61 61 THR THR B . n 
B 1 62 TYR 62 62 62 TYR TYR B . n 
B 1 63 PRO 63 63 63 PRO PRO B . n 
B 1 64 PHE 64 64 64 PHE PHE B . n 
B 1 65 ASP 65 65 65 ASP ASP B . n 
B 1 66 ASN 66 66 66 ASN ASN B . n 
B 1 67 ILE 67 67 67 ILE ILE B . n 
B 1 68 ASP 68 68 68 ASP ASP B . n 
B 1 69 MSE 69 69 69 MSE MSE B . n 
B 1 70 VAL 70 70 70 VAL VAL B . n 
B 1 71 SER 71 71 71 SER SER B . n 
B 1 72 ILE 72 72 72 ILE ILE B . n 
B 1 73 GLU 73 73 73 GLU GLU B . n 
B 1 74 ILE 74 74 74 ILE ILE B . n 
B 1 75 PHE 75 75 75 PHE PHE B . n 
B 1 76 GLU 76 76 76 GLU GLU B . n 
B 1 77 LEU 77 77 77 LEU LEU B . n 
B 1 78 LEU 78 78 78 LEU LEU B . n 
B 1 79 GLN 79 79 79 GLN GLN B . n 
B 1 80 LEU 80 80 80 LEU LEU B . n 
B 1 81 GLU 81 81 ?  ?   ?   B . n 
B 1 82 HIS 82 82 ?  ?   ?   B . n 
B 1 83 HIS 83 83 ?  ?   ?   B . n 
B 1 84 HIS 84 84 ?  ?   ?   B . n 
B 1 85 HIS 85 85 ?  ?   ?   B . n 
B 1 86 HIS 86 86 ?  ?   ?   B . n 
B 1 87 HIS 87 87 ?  ?   ?   B . n 
# 
loop_
_pdbx_nonpoly_scheme.asym_id 
_pdbx_nonpoly_scheme.entity_id 
_pdbx_nonpoly_scheme.mon_id 
_pdbx_nonpoly_scheme.ndb_seq_num 
_pdbx_nonpoly_scheme.pdb_seq_num 
_pdbx_nonpoly_scheme.auth_seq_num 
_pdbx_nonpoly_scheme.pdb_mon_id 
_pdbx_nonpoly_scheme.auth_mon_id 
_pdbx_nonpoly_scheme.pdb_strand_id 
_pdbx_nonpoly_scheme.pdb_ins_code 
C 2 HOH 1  101 101 HOH TIP A . 
C 2 HOH 2  102 102 HOH TIP A . 
C 2 HOH 3  103 103 HOH TIP A . 
C 2 HOH 4  104 104 HOH TIP A . 
C 2 HOH 5  105 105 HOH TIP A . 
C 2 HOH 6  106 106 HOH TIP A . 
C 2 HOH 7  107 107 HOH TIP A . 
C 2 HOH 8  108 108 HOH TIP A . 
C 2 HOH 9  109 109 HOH TIP A . 
C 2 HOH 10 110 110 HOH TIP A . 
C 2 HOH 11 111 1   HOH WAT A . 
C 2 HOH 12 112 2   HOH WAT A . 
C 2 HOH 13 113 3   HOH WAT A . 
C 2 HOH 14 114 4   HOH WAT A . 
C 2 HOH 15 115 6   HOH WAT A . 
C 2 HOH 16 116 7   HOH WAT A . 
C 2 HOH 17 117 8   HOH WAT A . 
C 2 HOH 18 118 9   HOH WAT A . 
C 2 HOH 19 119 10  HOH WAT A . 
C 2 HOH 20 120 11  HOH WAT A . 
C 2 HOH 21 121 13  HOH WAT A . 
C 2 HOH 22 122 14  HOH WAT A . 
C 2 HOH 23 123 15  HOH WAT A . 
C 2 HOH 24 124 16  HOH WAT A . 
C 2 HOH 25 125 18  HOH WAT A . 
C 2 HOH 26 126 19  HOH WAT A . 
C 2 HOH 27 127 20  HOH WAT A . 
C 2 HOH 28 128 22  HOH WAT A . 
C 2 HOH 29 129 26  HOH WAT A . 
C 2 HOH 30 130 28  HOH WAT A . 
C 2 HOH 31 131 29  HOH WAT A . 
C 2 HOH 32 132 30  HOH WAT A . 
C 2 HOH 33 133 35  HOH WAT A . 
C 2 HOH 34 134 36  HOH WAT A . 
C 2 HOH 35 135 38  HOH WAT A . 
C 2 HOH 36 136 39  HOH WAT A . 
C 2 HOH 37 137 41  HOH WAT A . 
C 2 HOH 38 138 42  HOH WAT A . 
C 2 HOH 39 139 44  HOH WAT A . 
C 2 HOH 40 140 46  HOH WAT A . 
C 2 HOH 41 141 47  HOH WAT A . 
C 2 HOH 42 142 48  HOH WAT A . 
C 2 HOH 43 143 50  HOH WAT A . 
C 2 HOH 44 144 51  HOH WAT A . 
C 2 HOH 45 145 53  HOH WAT A . 
C 2 HOH 46 146 55  HOH WAT A . 
D 2 HOH 1  88  5   HOH WAT B . 
D 2 HOH 2  89  12  HOH WAT B . 
D 2 HOH 3  90  17  HOH WAT B . 
D 2 HOH 4  91  21  HOH WAT B . 
D 2 HOH 5  92  23  HOH WAT B . 
D 2 HOH 6  93  24  HOH WAT B . 
D 2 HOH 7  94  25  HOH WAT B . 
D 2 HOH 8  95  27  HOH WAT B . 
D 2 HOH 9  96  31  HOH WAT B . 
D 2 HOH 10 97  32  HOH WAT B . 
D 2 HOH 11 98  33  HOH WAT B . 
D 2 HOH 12 99  34  HOH WAT B . 
D 2 HOH 13 100 37  HOH WAT B . 
D 2 HOH 14 101 40  HOH WAT B . 
D 2 HOH 15 102 43  HOH WAT B . 
D 2 HOH 16 103 45  HOH WAT B . 
D 2 HOH 17 104 49  HOH WAT B . 
D 2 HOH 18 105 52  HOH WAT B . 
D 2 HOH 19 106 54  HOH WAT B . 
D 2 HOH 20 107 56  HOH WAT B . 
D 2 HOH 21 108 57  HOH WAT B . 
# 
loop_
_software.name 
_software.classification 
_software.version 
_software.citation_id 
_software.pdbx_ordinal 
CNS       refinement       1.1 ? 1 
DENZO     'data reduction' .   ? 2 
SCALEPACK 'data scaling'   .   ? 3 
SOLVE     phasing          .   ? 4 
# 
_cell.entry_id           2FFG 
_cell.length_a           85.915 
_cell.length_b           85.915 
_cell.length_c           51.377 
_cell.angle_alpha        90.00 
_cell.angle_beta         90.00 
_cell.angle_gamma        90.00 
_cell.Z_PDB              16 
_cell.pdbx_unique_axis   ? 
_cell.length_a_esd       ? 
_cell.length_b_esd       ? 
_cell.length_c_esd       ? 
_cell.angle_alpha_esd    ? 
_cell.angle_beta_esd     ? 
_cell.angle_gamma_esd    ? 
# 
_symmetry.entry_id                         2FFG 
_symmetry.space_group_name_H-M             'P 41 21 2' 
_symmetry.pdbx_full_space_group_name_H-M   ? 
_symmetry.cell_setting                     ? 
_symmetry.Int_Tables_number                92 
_symmetry.space_group_name_Hall            ? 
# 
_exptl.entry_id          2FFG 
_exptl.method            'X-RAY DIFFRACTION' 
_exptl.crystals_number   1 
# 
_exptl_crystal.id                    1 
_exptl_crystal.density_meas          ? 
_exptl_crystal.density_Matthews      2.25 
_exptl_crystal.density_percent_sol   45.44 
_exptl_crystal.description           ? 
_exptl_crystal.F_000                 ? 
_exptl_crystal.preparation           ? 
# 
_exptl_crystal_grow.crystal_id      1 
_exptl_crystal_grow.method          'VAPOR DIFFUSION, HANGING DROP' 
_exptl_crystal_grow.temp            293 
_exptl_crystal_grow.temp_details    ? 
_exptl_crystal_grow.pH              7.5 
_exptl_crystal_grow.pdbx_details    
'200 mM Ca-acetate, 18% PEG3350, 100 mM Na-Hepes, pH 7.5, VAPOR DIFFUSION, HANGING DROP, temperature 293K' 
_exptl_crystal_grow.pdbx_pH_range   . 
# 
_diffrn.id                     1 
_diffrn.ambient_temp           100 
_diffrn.ambient_temp_details   ? 
_diffrn.crystal_id             1 
# 
_diffrn_detector.diffrn_id              1 
_diffrn_detector.detector               CCD 
_diffrn_detector.type                   'ADSC QUANTUM 4' 
_diffrn_detector.pdbx_collection_date   2005-11-20 
_diffrn_detector.details                Mirror 
# 
_diffrn_radiation.diffrn_id                        1 
_diffrn_radiation.wavelength_id                    1 
_diffrn_radiation.pdbx_monochromatic_or_laue_m_l   M 
_diffrn_radiation.monochromator                    ? 
_diffrn_radiation.pdbx_diffrn_protocol             'SINGLE WAVELENGTH' 
_diffrn_radiation.pdbx_scattering_type             x-ray 
# 
_diffrn_radiation_wavelength.id           1 
_diffrn_radiation_wavelength.wavelength   0.979 
_diffrn_radiation_wavelength.wt           1.0 
# 
_diffrn_source.diffrn_id                   1 
_diffrn_source.source                      SYNCHROTRON 
_diffrn_source.type                        'NSLS BEAMLINE X4A' 
_diffrn_source.pdbx_synchrotron_site       NSLS 
_diffrn_source.pdbx_synchrotron_beamline   X4A 
_diffrn_source.pdbx_wavelength             ? 
_diffrn_source.pdbx_wavelength_list        0.979 
# 
_reflns.entry_id                     2FFG 
_reflns.observed_criterion_sigma_I   -3 
_reflns.observed_criterion_sigma_F   2 
_reflns.d_resolution_low             30 
_reflns.d_resolution_high            2.3 
_reflns.number_obs                   16008 
_reflns.number_all                   16561 
_reflns.percent_possible_obs         99.3 
_reflns.pdbx_Rmerge_I_obs            0.06 
_reflns.pdbx_Rsym_value              ? 
_reflns.pdbx_netI_over_sigmaI        32.5 
_reflns.B_iso_Wilson_estimate        37.6 
_reflns.pdbx_redundancy              8.3 
_reflns.R_free_details               ? 
_reflns.limit_h_max                  ? 
_reflns.limit_h_min                  ? 
_reflns.limit_k_max                  ? 
_reflns.limit_k_min                  ? 
_reflns.limit_l_max                  ? 
_reflns.limit_l_min                  ? 
_reflns.observed_criterion_F_max     ? 
_reflns.observed_criterion_F_min     ? 
_reflns.pdbx_chi_squared             ? 
_reflns.pdbx_scaling_rejects         ? 
_reflns.pdbx_diffrn_id               1 
_reflns.pdbx_ordinal                 1 
# 
_reflns_shell.d_res_high             2.30 
_reflns_shell.d_res_low              2.38 
_reflns_shell.percent_possible_all   97.8 
_reflns_shell.Rmerge_I_obs           0.319 
_reflns_shell.pdbx_Rsym_value        ? 
_reflns_shell.meanI_over_sigI_obs    5.7 
_reflns_shell.pdbx_redundancy        ? 
_reflns_shell.percent_possible_obs   ? 
_reflns_shell.number_unique_all      ? 
_reflns_shell.number_measured_all    ? 
_reflns_shell.number_measured_obs    ? 
_reflns_shell.number_unique_obs      ? 
_reflns_shell.pdbx_chi_squared       ? 
_reflns_shell.pdbx_diffrn_id         ? 
_reflns_shell.pdbx_ordinal           1 
# 
_refine.entry_id                                 2FFG 
_refine.ls_number_reflns_obs                     15080 
_refine.ls_number_reflns_all                     16008 
_refine.pdbx_ls_sigma_I                          ? 
_refine.pdbx_ls_sigma_F                          2.0 
_refine.pdbx_data_cutoff_high_absF               356919.82 
_refine.pdbx_data_cutoff_low_absF                0.000000 
_refine.pdbx_data_cutoff_high_rms_absF           ? 
_refine.ls_d_res_low                             19.82 
_refine.ls_d_res_high                            2.31 
_refine.ls_percent_reflns_obs                    93.8 
_refine.ls_R_factor_obs                          0.241 
_refine.ls_R_factor_all                          ? 
_refine.ls_R_factor_R_work                       0.241 
_refine.ls_R_factor_R_free                       0.26 
_refine.ls_R_factor_R_free_error                 0.010 
_refine.ls_R_factor_R_free_error_details         ? 
_refine.ls_percent_reflns_R_free                 4.9 
_refine.ls_number_reflns_R_free                  740 
_refine.ls_number_parameters                     ? 
_refine.ls_number_restraints                     ? 
_refine.occupancy_min                            ? 
_refine.occupancy_max                            ? 
_refine.correlation_coeff_Fo_to_Fc               ? 
_refine.correlation_coeff_Fo_to_Fc_free          ? 
_refine.B_iso_mean                               39.5 
_refine.aniso_B[1][1]                            0.40 
_refine.aniso_B[2][2]                            0.40 
_refine.aniso_B[3][3]                            -0.81 
_refine.aniso_B[1][2]                            0.00 
_refine.aniso_B[1][3]                            0.00 
_refine.aniso_B[2][3]                            0.00 
_refine.solvent_model_details                    'FLAT MODEL' 
_refine.solvent_model_param_ksol                 0.292296 
_refine.solvent_model_param_bsol                 24.3946 
_refine.pdbx_solvent_vdw_probe_radii             ? 
_refine.pdbx_solvent_ion_probe_radii             ? 
_refine.pdbx_solvent_shrinkage_radii             ? 
_refine.pdbx_ls_cross_valid_method               THROUGHOUT 
_refine.details                                  ? 
_refine.pdbx_starting_model                      ? 
_refine.pdbx_method_to_determine_struct          SAD 
_refine.pdbx_isotropic_thermal_model             RESTRAINED 
_refine.pdbx_stereochemistry_target_values       'Engh & Huber' 
_refine.pdbx_stereochem_target_val_spec_case     ? 
_refine.pdbx_R_Free_selection_details            RANDOM 
_refine.pdbx_overall_ESU_R                       ? 
_refine.pdbx_overall_ESU_R_Free                  ? 
_refine.overall_SU_ML                            ? 
_refine.overall_SU_B                             ? 
_refine.ls_redundancy_reflns_obs                 ? 
_refine.B_iso_min                                ? 
_refine.B_iso_max                                ? 
_refine.overall_SU_R_Cruickshank_DPI             ? 
_refine.overall_SU_R_free                        ? 
_refine.ls_wR_factor_R_free                      ? 
_refine.ls_wR_factor_R_work                      ? 
_refine.overall_FOM_free_R_set                   ? 
_refine.overall_FOM_work_R_set                   ? 
_refine.pdbx_refine_id                           'X-RAY DIFFRACTION' 
_refine.pdbx_diffrn_id                           1 
_refine.pdbx_TLS_residual_ADP_flag               ? 
_refine.pdbx_overall_phase_error                 ? 
_refine.pdbx_overall_SU_R_free_Cruickshank_DPI   ? 
_refine.pdbx_overall_SU_R_Blow_DPI               ? 
_refine.pdbx_overall_SU_R_free_Blow_DPI          ? 
# 
_refine_analyze.entry_id                        2FFG 
_refine_analyze.Luzzati_coordinate_error_obs    0.32 
_refine_analyze.Luzzati_sigma_a_obs             0.26 
_refine_analyze.Luzzati_d_res_low_obs           5.00 
_refine_analyze.Luzzati_coordinate_error_free   0.37 
_refine_analyze.Luzzati_sigma_a_free            0.14 
_refine_analyze.Luzzati_d_res_low_free          ? 
_refine_analyze.number_disordered_residues      ? 
_refine_analyze.occupancy_sum_hydrogen          ? 
_refine_analyze.occupancy_sum_non_hydrogen      ? 
_refine_analyze.pdbx_Luzzati_d_res_high_obs     ? 
_refine_analyze.pdbx_refine_id                  'X-RAY DIFFRACTION' 
# 
_refine_hist.pdbx_refine_id                   'X-RAY DIFFRACTION' 
_refine_hist.cycle_id                         LAST 
_refine_hist.pdbx_number_atoms_protein        1303 
_refine_hist.pdbx_number_atoms_nucleic_acid   0 
_refine_hist.pdbx_number_atoms_ligand         0 
_refine_hist.number_atoms_solvent             67 
_refine_hist.number_atoms_total               1370 
_refine_hist.d_res_high                       2.31 
_refine_hist.d_res_low                        19.82 
# 
loop_
_refine_ls_restr.type 
_refine_ls_restr.dev_ideal 
_refine_ls_restr.dev_ideal_target 
_refine_ls_restr.weight 
_refine_ls_restr.number 
_refine_ls_restr.pdbx_refine_id 
_refine_ls_restr.pdbx_restraint_function 
c_bond_d           0.008 ? ? ? 'X-RAY DIFFRACTION' ? 
c_angle_deg        1.4   ? ? ? 'X-RAY DIFFRACTION' ? 
c_dihedral_angle_d 22.7  ? ? ? 'X-RAY DIFFRACTION' ? 
c_improper_angle_d 0.77  ? ? ? 'X-RAY DIFFRACTION' ? 
# 
_refine_ls_shell.pdbx_total_number_of_bins_used   6 
_refine_ls_shell.d_res_high                       2.30 
_refine_ls_shell.d_res_low                        2.44 
_refine_ls_shell.number_reflns_R_work             1929 
_refine_ls_shell.R_factor_R_work                  0.271 
_refine_ls_shell.percent_reflns_obs               74.7 
_refine_ls_shell.R_factor_R_free                  0.258 
_refine_ls_shell.R_factor_R_free_error            0.024 
_refine_ls_shell.percent_reflns_R_free            5.7 
_refine_ls_shell.number_reflns_R_free             117 
_refine_ls_shell.number_reflns_all                ? 
_refine_ls_shell.R_factor_all                     ? 
_refine_ls_shell.number_reflns_obs                ? 
_refine_ls_shell.redundancy_reflns_obs            ? 
_refine_ls_shell.pdbx_refine_id                   'X-RAY DIFFRACTION' 
# 
loop_
_pdbx_xplor_file.serial_no 
_pdbx_xplor_file.param_file 
_pdbx_xplor_file.topol_file 
_pdbx_xplor_file.pdbx_refine_id 
1 protein_rep.param protein.top       'X-RAY DIFFRACTION' 
2 water_rep.param   water.top         'X-RAY DIFFRACTION' 
3 ion.param         ion.top           'X-RAY DIFFRACTION' 
4 PARM_HOME:acy.par PARM_HOME:acy.top 'X-RAY DIFFRACTION' 
# 
_struct.entry_id                  2FFG 
_struct.title                     
'Novel x-ray structure of the YkuJ protein from Bacillus subtilis. Northeast Structural Genomics target SR360.' 
_struct.pdbx_model_details        ? 
_struct.pdbx_CASP_flag            ? 
_struct.pdbx_model_type_details   ? 
# 
_struct_keywords.entry_id        2FFG 
_struct_keywords.pdbx_keywords   'STRUCTURAL GENOMICS, UNKNOWN FUNCTION' 
_struct_keywords.text            
;X-Ray SR360 NESG YkuJ, Structural Genomics, PSI, Protein Structure Initiative, Northeast Structural Genomics Consortium, UNKNOWN FUNCTION
;
# 
loop_
_struct_asym.id 
_struct_asym.pdbx_blank_PDB_chainid_flag 
_struct_asym.pdbx_modified 
_struct_asym.entity_id 
_struct_asym.details 
A N N 1 ? 
B N N 1 ? 
C N N 2 ? 
D N N 2 ? 
# 
_struct_ref.id                         1 
_struct_ref.db_name                    UNP 
_struct_ref.db_code                    O34588_BACSU 
_struct_ref.pdbx_db_accession          O34588 
_struct_ref.entity_id                  1 
_struct_ref.pdbx_seq_one_letter_code   MSQLMGIITRLQSLQETAEAANEPMQRYFEVNGEKICSVKYFEKNQTFELTVFQKGEKPNTYPFDNIDMVSIEIFELLQ 
_struct_ref.pdbx_align_begin           1 
_struct_ref.pdbx_db_isoform            ? 
# 
loop_
_struct_ref_seq.align_id 
_struct_ref_seq.ref_id 
_struct_ref_seq.pdbx_PDB_id_code 
_struct_ref_seq.pdbx_strand_id 
_struct_ref_seq.seq_align_beg 
_struct_ref_seq.pdbx_seq_align_beg_ins_code 
_struct_ref_seq.seq_align_end 
_struct_ref_seq.pdbx_seq_align_end_ins_code 
_struct_ref_seq.pdbx_db_accession 
_struct_ref_seq.db_align_beg 
_struct_ref_seq.pdbx_db_align_beg_ins_code 
_struct_ref_seq.db_align_end 
_struct_ref_seq.pdbx_db_align_end_ins_code 
_struct_ref_seq.pdbx_auth_seq_align_beg 
_struct_ref_seq.pdbx_auth_seq_align_end 
1 1 2FFG A 1 ? 79 ? O34588 1 ? 79 ? 1 79 
2 1 2FFG B 1 ? 79 ? O34588 1 ? 79 ? 1 79 
# 
loop_
_struct_ref_seq_dif.align_id 
_struct_ref_seq_dif.pdbx_pdb_id_code 
_struct_ref_seq_dif.mon_id 
_struct_ref_seq_dif.pdbx_pdb_strand_id 
_struct_ref_seq_dif.seq_num 
_struct_ref_seq_dif.pdbx_pdb_ins_code 
_struct_ref_seq_dif.pdbx_seq_db_name 
_struct_ref_seq_dif.pdbx_seq_db_accession_code 
_struct_ref_seq_dif.db_mon_id 
_struct_ref_seq_dif.pdbx_seq_db_seq_num 
_struct_ref_seq_dif.details 
_struct_ref_seq_dif.pdbx_auth_seq_num 
_struct_ref_seq_dif.pdbx_ordinal 
1 2FFG MSE A 1  ? UNP O34588 MET 1  'modified residue' 1  1  
1 2FFG MSE A 5  ? UNP O34588 MET 5  'modified residue' 5  2  
1 2FFG MSE A 25 ? UNP O34588 MET 25 'modified residue' 25 3  
1 2FFG MSE A 69 ? UNP O34588 MET 69 'modified residue' 69 4  
1 2FFG LEU A 80 ? UNP O34588 ?   ?  'cloning artifact' 80 5  
1 2FFG GLU A 81 ? UNP O34588 ?   ?  'cloning artifact' 81 6  
1 2FFG HIS A 82 ? UNP O34588 ?   ?  'expression tag'   82 7  
1 2FFG HIS A 83 ? UNP O34588 ?   ?  'expression tag'   83 8  
1 2FFG HIS A 84 ? UNP O34588 ?   ?  'expression tag'   84 9  
1 2FFG HIS A 85 ? UNP O34588 ?   ?  'expression tag'   85 10 
1 2FFG HIS A 86 ? UNP O34588 ?   ?  'expression tag'   86 11 
1 2FFG HIS A 87 ? UNP O34588 ?   ?  'expression tag'   87 12 
2 2FFG MSE B 1  ? UNP O34588 MET 1  'modified residue' 1  13 
2 2FFG MSE B 5  ? UNP O34588 MET 5  'modified residue' 5  14 
2 2FFG MSE B 25 ? UNP O34588 MET 25 'modified residue' 25 15 
2 2FFG MSE B 69 ? UNP O34588 MET 69 'modified residue' 69 16 
2 2FFG LEU B 80 ? UNP O34588 ?   ?  'cloning artifact' 80 17 
2 2FFG GLU B 81 ? UNP O34588 ?   ?  'cloning artifact' 81 18 
2 2FFG HIS B 82 ? UNP O34588 ?   ?  'expression tag'   82 19 
2 2FFG HIS B 83 ? UNP O34588 ?   ?  'expression tag'   83 20 
2 2FFG HIS B 84 ? UNP O34588 ?   ?  'expression tag'   84 21 
2 2FFG HIS B 85 ? UNP O34588 ?   ?  'expression tag'   85 22 
2 2FFG HIS B 86 ? UNP O34588 ?   ?  'expression tag'   86 23 
2 2FFG HIS B 87 ? UNP O34588 ?   ?  'expression tag'   87 24 
# 
_pdbx_struct_assembly.id                   1 
_pdbx_struct_assembly.details              author_defined_assembly 
_pdbx_struct_assembly.method_details       ? 
_pdbx_struct_assembly.oligomeric_details   dimeric 
_pdbx_struct_assembly.oligomeric_count     2 
# 
_pdbx_struct_assembly_gen.assembly_id       1 
_pdbx_struct_assembly_gen.oper_expression   1 
_pdbx_struct_assembly_gen.asym_id_list      A,B,C,D 
# 
_pdbx_struct_oper_list.id                   1 
_pdbx_struct_oper_list.type                 'identity operation' 
_pdbx_struct_oper_list.name                 1_555 
_pdbx_struct_oper_list.symmetry_operation   x,y,z 
_pdbx_struct_oper_list.matrix[1][1]         1.0000000000 
_pdbx_struct_oper_list.matrix[1][2]         0.0000000000 
_pdbx_struct_oper_list.matrix[1][3]         0.0000000000 
_pdbx_struct_oper_list.vector[1]            0.0000000000 
_pdbx_struct_oper_list.matrix[2][1]         0.0000000000 
_pdbx_struct_oper_list.matrix[2][2]         1.0000000000 
_pdbx_struct_oper_list.matrix[2][3]         0.0000000000 
_pdbx_struct_oper_list.vector[2]            0.0000000000 
_pdbx_struct_oper_list.matrix[3][1]         0.0000000000 
_pdbx_struct_oper_list.matrix[3][2]         0.0000000000 
_pdbx_struct_oper_list.matrix[3][3]         1.0000000000 
_pdbx_struct_oper_list.vector[3]            0.0000000000 
# 
loop_
_struct_conf.conf_type_id 
_struct_conf.id 
_struct_conf.pdbx_PDB_helix_id 
_struct_conf.beg_label_comp_id 
_struct_conf.beg_label_asym_id 
_struct_conf.beg_label_seq_id 
_struct_conf.pdbx_beg_PDB_ins_code 
_struct_conf.end_label_comp_id 
_struct_conf.end_label_asym_id 
_struct_conf.end_label_seq_id 
_struct_conf.pdbx_end_PDB_ins_code 
_struct_conf.beg_auth_comp_id 
_struct_conf.beg_auth_asym_id 
_struct_conf.beg_auth_seq_id 
_struct_conf.end_auth_comp_id 
_struct_conf.end_auth_asym_id 
_struct_conf.end_auth_seq_id 
_struct_conf.pdbx_PDB_helix_class 
_struct_conf.details 
_struct_conf.pdbx_PDB_helix_length 
HELX_P HELX_P1 1 SER A 2  ? ASN A 22 ? SER A 2  ASN A 22 1 ? 21 
HELX_P HELX_P2 2 ASN A 66 ? LEU A 80 ? ASN A 66 LEU A 80 1 ? 15 
HELX_P HELX_P3 3 SER B 2  ? GLU B 19 ? SER B 2  GLU B 19 1 ? 18 
HELX_P HELX_P4 4 ASN B 66 ? LEU B 80 ? ASN B 66 LEU B 80 1 ? 15 
# 
_struct_conf_type.id          HELX_P 
_struct_conf_type.criteria    ? 
_struct_conf_type.reference   ? 
# 
loop_
_struct_conn.id 
_struct_conn.conn_type_id 
_struct_conn.pdbx_leaving_atom_flag 
_struct_conn.pdbx_PDB_id 
_struct_conn.ptnr1_label_asym_id 
_struct_conn.ptnr1_label_comp_id 
_struct_conn.ptnr1_label_seq_id 
_struct_conn.ptnr1_label_atom_id 
_struct_conn.pdbx_ptnr1_label_alt_id 
_struct_conn.pdbx_ptnr1_PDB_ins_code 
_struct_conn.pdbx_ptnr1_standard_comp_id 
_struct_conn.ptnr1_symmetry 
_struct_conn.ptnr2_label_asym_id 
_struct_conn.ptnr2_label_comp_id 
_struct_conn.ptnr2_label_seq_id 
_struct_conn.ptnr2_label_atom_id 
_struct_conn.pdbx_ptnr2_label_alt_id 
_struct_conn.pdbx_ptnr2_PDB_ins_code 
_struct_conn.ptnr1_auth_asym_id 
_struct_conn.ptnr1_auth_comp_id 
_struct_conn.ptnr1_auth_seq_id 
_struct_conn.ptnr2_auth_asym_id 
_struct_conn.ptnr2_auth_comp_id 
_struct_conn.ptnr2_auth_seq_id 
_struct_conn.ptnr2_symmetry 
_struct_conn.pdbx_ptnr3_label_atom_id 
_struct_conn.pdbx_ptnr3_label_seq_id 
_struct_conn.pdbx_ptnr3_label_comp_id 
_struct_conn.pdbx_ptnr3_label_asym_id 
_struct_conn.pdbx_ptnr3_label_alt_id 
_struct_conn.pdbx_ptnr3_PDB_ins_code 
_struct_conn.details 
_struct_conn.pdbx_dist_value 
_struct_conn.pdbx_value_order 
_struct_conn.pdbx_role 
covale1  covale both ? A LEU 4  C ? ? ? 1_555 A MSE 5  N ? ? A LEU 4  A MSE 5  1_555 ? ? ? ? ? ? ? 1.332 ? ? 
covale2  covale both ? A MSE 5  C ? ? ? 1_555 A GLY 6  N ? ? A MSE 5  A GLY 6  1_555 ? ? ? ? ? ? ? 1.330 ? ? 
covale3  covale both ? A PRO 24 C ? ? ? 1_555 A MSE 25 N ? ? A PRO 24 A MSE 25 1_555 ? ? ? ? ? ? ? 1.326 ? ? 
covale4  covale both ? A MSE 25 C ? ? ? 1_555 A GLN 26 N ? ? A MSE 25 A GLN 26 1_555 ? ? ? ? ? ? ? 1.328 ? ? 
covale5  covale both ? A ASP 68 C ? ? ? 1_555 A MSE 69 N ? ? A ASP 68 A MSE 69 1_555 ? ? ? ? ? ? ? 1.327 ? ? 
covale6  covale both ? A MSE 69 C ? ? ? 1_555 A VAL 70 N ? ? A MSE 69 A VAL 70 1_555 ? ? ? ? ? ? ? 1.327 ? ? 
covale7  covale both ? B LEU 4  C ? ? ? 1_555 B MSE 5  N ? ? B LEU 4  B MSE 5  1_555 ? ? ? ? ? ? ? 1.330 ? ? 
covale8  covale both ? B MSE 5  C ? ? ? 1_555 B GLY 6  N ? ? B MSE 5  B GLY 6  1_555 ? ? ? ? ? ? ? 1.332 ? ? 
covale9  covale both ? B PRO 24 C ? ? ? 1_555 B MSE 25 N ? ? B PRO 24 B MSE 25 1_555 ? ? ? ? ? ? ? 1.334 ? ? 
covale10 covale both ? B MSE 25 C ? ? ? 1_555 B GLN 26 N ? ? B MSE 25 B GLN 26 1_555 ? ? ? ? ? ? ? 1.339 ? ? 
covale11 covale both ? B ASP 68 C ? ? ? 1_555 B MSE 69 N ? ? B ASP 68 B MSE 69 1_555 ? ? ? ? ? ? ? 1.328 ? ? 
covale12 covale both ? B MSE 69 C ? ? ? 1_555 B VAL 70 N ? ? B MSE 69 B VAL 70 1_555 ? ? ? ? ? ? ? 1.329 ? ? 
# 
_struct_conn_type.id          covale 
_struct_conn_type.criteria    ? 
_struct_conn_type.reference   ? 
# 
loop_
_pdbx_modification_feature.ordinal 
_pdbx_modification_feature.label_comp_id 
_pdbx_modification_feature.label_asym_id 
_pdbx_modification_feature.label_seq_id 
_pdbx_modification_feature.label_alt_id 
_pdbx_modification_feature.modified_residue_label_comp_id 
_pdbx_modification_feature.modified_residue_label_asym_id 
_pdbx_modification_feature.modified_residue_label_seq_id 
_pdbx_modification_feature.modified_residue_label_alt_id 
_pdbx_modification_feature.auth_comp_id 
_pdbx_modification_feature.auth_asym_id 
_pdbx_modification_feature.auth_seq_id 
_pdbx_modification_feature.PDB_ins_code 
_pdbx_modification_feature.symmetry 
_pdbx_modification_feature.modified_residue_auth_comp_id 
_pdbx_modification_feature.modified_residue_auth_asym_id 
_pdbx_modification_feature.modified_residue_auth_seq_id 
_pdbx_modification_feature.modified_residue_PDB_ins_code 
_pdbx_modification_feature.modified_residue_symmetry 
_pdbx_modification_feature.comp_id_linking_atom 
_pdbx_modification_feature.modified_residue_id_linking_atom 
_pdbx_modification_feature.modified_residue_id 
_pdbx_modification_feature.ref_pcm_id 
_pdbx_modification_feature.ref_comp_id 
_pdbx_modification_feature.type 
_pdbx_modification_feature.category 
1 MSE A 5  ? . . . . MSE A 5  ? 1_555 . . . . . . . MET 1 MSE Selenomethionine 'Named protein modification' 
2 MSE A 25 ? . . . . MSE A 25 ? 1_555 . . . . . . . MET 1 MSE Selenomethionine 'Named protein modification' 
3 MSE A 69 ? . . . . MSE A 69 ? 1_555 . . . . . . . MET 1 MSE Selenomethionine 'Named protein modification' 
4 MSE B 5  ? . . . . MSE B 5  ? 1_555 . . . . . . . MET 1 MSE Selenomethionine 'Named protein modification' 
5 MSE B 25 ? . . . . MSE B 25 ? 1_555 . . . . . . . MET 1 MSE Selenomethionine 'Named protein modification' 
6 MSE B 69 ? . . . . MSE B 69 ? 1_555 . . . . . . . MET 1 MSE Selenomethionine 'Named protein modification' 
# 
loop_
_struct_sheet.id 
_struct_sheet.type 
_struct_sheet.number_strands 
_struct_sheet.details 
A ? 4 ? 
B ? 4 ? 
# 
loop_
_struct_sheet_order.sheet_id 
_struct_sheet_order.range_id_1 
_struct_sheet_order.range_id_2 
_struct_sheet_order.offset 
_struct_sheet_order.sense 
A 1 2 ? anti-parallel 
A 2 3 ? anti-parallel 
A 3 4 ? anti-parallel 
B 1 2 ? anti-parallel 
B 2 3 ? anti-parallel 
B 3 4 ? anti-parallel 
# 
loop_
_struct_sheet_range.sheet_id 
_struct_sheet_range.id 
_struct_sheet_range.beg_label_comp_id 
_struct_sheet_range.beg_label_asym_id 
_struct_sheet_range.beg_label_seq_id 
_struct_sheet_range.pdbx_beg_PDB_ins_code 
_struct_sheet_range.end_label_comp_id 
_struct_sheet_range.end_label_asym_id 
_struct_sheet_range.end_label_seq_id 
_struct_sheet_range.pdbx_end_PDB_ins_code 
_struct_sheet_range.beg_auth_comp_id 
_struct_sheet_range.beg_auth_asym_id 
_struct_sheet_range.beg_auth_seq_id 
_struct_sheet_range.end_auth_comp_id 
_struct_sheet_range.end_auth_asym_id 
_struct_sheet_range.end_auth_seq_id 
A 1 MSE A 25 ? VAL A 31 ? MSE A 25 VAL A 31 
A 2 GLU A 34 ? PHE A 42 ? GLU A 34 PHE A 42 
A 3 THR A 47 ? GLN A 54 ? THR A 47 GLN A 54 
A 4 GLU A 57 ? PHE A 64 ? GLU A 57 PHE A 64 
B 1 MSE B 25 ? VAL B 31 ? MSE B 25 VAL B 31 
B 2 GLU B 34 ? PHE B 42 ? GLU B 34 PHE B 42 
B 3 THR B 47 ? VAL B 52 ? THR B 47 VAL B 52 
B 4 ASN B 60 ? PHE B 64 ? ASN B 60 PHE B 64 
# 
loop_
_pdbx_struct_sheet_hbond.sheet_id 
_pdbx_struct_sheet_hbond.range_id_1 
_pdbx_struct_sheet_hbond.range_id_2 
_pdbx_struct_sheet_hbond.range_1_label_atom_id 
_pdbx_struct_sheet_hbond.range_1_label_comp_id 
_pdbx_struct_sheet_hbond.range_1_label_asym_id 
_pdbx_struct_sheet_hbond.range_1_label_seq_id 
_pdbx_struct_sheet_hbond.range_1_PDB_ins_code 
_pdbx_struct_sheet_hbond.range_1_auth_atom_id 
_pdbx_struct_sheet_hbond.range_1_auth_comp_id 
_pdbx_struct_sheet_hbond.range_1_auth_asym_id 
_pdbx_struct_sheet_hbond.range_1_auth_seq_id 
_pdbx_struct_sheet_hbond.range_2_label_atom_id 
_pdbx_struct_sheet_hbond.range_2_label_comp_id 
_pdbx_struct_sheet_hbond.range_2_label_asym_id 
_pdbx_struct_sheet_hbond.range_2_label_seq_id 
_pdbx_struct_sheet_hbond.range_2_PDB_ins_code 
_pdbx_struct_sheet_hbond.range_2_auth_atom_id 
_pdbx_struct_sheet_hbond.range_2_auth_comp_id 
_pdbx_struct_sheet_hbond.range_2_auth_asym_id 
_pdbx_struct_sheet_hbond.range_2_auth_seq_id 
A 1 2 N MSE A 25 ? N MSE A 25 O TYR A 41 ? O TYR A 41 
A 2 3 N LYS A 40 ? N LYS A 40 O GLU A 49 ? O GLU A 49 
A 3 4 N PHE A 48 ? N PHE A 48 O PHE A 64 ? O PHE A 64 
B 1 2 N ARG B 27 ? N ARG B 27 O VAL B 39 ? O VAL B 39 
B 2 3 N SER B 38 ? N SER B 38 O THR B 51 ? O THR B 51 
B 3 4 N PHE B 48 ? N PHE B 48 O PHE B 64 ? O PHE B 64 
# 
_pdbx_entry_details.entry_id                   2FFG 
_pdbx_entry_details.compound_details           ? 
_pdbx_entry_details.source_details             ? 
_pdbx_entry_details.nonpolymer_details         ? 
_pdbx_entry_details.sequence_details           ? 
_pdbx_entry_details.has_ligand_of_interest     ? 
_pdbx_entry_details.has_protein_modification   Y 
# 
loop_
_pdbx_validate_symm_contact.id 
_pdbx_validate_symm_contact.PDB_model_num 
_pdbx_validate_symm_contact.auth_atom_id_1 
_pdbx_validate_symm_contact.auth_asym_id_1 
_pdbx_validate_symm_contact.auth_comp_id_1 
_pdbx_validate_symm_contact.auth_seq_id_1 
_pdbx_validate_symm_contact.PDB_ins_code_1 
_pdbx_validate_symm_contact.label_alt_id_1 
_pdbx_validate_symm_contact.site_symmetry_1 
_pdbx_validate_symm_contact.auth_atom_id_2 
_pdbx_validate_symm_contact.auth_asym_id_2 
_pdbx_validate_symm_contact.auth_comp_id_2 
_pdbx_validate_symm_contact.auth_seq_id_2 
_pdbx_validate_symm_contact.PDB_ins_code_2 
_pdbx_validate_symm_contact.label_alt_id_2 
_pdbx_validate_symm_contact.site_symmetry_2 
_pdbx_validate_symm_contact.dist 
1 1 O   A HOH 110 ? ? 1_555 O   A HOH 110 ? ? 7_556 1.17 
2 1 OD1 A ASN 22  ? ? 1_555 OD1 A ASN 22  ? ? 7_556 1.94 
# 
loop_
_pdbx_validate_torsion.id 
_pdbx_validate_torsion.PDB_model_num 
_pdbx_validate_torsion.auth_comp_id 
_pdbx_validate_torsion.auth_asym_id 
_pdbx_validate_torsion.auth_seq_id 
_pdbx_validate_torsion.PDB_ins_code 
_pdbx_validate_torsion.label_alt_id 
_pdbx_validate_torsion.phi 
_pdbx_validate_torsion.psi 
1 1 ASN A 45 ? ? 158.08  -145.95 
2 1 ALA B 20 ? ? -149.72 -10.29  
3 1 ALA B 21 ? ? -152.01 9.25    
4 1 PRO B 24 ? ? -55.68  170.50  
5 1 ASN B 45 ? ? -177.58 -40.90  
6 1 GLN B 46 ? ? 73.01   36.14   
# 
_pdbx_SG_project.id                    1 
_pdbx_SG_project.project_name          'PSI, Protein Structure Initiative' 
_pdbx_SG_project.full_name_of_center   'Northeast Structural Genomics Consortium' 
_pdbx_SG_project.initial_of_center     NESG 
# 
loop_
_pdbx_struct_mod_residue.id 
_pdbx_struct_mod_residue.label_asym_id 
_pdbx_struct_mod_residue.label_comp_id 
_pdbx_struct_mod_residue.label_seq_id 
_pdbx_struct_mod_residue.auth_asym_id 
_pdbx_struct_mod_residue.auth_comp_id 
_pdbx_struct_mod_residue.auth_seq_id 
_pdbx_struct_mod_residue.PDB_ins_code 
_pdbx_struct_mod_residue.parent_comp_id 
_pdbx_struct_mod_residue.details 
1 A MSE 5  A MSE 5  ? MET SELENOMETHIONINE 
2 A MSE 25 A MSE 25 ? MET SELENOMETHIONINE 
3 A MSE 69 A MSE 69 ? MET SELENOMETHIONINE 
4 B MSE 5  B MSE 5  ? MET SELENOMETHIONINE 
5 B MSE 25 B MSE 25 ? MET SELENOMETHIONINE 
6 B MSE 69 B MSE 69 ? MET SELENOMETHIONINE 
# 
loop_
_pdbx_unobs_or_zero_occ_residues.id 
_pdbx_unobs_or_zero_occ_residues.PDB_model_num 
_pdbx_unobs_or_zero_occ_residues.polymer_flag 
_pdbx_unobs_or_zero_occ_residues.occupancy_flag 
_pdbx_unobs_or_zero_occ_residues.auth_asym_id 
_pdbx_unobs_or_zero_occ_residues.auth_comp_id 
_pdbx_unobs_or_zero_occ_residues.auth_seq_id 
_pdbx_unobs_or_zero_occ_residues.PDB_ins_code 
_pdbx_unobs_or_zero_occ_residues.label_asym_id 
_pdbx_unobs_or_zero_occ_residues.label_comp_id 
_pdbx_unobs_or_zero_occ_residues.label_seq_id 
1  1 Y 1 A MSE 1  ? A MSE 1  
2  1 Y 1 A HIS 82 ? A HIS 82 
3  1 Y 1 A HIS 83 ? A HIS 83 
4  1 Y 1 A HIS 84 ? A HIS 84 
5  1 Y 1 A HIS 85 ? A HIS 85 
6  1 Y 1 A HIS 86 ? A HIS 86 
7  1 Y 1 A HIS 87 ? A HIS 87 
8  1 Y 1 B MSE 1  ? B MSE 1  
9  1 Y 1 B GLU 81 ? B GLU 81 
10 1 Y 1 B HIS 82 ? B HIS 82 
11 1 Y 1 B HIS 83 ? B HIS 83 
12 1 Y 1 B HIS 84 ? B HIS 84 
13 1 Y 1 B HIS 85 ? B HIS 85 
14 1 Y 1 B HIS 86 ? B HIS 86 
15 1 Y 1 B HIS 87 ? B HIS 87 
# 
loop_
_chem_comp_atom.comp_id 
_chem_comp_atom.atom_id 
_chem_comp_atom.type_symbol 
_chem_comp_atom.pdbx_aromatic_flag 
_chem_comp_atom.pdbx_stereo_config 
_chem_comp_atom.pdbx_ordinal 
ALA N    N  N N 1   
ALA CA   C  N S 2   
ALA C    C  N N 3   
ALA O    O  N N 4   
ALA CB   C  N N 5   
ALA OXT  O  N N 6   
ALA H    H  N N 7   
ALA H2   H  N N 8   
ALA HA   H  N N 9   
ALA HB1  H  N N 10  
ALA HB2  H  N N 11  
ALA HB3  H  N N 12  
ALA HXT  H  N N 13  
ARG N    N  N N 14  
ARG CA   C  N S 15  
ARG C    C  N N 16  
ARG O    O  N N 17  
ARG CB   C  N N 18  
ARG CG   C  N N 19  
ARG CD   C  N N 20  
ARG NE   N  N N 21  
ARG CZ   C  N N 22  
ARG NH1  N  N N 23  
ARG NH2  N  N N 24  
ARG OXT  O  N N 25  
ARG H    H  N N 26  
ARG H2   H  N N 27  
ARG HA   H  N N 28  
ARG HB2  H  N N 29  
ARG HB3  H  N N 30  
ARG HG2  H  N N 31  
ARG HG3  H  N N 32  
ARG HD2  H  N N 33  
ARG HD3  H  N N 34  
ARG HE   H  N N 35  
ARG HH11 H  N N 36  
ARG HH12 H  N N 37  
ARG HH21 H  N N 38  
ARG HH22 H  N N 39  
ARG HXT  H  N N 40  
ASN N    N  N N 41  
ASN CA   C  N S 42  
ASN C    C  N N 43  
ASN O    O  N N 44  
ASN CB   C  N N 45  
ASN CG   C  N N 46  
ASN OD1  O  N N 47  
ASN ND2  N  N N 48  
ASN OXT  O  N N 49  
ASN H    H  N N 50  
ASN H2   H  N N 51  
ASN HA   H  N N 52  
ASN HB2  H  N N 53  
ASN HB3  H  N N 54  
ASN HD21 H  N N 55  
ASN HD22 H  N N 56  
ASN HXT  H  N N 57  
ASP N    N  N N 58  
ASP CA   C  N S 59  
ASP C    C  N N 60  
ASP O    O  N N 61  
ASP CB   C  N N 62  
ASP CG   C  N N 63  
ASP OD1  O  N N 64  
ASP OD2  O  N N 65  
ASP OXT  O  N N 66  
ASP H    H  N N 67  
ASP H2   H  N N 68  
ASP HA   H  N N 69  
ASP HB2  H  N N 70  
ASP HB3  H  N N 71  
ASP HD2  H  N N 72  
ASP HXT  H  N N 73  
CYS N    N  N N 74  
CYS CA   C  N R 75  
CYS C    C  N N 76  
CYS O    O  N N 77  
CYS CB   C  N N 78  
CYS SG   S  N N 79  
CYS OXT  O  N N 80  
CYS H    H  N N 81  
CYS H2   H  N N 82  
CYS HA   H  N N 83  
CYS HB2  H  N N 84  
CYS HB3  H  N N 85  
CYS HG   H  N N 86  
CYS HXT  H  N N 87  
GLN N    N  N N 88  
GLN CA   C  N S 89  
GLN C    C  N N 90  
GLN O    O  N N 91  
GLN CB   C  N N 92  
GLN CG   C  N N 93  
GLN CD   C  N N 94  
GLN OE1  O  N N 95  
GLN NE2  N  N N 96  
GLN OXT  O  N N 97  
GLN H    H  N N 98  
GLN H2   H  N N 99  
GLN HA   H  N N 100 
GLN HB2  H  N N 101 
GLN HB3  H  N N 102 
GLN HG2  H  N N 103 
GLN HG3  H  N N 104 
GLN HE21 H  N N 105 
GLN HE22 H  N N 106 
GLN HXT  H  N N 107 
GLU N    N  N N 108 
GLU CA   C  N S 109 
GLU C    C  N N 110 
GLU O    O  N N 111 
GLU CB   C  N N 112 
GLU CG   C  N N 113 
GLU CD   C  N N 114 
GLU OE1  O  N N 115 
GLU OE2  O  N N 116 
GLU OXT  O  N N 117 
GLU H    H  N N 118 
GLU H2   H  N N 119 
GLU HA   H  N N 120 
GLU HB2  H  N N 121 
GLU HB3  H  N N 122 
GLU HG2  H  N N 123 
GLU HG3  H  N N 124 
GLU HE2  H  N N 125 
GLU HXT  H  N N 126 
GLY N    N  N N 127 
GLY CA   C  N N 128 
GLY C    C  N N 129 
GLY O    O  N N 130 
GLY OXT  O  N N 131 
GLY H    H  N N 132 
GLY H2   H  N N 133 
GLY HA2  H  N N 134 
GLY HA3  H  N N 135 
GLY HXT  H  N N 136 
HIS N    N  N N 137 
HIS CA   C  N S 138 
HIS C    C  N N 139 
HIS O    O  N N 140 
HIS CB   C  N N 141 
HIS CG   C  Y N 142 
HIS ND1  N  Y N 143 
HIS CD2  C  Y N 144 
HIS CE1  C  Y N 145 
HIS NE2  N  Y N 146 
HIS OXT  O  N N 147 
HIS H    H  N N 148 
HIS H2   H  N N 149 
HIS HA   H  N N 150 
HIS HB2  H  N N 151 
HIS HB3  H  N N 152 
HIS HD1  H  N N 153 
HIS HD2  H  N N 154 
HIS HE1  H  N N 155 
HIS HE2  H  N N 156 
HIS HXT  H  N N 157 
HOH O    O  N N 158 
HOH H1   H  N N 159 
HOH H2   H  N N 160 
ILE N    N  N N 161 
ILE CA   C  N S 162 
ILE C    C  N N 163 
ILE O    O  N N 164 
ILE CB   C  N S 165 
ILE CG1  C  N N 166 
ILE CG2  C  N N 167 
ILE CD1  C  N N 168 
ILE OXT  O  N N 169 
ILE H    H  N N 170 
ILE H2   H  N N 171 
ILE HA   H  N N 172 
ILE HB   H  N N 173 
ILE HG12 H  N N 174 
ILE HG13 H  N N 175 
ILE HG21 H  N N 176 
ILE HG22 H  N N 177 
ILE HG23 H  N N 178 
ILE HD11 H  N N 179 
ILE HD12 H  N N 180 
ILE HD13 H  N N 181 
ILE HXT  H  N N 182 
LEU N    N  N N 183 
LEU CA   C  N S 184 
LEU C    C  N N 185 
LEU O    O  N N 186 
LEU CB   C  N N 187 
LEU CG   C  N N 188 
LEU CD1  C  N N 189 
LEU CD2  C  N N 190 
LEU OXT  O  N N 191 
LEU H    H  N N 192 
LEU H2   H  N N 193 
LEU HA   H  N N 194 
LEU HB2  H  N N 195 
LEU HB3  H  N N 196 
LEU HG   H  N N 197 
LEU HD11 H  N N 198 
LEU HD12 H  N N 199 
LEU HD13 H  N N 200 
LEU HD21 H  N N 201 
LEU HD22 H  N N 202 
LEU HD23 H  N N 203 
LEU HXT  H  N N 204 
LYS N    N  N N 205 
LYS CA   C  N S 206 
LYS C    C  N N 207 
LYS O    O  N N 208 
LYS CB   C  N N 209 
LYS CG   C  N N 210 
LYS CD   C  N N 211 
LYS CE   C  N N 212 
LYS NZ   N  N N 213 
LYS OXT  O  N N 214 
LYS H    H  N N 215 
LYS H2   H  N N 216 
LYS HA   H  N N 217 
LYS HB2  H  N N 218 
LYS HB3  H  N N 219 
LYS HG2  H  N N 220 
LYS HG3  H  N N 221 
LYS HD2  H  N N 222 
LYS HD3  H  N N 223 
LYS HE2  H  N N 224 
LYS HE3  H  N N 225 
LYS HZ1  H  N N 226 
LYS HZ2  H  N N 227 
LYS HZ3  H  N N 228 
LYS HXT  H  N N 229 
MET N    N  N N 230 
MET CA   C  N S 231 
MET C    C  N N 232 
MET O    O  N N 233 
MET CB   C  N N 234 
MET CG   C  N N 235 
MET SD   S  N N 236 
MET CE   C  N N 237 
MET OXT  O  N N 238 
MET H    H  N N 239 
MET H2   H  N N 240 
MET HA   H  N N 241 
MET HB2  H  N N 242 
MET HB3  H  N N 243 
MET HG2  H  N N 244 
MET HG3  H  N N 245 
MET HE1  H  N N 246 
MET HE2  H  N N 247 
MET HE3  H  N N 248 
MET HXT  H  N N 249 
MSE N    N  N N 250 
MSE CA   C  N S 251 
MSE C    C  N N 252 
MSE O    O  N N 253 
MSE OXT  O  N N 254 
MSE CB   C  N N 255 
MSE CG   C  N N 256 
MSE SE   SE N N 257 
MSE CE   C  N N 258 
MSE H    H  N N 259 
MSE H2   H  N N 260 
MSE HA   H  N N 261 
MSE HXT  H  N N 262 
MSE HB2  H  N N 263 
MSE HB3  H  N N 264 
MSE HG2  H  N N 265 
MSE HG3  H  N N 266 
MSE HE1  H  N N 267 
MSE HE2  H  N N 268 
MSE HE3  H  N N 269 
PHE N    N  N N 270 
PHE CA   C  N S 271 
PHE C    C  N N 272 
PHE O    O  N N 273 
PHE CB   C  N N 274 
PHE CG   C  Y N 275 
PHE CD1  C  Y N 276 
PHE CD2  C  Y N 277 
PHE CE1  C  Y N 278 
PHE CE2  C  Y N 279 
PHE CZ   C  Y N 280 
PHE OXT  O  N N 281 
PHE H    H  N N 282 
PHE H2   H  N N 283 
PHE HA   H  N N 284 
PHE HB2  H  N N 285 
PHE HB3  H  N N 286 
PHE HD1  H  N N 287 
PHE HD2  H  N N 288 
PHE HE1  H  N N 289 
PHE HE2  H  N N 290 
PHE HZ   H  N N 291 
PHE HXT  H  N N 292 
PRO N    N  N N 293 
PRO CA   C  N S 294 
PRO C    C  N N 295 
PRO O    O  N N 296 
PRO CB   C  N N 297 
PRO CG   C  N N 298 
PRO CD   C  N N 299 
PRO OXT  O  N N 300 
PRO H    H  N N 301 
PRO HA   H  N N 302 
PRO HB2  H  N N 303 
PRO HB3  H  N N 304 
PRO HG2  H  N N 305 
PRO HG3  H  N N 306 
PRO HD2  H  N N 307 
PRO HD3  H  N N 308 
PRO HXT  H  N N 309 
SER N    N  N N 310 
SER CA   C  N S 311 
SER C    C  N N 312 
SER O    O  N N 313 
SER CB   C  N N 314 
SER OG   O  N N 315 
SER OXT  O  N N 316 
SER H    H  N N 317 
SER H2   H  N N 318 
SER HA   H  N N 319 
SER HB2  H  N N 320 
SER HB3  H  N N 321 
SER HG   H  N N 322 
SER HXT  H  N N 323 
THR N    N  N N 324 
THR CA   C  N S 325 
THR C    C  N N 326 
THR O    O  N N 327 
THR CB   C  N R 328 
THR OG1  O  N N 329 
THR CG2  C  N N 330 
THR OXT  O  N N 331 
THR H    H  N N 332 
THR H2   H  N N 333 
THR HA   H  N N 334 
THR HB   H  N N 335 
THR HG1  H  N N 336 
THR HG21 H  N N 337 
THR HG22 H  N N 338 
THR HG23 H  N N 339 
THR HXT  H  N N 340 
TYR N    N  N N 341 
TYR CA   C  N S 342 
TYR C    C  N N 343 
TYR O    O  N N 344 
TYR CB   C  N N 345 
TYR CG   C  Y N 346 
TYR CD1  C  Y N 347 
TYR CD2  C  Y N 348 
TYR CE1  C  Y N 349 
TYR CE2  C  Y N 350 
TYR CZ   C  Y N 351 
TYR OH   O  N N 352 
TYR OXT  O  N N 353 
TYR H    H  N N 354 
TYR H2   H  N N 355 
TYR HA   H  N N 356 
TYR HB2  H  N N 357 
TYR HB3  H  N N 358 
TYR HD1  H  N N 359 
TYR HD2  H  N N 360 
TYR HE1  H  N N 361 
TYR HE2  H  N N 362 
TYR HH   H  N N 363 
TYR HXT  H  N N 364 
VAL N    N  N N 365 
VAL CA   C  N S 366 
VAL C    C  N N 367 
VAL O    O  N N 368 
VAL CB   C  N N 369 
VAL CG1  C  N N 370 
VAL CG2  C  N N 371 
VAL OXT  O  N N 372 
VAL H    H  N N 373 
VAL H2   H  N N 374 
VAL HA   H  N N 375 
VAL HB   H  N N 376 
VAL HG11 H  N N 377 
VAL HG12 H  N N 378 
VAL HG13 H  N N 379 
VAL HG21 H  N N 380 
VAL HG22 H  N N 381 
VAL HG23 H  N N 382 
VAL HXT  H  N N 383 
# 
loop_
_chem_comp_bond.comp_id 
_chem_comp_bond.atom_id_1 
_chem_comp_bond.atom_id_2 
_chem_comp_bond.value_order 
_chem_comp_bond.pdbx_aromatic_flag 
_chem_comp_bond.pdbx_stereo_config 
_chem_comp_bond.pdbx_ordinal 
ALA N   CA   sing N N 1   
ALA N   H    sing N N 2   
ALA N   H2   sing N N 3   
ALA CA  C    sing N N 4   
ALA CA  CB   sing N N 5   
ALA CA  HA   sing N N 6   
ALA C   O    doub N N 7   
ALA C   OXT  sing N N 8   
ALA CB  HB1  sing N N 9   
ALA CB  HB2  sing N N 10  
ALA CB  HB3  sing N N 11  
ALA OXT HXT  sing N N 12  
ARG N   CA   sing N N 13  
ARG N   H    sing N N 14  
ARG N   H2   sing N N 15  
ARG CA  C    sing N N 16  
ARG CA  CB   sing N N 17  
ARG CA  HA   sing N N 18  
ARG C   O    doub N N 19  
ARG C   OXT  sing N N 20  
ARG CB  CG   sing N N 21  
ARG CB  HB2  sing N N 22  
ARG CB  HB3  sing N N 23  
ARG CG  CD   sing N N 24  
ARG CG  HG2  sing N N 25  
ARG CG  HG3  sing N N 26  
ARG CD  NE   sing N N 27  
ARG CD  HD2  sing N N 28  
ARG CD  HD3  sing N N 29  
ARG NE  CZ   sing N N 30  
ARG NE  HE   sing N N 31  
ARG CZ  NH1  sing N N 32  
ARG CZ  NH2  doub N N 33  
ARG NH1 HH11 sing N N 34  
ARG NH1 HH12 sing N N 35  
ARG NH2 HH21 sing N N 36  
ARG NH2 HH22 sing N N 37  
ARG OXT HXT  sing N N 38  
ASN N   CA   sing N N 39  
ASN N   H    sing N N 40  
ASN N   H2   sing N N 41  
ASN CA  C    sing N N 42  
ASN CA  CB   sing N N 43  
ASN CA  HA   sing N N 44  
ASN C   O    doub N N 45  
ASN C   OXT  sing N N 46  
ASN CB  CG   sing N N 47  
ASN CB  HB2  sing N N 48  
ASN CB  HB3  sing N N 49  
ASN CG  OD1  doub N N 50  
ASN CG  ND2  sing N N 51  
ASN ND2 HD21 sing N N 52  
ASN ND2 HD22 sing N N 53  
ASN OXT HXT  sing N N 54  
ASP N   CA   sing N N 55  
ASP N   H    sing N N 56  
ASP N   H2   sing N N 57  
ASP CA  C    sing N N 58  
ASP CA  CB   sing N N 59  
ASP CA  HA   sing N N 60  
ASP C   O    doub N N 61  
ASP C   OXT  sing N N 62  
ASP CB  CG   sing N N 63  
ASP CB  HB2  sing N N 64  
ASP CB  HB3  sing N N 65  
ASP CG  OD1  doub N N 66  
ASP CG  OD2  sing N N 67  
ASP OD2 HD2  sing N N 68  
ASP OXT HXT  sing N N 69  
CYS N   CA   sing N N 70  
CYS N   H    sing N N 71  
CYS N   H2   sing N N 72  
CYS CA  C    sing N N 73  
CYS CA  CB   sing N N 74  
CYS CA  HA   sing N N 75  
CYS C   O    doub N N 76  
CYS C   OXT  sing N N 77  
CYS CB  SG   sing N N 78  
CYS CB  HB2  sing N N 79  
CYS CB  HB3  sing N N 80  
CYS SG  HG   sing N N 81  
CYS OXT HXT  sing N N 82  
GLN N   CA   sing N N 83  
GLN N   H    sing N N 84  
GLN N   H2   sing N N 85  
GLN CA  C    sing N N 86  
GLN CA  CB   sing N N 87  
GLN CA  HA   sing N N 88  
GLN C   O    doub N N 89  
GLN C   OXT  sing N N 90  
GLN CB  CG   sing N N 91  
GLN CB  HB2  sing N N 92  
GLN CB  HB3  sing N N 93  
GLN CG  CD   sing N N 94  
GLN CG  HG2  sing N N 95  
GLN CG  HG3  sing N N 96  
GLN CD  OE1  doub N N 97  
GLN CD  NE2  sing N N 98  
GLN NE2 HE21 sing N N 99  
GLN NE2 HE22 sing N N 100 
GLN OXT HXT  sing N N 101 
GLU N   CA   sing N N 102 
GLU N   H    sing N N 103 
GLU N   H2   sing N N 104 
GLU CA  C    sing N N 105 
GLU CA  CB   sing N N 106 
GLU CA  HA   sing N N 107 
GLU C   O    doub N N 108 
GLU C   OXT  sing N N 109 
GLU CB  CG   sing N N 110 
GLU CB  HB2  sing N N 111 
GLU CB  HB3  sing N N 112 
GLU CG  CD   sing N N 113 
GLU CG  HG2  sing N N 114 
GLU CG  HG3  sing N N 115 
GLU CD  OE1  doub N N 116 
GLU CD  OE2  sing N N 117 
GLU OE2 HE2  sing N N 118 
GLU OXT HXT  sing N N 119 
GLY N   CA   sing N N 120 
GLY N   H    sing N N 121 
GLY N   H2   sing N N 122 
GLY CA  C    sing N N 123 
GLY CA  HA2  sing N N 124 
GLY CA  HA3  sing N N 125 
GLY C   O    doub N N 126 
GLY C   OXT  sing N N 127 
GLY OXT HXT  sing N N 128 
HIS N   CA   sing N N 129 
HIS N   H    sing N N 130 
HIS N   H2   sing N N 131 
HIS CA  C    sing N N 132 
HIS CA  CB   sing N N 133 
HIS CA  HA   sing N N 134 
HIS C   O    doub N N 135 
HIS C   OXT  sing N N 136 
HIS CB  CG   sing N N 137 
HIS CB  HB2  sing N N 138 
HIS CB  HB3  sing N N 139 
HIS CG  ND1  sing Y N 140 
HIS CG  CD2  doub Y N 141 
HIS ND1 CE1  doub Y N 142 
HIS ND1 HD1  sing N N 143 
HIS CD2 NE2  sing Y N 144 
HIS CD2 HD2  sing N N 145 
HIS CE1 NE2  sing Y N 146 
HIS CE1 HE1  sing N N 147 
HIS NE2 HE2  sing N N 148 
HIS OXT HXT  sing N N 149 
HOH O   H1   sing N N 150 
HOH O   H2   sing N N 151 
ILE N   CA   sing N N 152 
ILE N   H    sing N N 153 
ILE N   H2   sing N N 154 
ILE CA  C    sing N N 155 
ILE CA  CB   sing N N 156 
ILE CA  HA   sing N N 157 
ILE C   O    doub N N 158 
ILE C   OXT  sing N N 159 
ILE CB  CG1  sing N N 160 
ILE CB  CG2  sing N N 161 
ILE CB  HB   sing N N 162 
ILE CG1 CD1  sing N N 163 
ILE CG1 HG12 sing N N 164 
ILE CG1 HG13 sing N N 165 
ILE CG2 HG21 sing N N 166 
ILE CG2 HG22 sing N N 167 
ILE CG2 HG23 sing N N 168 
ILE CD1 HD11 sing N N 169 
ILE CD1 HD12 sing N N 170 
ILE CD1 HD13 sing N N 171 
ILE OXT HXT  sing N N 172 
LEU N   CA   sing N N 173 
LEU N   H    sing N N 174 
LEU N   H2   sing N N 175 
LEU CA  C    sing N N 176 
LEU CA  CB   sing N N 177 
LEU CA  HA   sing N N 178 
LEU C   O    doub N N 179 
LEU C   OXT  sing N N 180 
LEU CB  CG   sing N N 181 
LEU CB  HB2  sing N N 182 
LEU CB  HB3  sing N N 183 
LEU CG  CD1  sing N N 184 
LEU CG  CD2  sing N N 185 
LEU CG  HG   sing N N 186 
LEU CD1 HD11 sing N N 187 
LEU CD1 HD12 sing N N 188 
LEU CD1 HD13 sing N N 189 
LEU CD2 HD21 sing N N 190 
LEU CD2 HD22 sing N N 191 
LEU CD2 HD23 sing N N 192 
LEU OXT HXT  sing N N 193 
LYS N   CA   sing N N 194 
LYS N   H    sing N N 195 
LYS N   H2   sing N N 196 
LYS CA  C    sing N N 197 
LYS CA  CB   sing N N 198 
LYS CA  HA   sing N N 199 
LYS C   O    doub N N 200 
LYS C   OXT  sing N N 201 
LYS CB  CG   sing N N 202 
LYS CB  HB2  sing N N 203 
LYS CB  HB3  sing N N 204 
LYS CG  CD   sing N N 205 
LYS CG  HG2  sing N N 206 
LYS CG  HG3  sing N N 207 
LYS CD  CE   sing N N 208 
LYS CD  HD2  sing N N 209 
LYS CD  HD3  sing N N 210 
LYS CE  NZ   sing N N 211 
LYS CE  HE2  sing N N 212 
LYS CE  HE3  sing N N 213 
LYS NZ  HZ1  sing N N 214 
LYS NZ  HZ2  sing N N 215 
LYS NZ  HZ3  sing N N 216 
LYS OXT HXT  sing N N 217 
MET N   CA   sing N N 218 
MET N   H    sing N N 219 
MET N   H2   sing N N 220 
MET CA  C    sing N N 221 
MET CA  CB   sing N N 222 
MET CA  HA   sing N N 223 
MET C   O    doub N N 224 
MET C   OXT  sing N N 225 
MET CB  CG   sing N N 226 
MET CB  HB2  sing N N 227 
MET CB  HB3  sing N N 228 
MET CG  SD   sing N N 229 
MET CG  HG2  sing N N 230 
MET CG  HG3  sing N N 231 
MET SD  CE   sing N N 232 
MET CE  HE1  sing N N 233 
MET CE  HE2  sing N N 234 
MET CE  HE3  sing N N 235 
MET OXT HXT  sing N N 236 
MSE N   CA   sing N N 237 
MSE N   H    sing N N 238 
MSE N   H2   sing N N 239 
MSE CA  C    sing N N 240 
MSE CA  CB   sing N N 241 
MSE CA  HA   sing N N 242 
MSE C   O    doub N N 243 
MSE C   OXT  sing N N 244 
MSE OXT HXT  sing N N 245 
MSE CB  CG   sing N N 246 
MSE CB  HB2  sing N N 247 
MSE CB  HB3  sing N N 248 
MSE CG  SE   sing N N 249 
MSE CG  HG2  sing N N 250 
MSE CG  HG3  sing N N 251 
MSE SE  CE   sing N N 252 
MSE CE  HE1  sing N N 253 
MSE CE  HE2  sing N N 254 
MSE CE  HE3  sing N N 255 
PHE N   CA   sing N N 256 
PHE N   H    sing N N 257 
PHE N   H2   sing N N 258 
PHE CA  C    sing N N 259 
PHE CA  CB   sing N N 260 
PHE CA  HA   sing N N 261 
PHE C   O    doub N N 262 
PHE C   OXT  sing N N 263 
PHE CB  CG   sing N N 264 
PHE CB  HB2  sing N N 265 
PHE CB  HB3  sing N N 266 
PHE CG  CD1  doub Y N 267 
PHE CG  CD2  sing Y N 268 
PHE CD1 CE1  sing Y N 269 
PHE CD1 HD1  sing N N 270 
PHE CD2 CE2  doub Y N 271 
PHE CD2 HD2  sing N N 272 
PHE CE1 CZ   doub Y N 273 
PHE CE1 HE1  sing N N 274 
PHE CE2 CZ   sing Y N 275 
PHE CE2 HE2  sing N N 276 
PHE CZ  HZ   sing N N 277 
PHE OXT HXT  sing N N 278 
PRO N   CA   sing N N 279 
PRO N   CD   sing N N 280 
PRO N   H    sing N N 281 
PRO CA  C    sing N N 282 
PRO CA  CB   sing N N 283 
PRO CA  HA   sing N N 284 
PRO C   O    doub N N 285 
PRO C   OXT  sing N N 286 
PRO CB  CG   sing N N 287 
PRO CB  HB2  sing N N 288 
PRO CB  HB3  sing N N 289 
PRO CG  CD   sing N N 290 
PRO CG  HG2  sing N N 291 
PRO CG  HG3  sing N N 292 
PRO CD  HD2  sing N N 293 
PRO CD  HD3  sing N N 294 
PRO OXT HXT  sing N N 295 
SER N   CA   sing N N 296 
SER N   H    sing N N 297 
SER N   H2   sing N N 298 
SER CA  C    sing N N 299 
SER CA  CB   sing N N 300 
SER CA  HA   sing N N 301 
SER C   O    doub N N 302 
SER C   OXT  sing N N 303 
SER CB  OG   sing N N 304 
SER CB  HB2  sing N N 305 
SER CB  HB3  sing N N 306 
SER OG  HG   sing N N 307 
SER OXT HXT  sing N N 308 
THR N   CA   sing N N 309 
THR N   H    sing N N 310 
THR N   H2   sing N N 311 
THR CA  C    sing N N 312 
THR CA  CB   sing N N 313 
THR CA  HA   sing N N 314 
THR C   O    doub N N 315 
THR C   OXT  sing N N 316 
THR CB  OG1  sing N N 317 
THR CB  CG2  sing N N 318 
THR CB  HB   sing N N 319 
THR OG1 HG1  sing N N 320 
THR CG2 HG21 sing N N 321 
THR CG2 HG22 sing N N 322 
THR CG2 HG23 sing N N 323 
THR OXT HXT  sing N N 324 
TYR N   CA   sing N N 325 
TYR N   H    sing N N 326 
TYR N   H2   sing N N 327 
TYR CA  C    sing N N 328 
TYR CA  CB   sing N N 329 
TYR CA  HA   sing N N 330 
TYR C   O    doub N N 331 
TYR C   OXT  sing N N 332 
TYR CB  CG   sing N N 333 
TYR CB  HB2  sing N N 334 
TYR CB  HB3  sing N N 335 
TYR CG  CD1  doub Y N 336 
TYR CG  CD2  sing Y N 337 
TYR CD1 CE1  sing Y N 338 
TYR CD1 HD1  sing N N 339 
TYR CD2 CE2  doub Y N 340 
TYR CD2 HD2  sing N N 341 
TYR CE1 CZ   doub Y N 342 
TYR CE1 HE1  sing N N 343 
TYR CE2 CZ   sing Y N 344 
TYR CE2 HE2  sing N N 345 
TYR CZ  OH   sing N N 346 
TYR OH  HH   sing N N 347 
TYR OXT HXT  sing N N 348 
VAL N   CA   sing N N 349 
VAL N   H    sing N N 350 
VAL N   H2   sing N N 351 
VAL CA  C    sing N N 352 
VAL CA  CB   sing N N 353 
VAL CA  HA   sing N N 354 
VAL C   O    doub N N 355 
VAL C   OXT  sing N N 356 
VAL CB  CG1  sing N N 357 
VAL CB  CG2  sing N N 358 
VAL CB  HB   sing N N 359 
VAL CG1 HG11 sing N N 360 
VAL CG1 HG12 sing N N 361 
VAL CG1 HG13 sing N N 362 
VAL CG2 HG21 sing N N 363 
VAL CG2 HG22 sing N N 364 
VAL CG2 HG23 sing N N 365 
VAL OXT HXT  sing N N 366 
# 
_atom_sites.entry_id                    2FFG 
_atom_sites.fract_transf_matrix[1][1]   0.01028329 
_atom_sites.fract_transf_matrix[1][2]   -0.00515278 
_atom_sites.fract_transf_matrix[1][3]   0.00178022 
_atom_sites.fract_transf_matrix[2][1]   -0.00535059 
_atom_sites.fract_transf_matrix[2][2]   -0.00881104 
_atom_sites.fract_transf_matrix[2][3]   0.00540399 
_atom_sites.fract_transf_matrix[3][1]   -0.00174716 
_atom_sites.fract_transf_matrix[3][2]   -0.00935309 
_atom_sites.fract_transf_matrix[3][3]   -0.01697983 
_atom_sites.fract_transf_vector[1]      0.443677 
_atom_sites.fract_transf_vector[2]      0.756700 
_atom_sites.fract_transf_vector[3]      0.340718 
# 
loop_
_atom_type.symbol 
C  
N  
O  
S  
SE 
# 
loop_
_atom_site.group_PDB 
_atom_site.id 
_atom_site.type_symbol 
_atom_site.label_atom_id 
_atom_site.label_alt_id 
_atom_site.label_comp_id 
_atom_site.label_asym_id 
_atom_site.label_entity_id 
_atom_site.label_seq_id 
_atom_site.pdbx_PDB_ins_code 
_atom_site.Cartn_x 
_atom_site.Cartn_y 
_atom_site.Cartn_z 
_atom_site.occupancy 
_atom_site.B_iso_or_equiv 
_atom_site.pdbx_formal_charge 
_atom_site.auth_seq_id 
_atom_site.auth_comp_id 
_atom_site.auth_asym_id 
_atom_site.auth_atom_id 
_atom_site.pdbx_PDB_model_num 
ATOM   1    N  N   . SER A 1 2  ? -8.949  13.699  -3.029  1.00 47.52  ? 2   SER A N   1 
ATOM   2    C  CA  . SER A 1 2  ? -9.824  13.102  -4.083  1.00 45.32  ? 2   SER A CA  1 
ATOM   3    C  C   . SER A 1 2  ? -9.295  11.732  -4.487  1.00 44.31  ? 2   SER A C   1 
ATOM   4    O  O   . SER A 1 2  ? -8.142  11.393  -4.212  1.00 43.33  ? 2   SER A O   1 
ATOM   5    C  CB  . SER A 1 2  ? -9.868  14.006  -5.313  1.00 37.14  ? 2   SER A CB  1 
ATOM   6    O  OG  . SER A 1 2  ? -8.599  14.053  -5.941  1.00 36.26  ? 2   SER A OG  1 
ATOM   7    N  N   . GLN A 1 3  ? -10.143 10.954  -5.149  1.00 35.89  ? 3   GLN A N   1 
ATOM   8    C  CA  . GLN A 1 3  ? -9.774  9.619   -5.582  1.00 33.70  ? 3   GLN A CA  1 
ATOM   9    C  C   . GLN A 1 3  ? -8.543  9.631   -6.479  1.00 32.14  ? 3   GLN A C   1 
ATOM   10   O  O   . GLN A 1 3  ? -7.639  8.806   -6.321  1.00 32.05  ? 3   GLN A O   1 
ATOM   11   C  CB  . GLN A 1 3  ? -10.949 8.969   -6.313  1.00 40.51  ? 3   GLN A CB  1 
ATOM   12   C  CG  . GLN A 1 3  ? -10.760 7.479   -6.565  1.00 44.39  ? 3   GLN A CG  1 
ATOM   13   C  CD  . GLN A 1 3  ? -12.021 6.805   -7.057  1.00 46.33  ? 3   GLN A CD  1 
ATOM   14   O  OE1 . GLN A 1 3  ? -12.053 5.592   -7.258  1.00 45.63  ? 3   GLN A OE1 1 
ATOM   15   N  NE2 . GLN A 1 3  ? -13.072 7.594   -7.252  1.00 49.56  ? 3   GLN A NE2 1 
ATOM   16   N  N   . LEU A 1 4  ? -8.504  10.578  -7.410  1.00 26.60  ? 4   LEU A N   1 
ATOM   17   C  CA  . LEU A 1 4  ? -7.381  10.693  -8.334  1.00 25.92  ? 4   LEU A CA  1 
ATOM   18   C  C   . LEU A 1 4  ? -6.068  10.925  -7.567  1.00 25.02  ? 4   LEU A C   1 
ATOM   19   O  O   . LEU A 1 4  ? -5.061  10.267  -7.833  1.00 21.17  ? 4   LEU A O   1 
ATOM   20   C  CB  . LEU A 1 4  ? -7.655  11.826  -9.325  1.00 32.69  ? 4   LEU A CB  1 
ATOM   21   C  CG  . LEU A 1 4  ? -7.047  11.799  -10.732 1.00 34.96  ? 4   LEU A CG  1 
ATOM   22   C  CD1 . LEU A 1 4  ? -7.158  10.405  -11.365 1.00 36.24  ? 4   LEU A CD1 1 
ATOM   23   C  CD2 . LEU A 1 4  ? -7.780  12.829  -11.593 1.00 35.81  ? 4   LEU A CD2 1 
HETATM 24   N  N   . MSE A 1 5  ? -6.099  11.850  -6.610  1.00 28.32  ? 5   MSE A N   1 
HETATM 25   C  CA  . MSE A 1 5  ? -4.939  12.161  -5.774  1.00 30.00  ? 5   MSE A CA  1 
HETATM 26   C  C   . MSE A 1 5  ? -4.425  10.856  -5.153  1.00 28.19  ? 5   MSE A C   1 
HETATM 27   O  O   . MSE A 1 5  ? -3.231  10.549  -5.214  1.00 25.19  ? 5   MSE A O   1 
HETATM 28   C  CB  . MSE A 1 5  ? -5.346  13.155  -4.665  1.00 83.23  ? 5   MSE A CB  1 
HETATM 29   C  CG  . MSE A 1 5  ? -4.265  13.467  -3.604  1.00 93.38  ? 5   MSE A CG  1 
HETATM 30   SE SE  . MSE A 1 5  ? -4.806  14.744  -2.172  1.00 106.23 ? 5   MSE A SE  1 
HETATM 31   C  CE  . MSE A 1 5  ? -5.619  13.493  -0.917  1.00 102.11 ? 5   MSE A CE  1 
ATOM   32   N  N   . GLY A 1 6  ? -5.351  10.086  -4.588  1.00 30.74  ? 6   GLY A N   1 
ATOM   33   C  CA  . GLY A 1 6  ? -5.005  8.832   -3.948  1.00 30.13  ? 6   GLY A CA  1 
ATOM   34   C  C   . GLY A 1 6  ? -4.383  7.782   -4.844  1.00 27.83  ? 6   GLY A C   1 
ATOM   35   O  O   . GLY A 1 6  ? -3.584  6.972   -4.376  1.00 28.36  ? 6   GLY A O   1 
ATOM   36   N  N   . ILE A 1 7  ? -4.749  7.784   -6.122  1.00 25.51  ? 7   ILE A N   1 
ATOM   37   C  CA  . ILE A 1 7  ? -4.207  6.816   -7.082  1.00 23.32  ? 7   ILE A CA  1 
ATOM   38   C  C   . ILE A 1 7  ? -2.779  7.174   -7.484  1.00 22.80  ? 7   ILE A C   1 
ATOM   39   O  O   . ILE A 1 7  ? -1.935  6.303   -7.686  1.00 22.74  ? 7   ILE A O   1 
ATOM   40   C  CB  . ILE A 1 7  ? -5.046  6.777   -8.378  1.00 19.55  ? 7   ILE A CB  1 
ATOM   41   C  CG1 . ILE A 1 7  ? -6.454  6.263   -8.079  1.00 17.48  ? 7   ILE A CG1 1 
ATOM   42   C  CG2 . ILE A 1 7  ? -4.330  5.934   -9.439  1.00 18.97  ? 7   ILE A CG2 1 
ATOM   43   C  CD1 . ILE A 1 7  ? -6.609  4.893   -7.425  1.00 39.50  ? 7   ILE A CD1 1 
ATOM   44   N  N   . ILE A 1 8  ? -2.533  8.466   -7.627  1.00 20.16  ? 8   ILE A N   1 
ATOM   45   C  CA  . ILE A 1 8  ? -1.226  8.955   -8.016  1.00 22.50  ? 8   ILE A CA  1 
ATOM   46   C  C   . ILE A 1 8  ? -0.229  8.720   -6.895  1.00 22.78  ? 8   ILE A C   1 
ATOM   47   O  O   . ILE A 1 8  ? 0.901   8.314   -7.134  1.00 23.63  ? 8   ILE A O   1 
ATOM   48   C  CB  . ILE A 1 8  ? -1.294  10.458  -8.343  1.00 23.89  ? 8   ILE A CB  1 
ATOM   49   C  CG1 . ILE A 1 8  ? -2.246  10.680  -9.527  1.00 23.12  ? 8   ILE A CG1 1 
ATOM   50   C  CG2 . ILE A 1 8  ? 0.106   10.991  -8.627  1.00 24.22  ? 8   ILE A CG2 1 
ATOM   51   C  CD1 . ILE A 1 8  ? -2.654  12.133  -9.759  1.00 39.50  ? 8   ILE A CD1 1 
ATOM   52   N  N   . THR A 1 9  ? -0.655  8.978   -5.666  1.00 27.81  ? 9   THR A N   1 
ATOM   53   C  CA  . THR A 1 9  ? 0.216   8.776   -4.524  1.00 31.20  ? 9   THR A CA  1 
ATOM   54   C  C   . THR A 1 9  ? 0.663   7.319   -4.505  1.00 30.10  ? 9   THR A C   1 
ATOM   55   O  O   . THR A 1 9  ? 1.859   7.018   -4.449  1.00 31.04  ? 9   THR A O   1 
ATOM   56   C  CB  . THR A 1 9  ? -0.506  9.097   -3.201  1.00 37.28  ? 9   THR A CB  1 
ATOM   57   O  OG1 . THR A 1 9  ? -1.005  10.437  -3.242  1.00 40.20  ? 9   THR A OG1 1 
ATOM   58   C  CG2 . THR A 1 9  ? 0.465   8.977   -2.033  1.00 40.78  ? 9   THR A CG2 1 
ATOM   59   N  N   . ARG A 1 10 ? -0.309  6.419   -4.585  1.00 23.95  ? 10  ARG A N   1 
ATOM   60   C  CA  . ARG A 1 10 ? -0.023  4.996   -4.567  1.00 22.96  ? 10  ARG A CA  1 
ATOM   61   C  C   . ARG A 1 10 ? 0.933   4.560   -5.679  1.00 21.39  ? 10  ARG A C   1 
ATOM   62   O  O   . ARG A 1 10 ? 1.756   3.660   -5.488  1.00 19.62  ? 10  ARG A O   1 
ATOM   63   C  CB  . ARG A 1 10 ? -1.334  4.214   -4.648  1.00 26.82  ? 10  ARG A CB  1 
ATOM   64   C  CG  . ARG A 1 10 ? -2.187  4.313   -3.387  1.00 27.23  ? 10  ARG A CG  1 
ATOM   65   C  CD  . ARG A 1 10 ? -3.567  3.696   -3.610  1.00 29.58  ? 10  ARG A CD  1 
ATOM   66   N  NE  . ARG A 1 10 ? -4.342  3.576   -2.375  1.00 32.12  ? 10  ARG A NE  1 
ATOM   67   C  CZ  . ARG A 1 10 ? -4.880  4.595   -1.713  1.00 31.81  ? 10  ARG A CZ  1 
ATOM   68   N  NH1 . ARG A 1 10 ? -4.742  5.834   -2.155  1.00 34.91  ? 10  ARG A NH1 1 
ATOM   69   N  NH2 . ARG A 1 10 ? -5.559  4.370   -0.597  1.00 34.61  ? 10  ARG A NH2 1 
ATOM   70   N  N   . LEU A 1 11 ? 0.826   5.193   -6.843  1.00 21.01  ? 11  LEU A N   1 
ATOM   71   C  CA  . LEU A 1 11 ? 1.692   4.843   -7.953  1.00 22.93  ? 11  LEU A CA  1 
ATOM   72   C  C   . LEU A 1 11 ? 3.088   5.410   -7.754  1.00 23.49  ? 11  LEU A C   1 
ATOM   73   O  O   . LEU A 1 11 ? 4.059   4.861   -8.256  1.00 24.96  ? 11  LEU A O   1 
ATOM   74   C  CB  . LEU A 1 11 ? 1.105   5.339   -9.279  1.00 26.55  ? 11  LEU A CB  1 
ATOM   75   C  CG  . LEU A 1 11 ? -0.217  4.688   -9.708  1.00 27.19  ? 11  LEU A CG  1 
ATOM   76   C  CD1 . LEU A 1 11 ? -0.640  5.223   -11.068 1.00 27.41  ? 11  LEU A CD1 1 
ATOM   77   C  CD2 . LEU A 1 11 ? -0.056  3.185   -9.768  1.00 24.96  ? 11  LEU A CD2 1 
ATOM   78   N  N   . GLN A 1 12 ? 3.188   6.505   -7.011  1.00 34.23  ? 12  GLN A N   1 
ATOM   79   C  CA  . GLN A 1 12 ? 4.483   7.115   -6.754  1.00 37.53  ? 12  GLN A CA  1 
ATOM   80   C  C   . GLN A 1 12 ? 5.257   6.259   -5.775  1.00 38.54  ? 12  GLN A C   1 
ATOM   81   O  O   . GLN A 1 12 ? 6.455   6.025   -5.957  1.00 39.82  ? 12  GLN A O   1 
ATOM   82   C  CB  . GLN A 1 12 ? 4.313   8.525   -6.201  1.00 33.82  ? 12  GLN A CB  1 
ATOM   83   C  CG  . GLN A 1 12 ? 3.712   9.496   -7.194  1.00 33.19  ? 12  GLN A CG  1 
ATOM   84   C  CD  . GLN A 1 12 ? 3.455   10.850  -6.576  1.00 34.67  ? 12  GLN A CD  1 
ATOM   85   O  OE1 . GLN A 1 12 ? 2.935   10.950  -5.459  1.00 35.50  ? 12  GLN A OE1 1 
ATOM   86   N  NE2 . GLN A 1 12 ? 3.805   11.903  -7.299  1.00 34.80  ? 12  GLN A NE2 1 
ATOM   87   N  N   . SER A 1 13 ? 4.571   5.784   -4.736  1.00 35.38  ? 13  SER A N   1 
ATOM   88   C  CA  . SER A 1 13 ? 5.222   4.935   -3.750  1.00 37.08  ? 13  SER A CA  1 
ATOM   89   C  C   . SER A 1 13 ? 5.487   3.564   -4.358  1.00 36.43  ? 13  SER A C   1 
ATOM   90   O  O   . SER A 1 13 ? 6.397   2.858   -3.932  1.00 37.77  ? 13  SER A O   1 
ATOM   91   C  CB  . SER A 1 13 ? 4.364   4.807   -2.481  1.00 47.09  ? 13  SER A CB  1 
ATOM   92   O  OG  . SER A 1 13 ? 3.076   4.302   -2.768  1.00 50.10  ? 13  SER A OG  1 
ATOM   93   N  N   . LEU A 1 14 ? 4.700   3.205   -5.369  1.00 32.17  ? 14  LEU A N   1 
ATOM   94   C  CA  . LEU A 1 14 ? 4.857   1.925   -6.052  1.00 33.85  ? 14  LEU A CA  1 
ATOM   95   C  C   . LEU A 1 14 ? 6.177   1.912   -6.825  1.00 35.21  ? 14  LEU A C   1 
ATOM   96   O  O   . LEU A 1 14 ? 6.909   0.925   -6.789  1.00 35.20  ? 14  LEU A O   1 
ATOM   97   C  CB  . LEU A 1 14 ? 3.666   1.684   -7.000  1.00 37.09  ? 14  LEU A CB  1 
ATOM   98   C  CG  . LEU A 1 14 ? 3.361   0.322   -7.661  1.00 36.72  ? 14  LEU A CG  1 
ATOM   99   C  CD1 . LEU A 1 14 ? 4.058   0.194   -8.991  1.00 36.93  ? 14  LEU A CD1 1 
ATOM   100  C  CD2 . LEU A 1 14 ? 3.744   -0.817  -6.731  1.00 37.19  ? 14  LEU A CD2 1 
ATOM   101  N  N   . GLN A 1 15 ? 6.490   3.002   -7.520  1.00 39.91  ? 15  GLN A N   1 
ATOM   102  C  CA  . GLN A 1 15 ? 7.742   3.054   -8.270  1.00 43.40  ? 15  GLN A CA  1 
ATOM   103  C  C   . GLN A 1 15 ? 8.904   3.250   -7.304  1.00 43.82  ? 15  GLN A C   1 
ATOM   104  O  O   . GLN A 1 15 ? 9.964   2.649   -7.452  1.00 42.83  ? 15  GLN A O   1 
ATOM   105  C  CB  . GLN A 1 15 ? 7.722   4.190   -9.299  1.00 48.13  ? 15  GLN A CB  1 
ATOM   106  C  CG  . GLN A 1 15 ? 7.139   5.488   -8.790  1.00 50.10  ? 15  GLN A CG  1 
ATOM   107  C  CD  . GLN A 1 15 ? 7.470   6.666   -9.686  1.00 52.63  ? 15  GLN A CD  1 
ATOM   108  O  OE1 . GLN A 1 15 ? 7.387   6.574   -10.914 1.00 50.81  ? 15  GLN A OE1 1 
ATOM   109  N  NE2 . GLN A 1 15 ? 7.837   7.792   -9.071  1.00 53.72  ? 15  GLN A NE2 1 
ATOM   110  N  N   . GLU A 1 16 ? 8.683   4.098   -6.312  1.00 43.05  ? 16  GLU A N   1 
ATOM   111  C  CA  . GLU A 1 16 ? 9.687   4.378   -5.306  1.00 44.78  ? 16  GLU A CA  1 
ATOM   112  C  C   . GLU A 1 16 ? 10.149  3.065   -4.681  1.00 44.28  ? 16  GLU A C   1 
ATOM   113  O  O   . GLU A 1 16 ? 11.344  2.832   -4.488  1.00 45.16  ? 16  GLU A O   1 
ATOM   114  C  CB  . GLU A 1 16 ? 9.078   5.300   -4.249  1.00 72.15  ? 16  GLU A CB  1 
ATOM   115  C  CG  . GLU A 1 16 ? 9.929   5.558   -3.029  1.00 78.08  ? 16  GLU A CG  1 
ATOM   116  C  CD  . GLU A 1 16 ? 9.214   6.443   -2.013  1.00 81.53  ? 16  GLU A CD  1 
ATOM   117  O  OE1 . GLU A 1 16 ? 8.057   6.121   -1.650  1.00 81.32  ? 16  GLU A OE1 1 
ATOM   118  O  OE2 . GLU A 1 16 ? 9.809   7.456   -1.580  1.00 82.51  ? 16  GLU A OE2 1 
ATOM   119  N  N   . THR A 1 17 ? 9.195   2.195   -4.382  1.00 43.18  ? 17  THR A N   1 
ATOM   120  C  CA  . THR A 1 17 ? 9.512   0.913   -3.775  1.00 42.26  ? 17  THR A CA  1 
ATOM   121  C  C   . THR A 1 17 ? 10.177  -0.040  -4.761  1.00 41.50  ? 17  THR A C   1 
ATOM   122  O  O   . THR A 1 17 ? 10.983  -0.885  -4.373  1.00 42.66  ? 17  THR A O   1 
ATOM   123  C  CB  . THR A 1 17 ? 8.241   0.262   -3.207  1.00 47.25  ? 17  THR A CB  1 
ATOM   124  O  OG1 . THR A 1 17 ? 7.666   1.135   -2.226  1.00 46.53  ? 17  THR A OG1 1 
ATOM   125  C  CG2 . THR A 1 17 ? 8.561   -1.070  -2.564  1.00 47.84  ? 17  THR A CG2 1 
ATOM   126  N  N   . ALA A 1 18 ? 9.855   0.107   -6.040  1.00 36.12  ? 18  ALA A N   1 
ATOM   127  C  CA  . ALA A 1 18 ? 10.433  -0.747  -7.064  1.00 34.88  ? 18  ALA A CA  1 
ATOM   128  C  C   . ALA A 1 18 ? 11.892  -0.407  -7.368  1.00 35.71  ? 18  ALA A C   1 
ATOM   129  O  O   . ALA A 1 18 ? 12.698  -1.295  -7.655  1.00 35.16  ? 18  ALA A O   1 
ATOM   130  C  CB  . ALA A 1 18 ? 9.611   -0.653  -8.329  1.00 29.27  ? 18  ALA A CB  1 
ATOM   131  N  N   . GLU A 1 19 ? 12.234  0.876   -7.318  1.00 35.10  ? 19  GLU A N   1 
ATOM   132  C  CA  . GLU A 1 19 ? 13.599  1.295   -7.602  1.00 37.85  ? 19  GLU A CA  1 
ATOM   133  C  C   . GLU A 1 19 ? 14.549  0.807   -6.511  1.00 38.60  ? 19  GLU A C   1 
ATOM   134  O  O   . GLU A 1 19 ? 15.647  0.328   -6.795  1.00 38.36  ? 19  GLU A O   1 
ATOM   135  C  CB  . GLU A 1 19 ? 13.664  2.822   -7.731  1.00 45.04  ? 19  GLU A CB  1 
ATOM   136  C  CG  . GLU A 1 19 ? 12.848  3.377   -8.905  1.00 45.47  ? 19  GLU A CG  1 
ATOM   137  C  CD  . GLU A 1 19 ? 13.527  3.203   -10.258 1.00 45.19  ? 19  GLU A CD  1 
ATOM   138  O  OE1 . GLU A 1 19 ? 14.384  2.312   -10.399 1.00 48.01  ? 19  GLU A OE1 1 
ATOM   139  O  OE2 . GLU A 1 19 ? 13.191  3.957   -11.194 1.00 46.53  ? 19  GLU A OE2 1 
ATOM   140  N  N   . ALA A 1 20 ? 14.103  0.914   -5.266  1.00 50.74  ? 20  ALA A N   1 
ATOM   141  C  CA  . ALA A 1 20 ? 14.892  0.484   -4.116  1.00 53.10  ? 20  ALA A CA  1 
ATOM   142  C  C   . ALA A 1 20 ? 15.079  -1.035  -4.071  1.00 54.11  ? 20  ALA A C   1 
ATOM   143  O  O   . ALA A 1 20 ? 16.181  -1.529  -3.831  1.00 55.78  ? 20  ALA A O   1 
ATOM   144  C  CB  . ALA A 1 20 ? 14.230  0.965   -2.828  1.00 35.26  ? 20  ALA A CB  1 
ATOM   145  N  N   . ALA A 1 21 ? 14.001  -1.773  -4.294  1.00 53.98  ? 21  ALA A N   1 
ATOM   146  C  CA  . ALA A 1 21 ? 14.062  -3.226  -4.277  1.00 54.82  ? 21  ALA A CA  1 
ATOM   147  C  C   . ALA A 1 21 ? 14.771  -3.717  -5.532  1.00 54.58  ? 21  ALA A C   1 
ATOM   148  O  O   . ALA A 1 21 ? 15.112  -4.896  -5.651  1.00 55.42  ? 21  ALA A O   1 
ATOM   149  C  CB  . ALA A 1 21 ? 12.650  -3.804  -4.216  1.00 57.95  ? 21  ALA A CB  1 
ATOM   150  N  N   . ASN A 1 22 ? 14.997  -2.794  -6.459  1.00 40.96  ? 22  ASN A N   1 
ATOM   151  C  CA  . ASN A 1 22 ? 15.639  -3.108  -7.723  1.00 40.64  ? 22  ASN A CA  1 
ATOM   152  C  C   . ASN A 1 22 ? 14.973  -4.281  -8.421  1.00 39.85  ? 22  ASN A C   1 
ATOM   153  O  O   . ASN A 1 22 ? 15.644  -5.165  -8.953  1.00 39.14  ? 22  ASN A O   1 
ATOM   154  C  CB  . ASN A 1 22 ? 17.128  -3.390  -7.520  1.00 56.66  ? 22  ASN A CB  1 
ATOM   155  C  CG  . ASN A 1 22 ? 18.002  -2.220  -7.948  1.00 57.66  ? 22  ASN A CG  1 
ATOM   156  O  OD1 . ASN A 1 22 ? 18.074  -1.885  -9.131  1.00 57.70  ? 22  ASN A OD1 1 
ATOM   157  N  ND2 . ASN A 1 22 ? 18.656  -1.586  -6.986  1.00 59.72  ? 22  ASN A ND2 1 
ATOM   158  N  N   . GLU A 1 23 ? 13.644  -4.279  -8.418  1.00 41.95  ? 23  GLU A N   1 
ATOM   159  C  CA  . GLU A 1 23 ? 12.867  -5.326  -9.072  1.00 41.64  ? 23  GLU A CA  1 
ATOM   160  C  C   . GLU A 1 23 ? 11.426  -4.876  -9.293  1.00 39.93  ? 23  GLU A C   1 
ATOM   161  O  O   . GLU A 1 23 ? 10.881  -4.096  -8.509  1.00 39.15  ? 23  GLU A O   1 
ATOM   162  C  CB  . GLU A 1 23 ? 12.882  -6.618  -8.245  1.00 61.45  ? 23  GLU A CB  1 
ATOM   163  C  CG  . GLU A 1 23 ? 11.928  -6.642  -7.068  1.00 65.06  ? 23  GLU A CG  1 
ATOM   164  C  CD  . GLU A 1 23 ? 11.804  -8.027  -6.455  1.00 67.49  ? 23  GLU A CD  1 
ATOM   165  O  OE1 . GLU A 1 23 ? 12.767  -8.488  -5.810  1.00 69.04  ? 23  GLU A OE1 1 
ATOM   166  O  OE2 . GLU A 1 23 ? 10.742  -8.659  -6.630  1.00 69.95  ? 23  GLU A OE2 1 
ATOM   167  N  N   . PRO A 1 24 ? 10.793  -5.361  -10.372 1.00 37.85  ? 24  PRO A N   1 
ATOM   168  C  CA  . PRO A 1 24 ? 9.410   -5.008  -10.697 1.00 36.98  ? 24  PRO A CA  1 
ATOM   169  C  C   . PRO A 1 24 ? 8.509   -5.180  -9.487  1.00 36.37  ? 24  PRO A C   1 
ATOM   170  O  O   . PRO A 1 24 ? 8.707   -6.088  -8.681  1.00 37.26  ? 24  PRO A O   1 
ATOM   171  C  CB  . PRO A 1 24 ? 9.055   -5.992  -11.800 1.00 39.95  ? 24  PRO A CB  1 
ATOM   172  C  CG  . PRO A 1 24 ? 10.355  -6.217  -12.481 1.00 42.41  ? 24  PRO A CG  1 
ATOM   173  C  CD  . PRO A 1 24 ? 11.317  -6.353  -11.326 1.00 41.21  ? 24  PRO A CD  1 
HETATM 174  N  N   . MSE A 1 25 ? 7.527   -4.298  -9.357  1.00 32.81  ? 25  MSE A N   1 
HETATM 175  C  CA  . MSE A 1 25 ? 6.594   -4.371  -8.248  1.00 33.24  ? 25  MSE A CA  1 
HETATM 176  C  C   . MSE A 1 25 ? 5.197   -4.081  -8.788  1.00 31.22  ? 25  MSE A C   1 
HETATM 177  O  O   . MSE A 1 25 ? 5.050   -3.384  -9.788  1.00 28.14  ? 25  MSE A O   1 
HETATM 178  C  CB  . MSE A 1 25 ? 6.971   -3.359  -7.168  1.00 59.16  ? 25  MSE A CB  1 
HETATM 179  C  CG  . MSE A 1 25 ? 6.799   -3.894  -5.756  1.00 66.12  ? 25  MSE A CG  1 
HETATM 180  SE SE  . MSE A 1 25 ? 8.147   -5.218  -5.279  1.00 75.09  ? 25  MSE A SE  1 
HETATM 181  C  CE  . MSE A 1 25 ? 9.202   -4.096  -4.108  1.00 72.12  ? 25  MSE A CE  1 
ATOM   182  N  N   . GLN A 1 26 ? 4.175   -4.610  -8.125  1.00 37.05  ? 26  GLN A N   1 
ATOM   183  C  CA  . GLN A 1 26 ? 2.812   -4.418  -8.589  1.00 34.76  ? 26  GLN A CA  1 
ATOM   184  C  C   . GLN A 1 26 ? 1.797   -4.301  -7.458  1.00 32.17  ? 26  GLN A C   1 
ATOM   185  O  O   . GLN A 1 26 ? 2.067   -4.696  -6.331  1.00 31.92  ? 26  GLN A O   1 
ATOM   186  C  CB  . GLN A 1 26 ? 2.427   -5.595  -9.476  1.00 40.07  ? 26  GLN A CB  1 
ATOM   187  C  CG  . GLN A 1 26 ? 2.656   -6.920  -8.785  1.00 45.81  ? 26  GLN A CG  1 
ATOM   188  C  CD  . GLN A 1 26 ? 2.113   -8.091  -9.563  1.00 50.80  ? 26  GLN A CD  1 
ATOM   189  O  OE1 . GLN A 1 26 ? 0.916   -8.159  -9.842  1.00 53.39  ? 26  GLN A OE1 1 
ATOM   190  N  NE2 . GLN A 1 26 ? 2.989   -9.031  -9.916  1.00 51.86  ? 26  GLN A NE2 1 
ATOM   191  N  N   . ARG A 1 27 ? 0.629   -3.747  -7.776  1.00 27.47  ? 27  ARG A N   1 
ATOM   192  C  CA  . ARG A 1 27 ? -0.458  -3.627  -6.812  1.00 25.36  ? 27  ARG A CA  1 
ATOM   193  C  C   . ARG A 1 27 ? -1.807  -3.636  -7.537  1.00 24.50  ? 27  ARG A C   1 
ATOM   194  O  O   . ARG A 1 27 ? -1.882  -3.446  -8.756  1.00 21.42  ? 27  ARG A O   1 
ATOM   195  C  CB  . ARG A 1 27 ? -0.314  -2.370  -5.947  1.00 26.47  ? 27  ARG A CB  1 
ATOM   196  C  CG  . ARG A 1 27 ? -0.614  -1.051  -6.625  1.00 26.62  ? 27  ARG A CG  1 
ATOM   197  C  CD  . ARG A 1 27 ? -0.153  0.097   -5.749  1.00 28.54  ? 27  ARG A CD  1 
ATOM   198  N  NE  . ARG A 1 27 ? -0.958  0.271   -4.536  1.00 30.15  ? 27  ARG A NE  1 
ATOM   199  C  CZ  . ARG A 1 27 ? -0.569  0.973   -3.466  1.00 28.47  ? 27  ARG A CZ  1 
ATOM   200  N  NH1 . ARG A 1 27 ? 0.623   1.570   -3.443  1.00 23.45  ? 27  ARG A NH1 1 
ATOM   201  N  NH2 . ARG A 1 27 ? -1.378  1.090   -2.417  1.00 28.79  ? 27  ARG A NH2 1 
ATOM   202  N  N   . TYR A 1 28 ? -2.865  -3.880  -6.774  1.00 25.06  ? 28  TYR A N   1 
ATOM   203  C  CA  . TYR A 1 28 ? -4.210  -3.944  -7.315  1.00 24.85  ? 28  TYR A CA  1 
ATOM   204  C  C   . TYR A 1 28 ? -5.002  -2.716  -6.936  1.00 24.86  ? 28  TYR A C   1 
ATOM   205  O  O   . TYR A 1 28 ? -4.679  -2.007  -5.991  1.00 21.72  ? 28  TYR A O   1 
ATOM   206  C  CB  . TYR A 1 28 ? -4.965  -5.151  -6.755  1.00 25.62  ? 28  TYR A CB  1 
ATOM   207  C  CG  . TYR A 1 28 ? -4.432  -6.482  -7.186  1.00 29.87  ? 28  TYR A CG  1 
ATOM   208  C  CD1 . TYR A 1 28 ? -4.777  -7.024  -8.420  1.00 28.80  ? 28  TYR A CD1 1 
ATOM   209  C  CD2 . TYR A 1 28 ? -3.562  -7.203  -6.368  1.00 31.63  ? 28  TYR A CD2 1 
ATOM   210  C  CE1 . TYR A 1 28 ? -4.271  -8.256  -8.838  1.00 30.10  ? 28  TYR A CE1 1 
ATOM   211  C  CE2 . TYR A 1 28 ? -3.045  -8.447  -6.777  1.00 31.45  ? 28  TYR A CE2 1 
ATOM   212  C  CZ  . TYR A 1 28 ? -3.406  -8.962  -8.013  1.00 32.26  ? 28  TYR A CZ  1 
ATOM   213  O  OH  . TYR A 1 28 ? -2.907  -10.178 -8.429  1.00 32.65  ? 28  TYR A OH  1 
ATOM   214  N  N   . PHE A 1 29 ? -6.047  -2.470  -7.704  1.00 25.20  ? 29  PHE A N   1 
ATOM   215  C  CA  . PHE A 1 29 ? -6.958  -1.386  -7.426  1.00 25.54  ? 29  PHE A CA  1 
ATOM   216  C  C   . PHE A 1 29 ? -8.277  -2.100  -7.508  1.00 27.37  ? 29  PHE A C   1 
ATOM   217  O  O   . PHE A 1 29 ? -8.628  -2.652  -8.549  1.00 30.03  ? 29  PHE A O   1 
ATOM   218  C  CB  . PHE A 1 29 ? -6.881  -0.285  -8.480  1.00 26.06  ? 29  PHE A CB  1 
ATOM   219  C  CG  . PHE A 1 29 ? -5.658  0.557   -8.366  1.00 26.76  ? 29  PHE A CG  1 
ATOM   220  C  CD1 . PHE A 1 29 ? -4.450  0.127   -8.904  1.00 27.36  ? 29  PHE A CD1 1 
ATOM   221  C  CD2 . PHE A 1 29 ? -5.693  1.755   -7.664  1.00 26.02  ? 29  PHE A CD2 1 
ATOM   222  C  CE1 . PHE A 1 29 ? -3.291  0.879   -8.741  1.00 29.38  ? 29  PHE A CE1 1 
ATOM   223  C  CE2 . PHE A 1 29 ? -4.542  2.518   -7.491  1.00 26.01  ? 29  PHE A CE2 1 
ATOM   224  C  CZ  . PHE A 1 29 ? -3.339  2.081   -8.029  1.00 27.94  ? 29  PHE A CZ  1 
ATOM   225  N  N   . GLU A 1 30 ? -8.989  -2.136  -6.397  1.00 29.67  ? 30  GLU A N   1 
ATOM   226  C  CA  . GLU A 1 30 ? -10.270 -2.795  -6.378  1.00 33.49  ? 30  GLU A CA  1 
ATOM   227  C  C   . GLU A 1 30 ? -11.374 -1.845  -5.970  1.00 34.18  ? 30  GLU A C   1 
ATOM   228  O  O   . GLU A 1 30 ? -11.133 -0.815  -5.343  1.00 35.23  ? 30  GLU A O   1 
ATOM   229  C  CB  . GLU A 1 30 ? -10.227 -4.008  -5.449  1.00 39.89  ? 30  GLU A CB  1 
ATOM   230  C  CG  . GLU A 1 30 ? -9.623  -3.761  -4.094  1.00 42.81  ? 30  GLU A CG  1 
ATOM   231  C  CD  . GLU A 1 30 ? -9.583  -5.026  -3.239  1.00 45.98  ? 30  GLU A CD  1 
ATOM   232  O  OE1 . GLU A 1 30 ? -8.905  -6.005  -3.626  1.00 43.19  ? 30  GLU A OE1 1 
ATOM   233  O  OE2 . GLU A 1 30 ? -10.237 -5.036  -2.172  1.00 49.76  ? 30  GLU A OE2 1 
ATOM   234  N  N   . VAL A 1 31 ? -12.586 -2.196  -6.372  1.00 30.73  ? 31  VAL A N   1 
ATOM   235  C  CA  . VAL A 1 31 ? -13.774 -1.425  -6.063  1.00 33.26  ? 31  VAL A CA  1 
ATOM   236  C  C   . VAL A 1 31 ? -14.737 -2.422  -5.436  1.00 35.58  ? 31  VAL A C   1 
ATOM   237  O  O   . VAL A 1 31 ? -15.108 -3.410  -6.064  1.00 35.95  ? 31  VAL A O   1 
ATOM   238  C  CB  . VAL A 1 31 ? -14.414 -0.831  -7.346  1.00 34.75  ? 31  VAL A CB  1 
ATOM   239  C  CG1 . VAL A 1 31 ? -15.776 -0.236  -7.030  1.00 35.82  ? 31  VAL A CG1 1 
ATOM   240  C  CG2 . VAL A 1 31 ? -13.519 0.233   -7.925  1.00 32.22  ? 31  VAL A CG2 1 
ATOM   241  N  N   . ASN A 1 32 ? -15.112 -2.183  -4.184  1.00 55.28  ? 32  ASN A N   1 
ATOM   242  C  CA  . ASN A 1 32 ? -16.049 -3.066  -3.492  1.00 57.88  ? 32  ASN A CA  1 
ATOM   243  C  C   . ASN A 1 32 ? -15.500 -4.488  -3.320  1.00 55.65  ? 32  ASN A C   1 
ATOM   244  O  O   . ASN A 1 32 ? -16.200 -5.471  -3.572  1.00 57.19  ? 32  ASN A O   1 
ATOM   245  C  CB  . ASN A 1 32 ? -17.381 -3.098  -4.261  1.00 80.44  ? 32  ASN A CB  1 
ATOM   246  C  CG  . ASN A 1 32 ? -18.514 -3.671  -3.442  1.00 84.46  ? 32  ASN A CG  1 
ATOM   247  O  OD1 . ASN A 1 32 ? -18.700 -3.306  -2.279  1.00 87.35  ? 32  ASN A OD1 1 
ATOM   248  N  ND2 . ASN A 1 32 ? -19.292 -4.565  -4.047  1.00 86.18  ? 32  ASN A ND2 1 
ATOM   249  N  N   . GLY A 1 33 ? -14.244 -4.584  -2.894  1.00 39.02  ? 33  GLY A N   1 
ATOM   250  C  CA  . GLY A 1 33 ? -13.615 -5.876  -2.678  1.00 35.09  ? 33  GLY A CA  1 
ATOM   251  C  C   . GLY A 1 33 ? -13.219 -6.660  -3.918  1.00 32.62  ? 33  GLY A C   1 
ATOM   252  O  O   . GLY A 1 33 ? -12.584 -7.708  -3.820  1.00 32.31  ? 33  GLY A O   1 
ATOM   253  N  N   . GLU A 1 34 ? -13.581 -6.158  -5.090  1.00 32.10  ? 34  GLU A N   1 
ATOM   254  C  CA  . GLU A 1 34 ? -13.261 -6.847  -6.336  1.00 30.02  ? 34  GLU A CA  1 
ATOM   255  C  C   . GLU A 1 34 ? -12.105 -6.207  -7.116  1.00 27.50  ? 34  GLU A C   1 
ATOM   256  O  O   . GLU A 1 34 ? -12.094 -5.002  -7.359  1.00 26.18  ? 34  GLU A O   1 
ATOM   257  C  CB  . GLU A 1 34 ? -14.508 -6.902  -7.221  1.00 32.58  ? 34  GLU A CB  1 
ATOM   258  C  CG  . GLU A 1 34 ? -14.302 -7.561  -8.565  1.00 32.61  ? 34  GLU A CG  1 
ATOM   259  C  CD  . GLU A 1 34 ? -15.515 -7.414  -9.464  1.00 33.93  ? 34  GLU A CD  1 
ATOM   260  O  OE1 . GLU A 1 34 ? -16.075 -6.296  -9.514  1.00 35.53  ? 34  GLU A OE1 1 
ATOM   261  O  OE2 . GLU A 1 34 ? -15.900 -8.406  -10.121 1.00 34.01  ? 34  GLU A OE2 1 
ATOM   262  N  N   . LYS A 1 35 ? -11.143 -7.029  -7.516  1.00 26.42  ? 35  LYS A N   1 
ATOM   263  C  CA  . LYS A 1 35 ? -9.998  -6.549  -8.277  1.00 25.95  ? 35  LYS A CA  1 
ATOM   264  C  C   . LYS A 1 35 ? -10.432 -6.083  -9.663  1.00 24.22  ? 35  LYS A C   1 
ATOM   265  O  O   . LYS A 1 35 ? -10.919 -6.872  -10.462 1.00 22.24  ? 35  LYS A O   1 
ATOM   266  C  CB  . LYS A 1 35 ? -8.947  -7.656  -8.423  1.00 29.54  ? 35  LYS A CB  1 
ATOM   267  C  CG  . LYS A 1 35 ? -8.263  -8.064  -7.128  1.00 31.43  ? 35  LYS A CG  1 
ATOM   268  C  CD  . LYS A 1 35 ? -7.497  -9.362  -7.320  1.00 32.91  ? 35  LYS A CD  1 
ATOM   269  C  CE  . LYS A 1 35 ? -6.635  -9.704  -6.110  1.00 35.84  ? 35  LYS A CE  1 
ATOM   270  N  NZ  . LYS A 1 35 ? -7.436  -9.868  -4.865  1.00 37.65  ? 35  LYS A NZ  1 
ATOM   271  N  N   . ILE A 1 36 ? -10.248 -4.795  -9.939  1.00 24.17  ? 36  ILE A N   1 
ATOM   272  C  CA  . ILE A 1 36 ? -10.602 -4.236  -11.231 1.00 22.84  ? 36  ILE A CA  1 
ATOM   273  C  C   . ILE A 1 36 ? -9.377  -4.260  -12.132 1.00 22.59  ? 36  ILE A C   1 
ATOM   274  O  O   . ILE A 1 36 ? -9.477  -4.599  -13.310 1.00 24.05  ? 36  ILE A O   1 
ATOM   275  C  CB  . ILE A 1 36 ? -11.091 -2.785  -11.110 1.00 22.50  ? 36  ILE A CB  1 
ATOM   276  C  CG1 . ILE A 1 36 ? -12.320 -2.730  -10.208 1.00 23.62  ? 36  ILE A CG1 1 
ATOM   277  C  CG2 . ILE A 1 36 ? -11.417 -2.230  -12.486 1.00 21.83  ? 36  ILE A CG2 1 
ATOM   278  C  CD1 . ILE A 1 36 ? -13.580 -3.529  -10.652 1.00 39.50  ? 36  ILE A CD1 1 
ATOM   279  N  N   . CYS A 1 37 ? -8.228  -3.900  -11.564 1.00 19.86  ? 37  CYS A N   1 
ATOM   280  C  CA  . CYS A 1 37 ? -6.972  -3.882  -12.305 1.00 19.95  ? 37  CYS A CA  1 
ATOM   281  C  C   . CYS A 1 37 ? -5.727  -3.897  -11.400 1.00 21.31  ? 37  CYS A C   1 
ATOM   282  O  O   . CYS A 1 37 ? -5.800  -3.667  -10.195 1.00 20.32  ? 37  CYS A O   1 
ATOM   283  C  CB  . CYS A 1 37 ? -6.923  -2.646  -13.218 1.00 20.53  ? 37  CYS A CB  1 
ATOM   284  S  SG  . CYS A 1 37 ? -6.850  -1.052  -12.342 1.00 21.26  ? 37  CYS A SG  1 
ATOM   285  N  N   . SER A 1 38 ? -4.580  -4.201  -11.993 1.00 25.33  ? 38  SER A N   1 
ATOM   286  C  CA  . SER A 1 38 ? -3.330  -4.195  -11.258 1.00 26.31  ? 38  SER A CA  1 
ATOM   287  C  C   . SER A 1 38 ? -2.305  -3.441  -12.104 1.00 27.63  ? 38  SER A C   1 
ATOM   288  O  O   . SER A 1 38 ? -2.386  -3.423  -13.336 1.00 26.76  ? 38  SER A O   1 
ATOM   289  C  CB  . SER A 1 38 ? -2.848  -5.613  -10.992 1.00 28.06  ? 38  SER A CB  1 
ATOM   290  O  OG  . SER A 1 38 ? -2.542  -6.276  -12.199 1.00 35.60  ? 38  SER A OG  1 
ATOM   291  N  N   . VAL A 1 39 ? -1.360  -2.790  -11.444 1.00 24.68  ? 39  VAL A N   1 
ATOM   292  C  CA  . VAL A 1 39 ? -0.340  -2.060  -12.166 1.00 25.76  ? 39  VAL A CA  1 
ATOM   293  C  C   . VAL A 1 39 ? 1.033   -2.540  -11.721 1.00 25.04  ? 39  VAL A C   1 
ATOM   294  O  O   . VAL A 1 39 ? 1.282   -2.735  -10.537 1.00 23.87  ? 39  VAL A O   1 
ATOM   295  C  CB  . VAL A 1 39 ? -0.469  -0.525  -11.941 1.00 34.34  ? 39  VAL A CB  1 
ATOM   296  C  CG1 . VAL A 1 39 ? -0.422  -0.211  -10.457 1.00 36.37  ? 39  VAL A CG1 1 
ATOM   297  C  CG2 . VAL A 1 39 ? 0.652   0.216   -12.671 1.00 34.14  ? 39  VAL A CG2 1 
ATOM   298  N  N   . LYS A 1 40 ? 1.911   -2.751  -12.688 1.00 24.37  ? 40  LYS A N   1 
ATOM   299  C  CA  . LYS A 1 40 ? 3.261   -3.198  -12.403 1.00 25.27  ? 40  LYS A CA  1 
ATOM   300  C  C   . LYS A 1 40 ? 4.237   -2.145  -12.924 1.00 26.35  ? 40  LYS A C   1 
ATOM   301  O  O   . LYS A 1 40 ? 4.095   -1.641  -14.047 1.00 25.40  ? 40  LYS A O   1 
ATOM   302  C  CB  . LYS A 1 40 ? 3.509   -4.542  -13.081 1.00 36.57  ? 40  LYS A CB  1 
ATOM   303  C  CG  . LYS A 1 40 ? 4.787   -5.234  -12.673 1.00 41.00  ? 40  LYS A CG  1 
ATOM   304  C  CD  . LYS A 1 40 ? 4.796   -6.670  -13.187 1.00 44.57  ? 40  LYS A CD  1 
ATOM   305  C  CE  . LYS A 1 40 ? 6.007   -7.438  -12.683 1.00 47.11  ? 40  LYS A CE  1 
ATOM   306  N  NZ  . LYS A 1 40 ? 5.990   -8.857  -13.132 1.00 49.19  ? 40  LYS A NZ  1 
ATOM   307  N  N   . TYR A 1 41 ? 5.206   -1.785  -12.096 1.00 27.87  ? 41  TYR A N   1 
ATOM   308  C  CA  . TYR A 1 41 ? 6.195   -0.797  -12.491 1.00 30.54  ? 41  TYR A CA  1 
ATOM   309  C  C   . TYR A 1 41 ? 7.512   -1.451  -12.855 1.00 33.19  ? 41  TYR A C   1 
ATOM   310  O  O   . TYR A 1 41 ? 8.101   -2.154  -12.033 1.00 33.16  ? 41  TYR A O   1 
ATOM   311  C  CB  . TYR A 1 41 ? 6.440   0.212   -11.368 1.00 32.22  ? 41  TYR A CB  1 
ATOM   312  C  CG  . TYR A 1 41 ? 7.466   1.254   -11.744 1.00 31.97  ? 41  TYR A CG  1 
ATOM   313  C  CD1 . TYR A 1 41 ? 7.166   2.236   -12.684 1.00 31.90  ? 41  TYR A CD1 1 
ATOM   314  C  CD2 . TYR A 1 41 ? 8.741   1.248   -11.182 1.00 32.56  ? 41  TYR A CD2 1 
ATOM   315  C  CE1 . TYR A 1 41 ? 8.104   3.194   -13.062 1.00 32.58  ? 41  TYR A CE1 1 
ATOM   316  C  CE2 . TYR A 1 41 ? 9.700   2.206   -11.553 1.00 34.48  ? 41  TYR A CE2 1 
ATOM   317  C  CZ  . TYR A 1 41 ? 9.369   3.176   -12.495 1.00 34.92  ? 41  TYR A CZ  1 
ATOM   318  O  OH  . TYR A 1 41 ? 10.289  4.134   -12.862 1.00 33.76  ? 41  TYR A OH  1 
ATOM   319  N  N   . PHE A 1 42 ? 7.969   -1.227  -14.084 1.00 28.28  ? 42  PHE A N   1 
ATOM   320  C  CA  . PHE A 1 42 ? 9.243   -1.780  -14.532 1.00 32.31  ? 42  PHE A CA  1 
ATOM   321  C  C   . PHE A 1 42 ? 10.270  -0.659  -14.583 1.00 34.34  ? 42  PHE A C   1 
ATOM   322  O  O   . PHE A 1 42 ? 10.125  0.273   -15.365 1.00 34.31  ? 42  PHE A O   1 
ATOM   323  C  CB  . PHE A 1 42 ? 9.115   -2.399  -15.925 1.00 42.21  ? 42  PHE A CB  1 
ATOM   324  C  CG  . PHE A 1 42 ? 8.174   -3.562  -15.990 1.00 44.17  ? 42  PHE A CG  1 
ATOM   325  C  CD1 . PHE A 1 42 ? 6.799   -3.365  -16.050 1.00 44.68  ? 42  PHE A CD1 1 
ATOM   326  C  CD2 . PHE A 1 42 ? 8.660   -4.861  -15.975 1.00 44.85  ? 42  PHE A CD2 1 
ATOM   327  C  CE1 . PHE A 1 42 ? 5.924   -4.450  -16.092 1.00 46.53  ? 42  PHE A CE1 1 
ATOM   328  C  CE2 . PHE A 1 42 ? 7.793   -5.953  -16.018 1.00 45.69  ? 42  PHE A CE2 1 
ATOM   329  C  CZ  . PHE A 1 42 ? 6.427   -5.747  -16.076 1.00 46.85  ? 42  PHE A CZ  1 
ATOM   330  N  N   . GLU A 1 43 ? 11.303  -0.738  -13.747 1.00 78.80  ? 43  GLU A N   1 
ATOM   331  C  CA  . GLU A 1 43 ? 12.340  0.294   -13.749 1.00 83.43  ? 43  GLU A CA  1 
ATOM   332  C  C   . GLU A 1 43 ? 13.332  0.016   -14.866 1.00 85.33  ? 43  GLU A C   1 
ATOM   333  O  O   . GLU A 1 43 ? 14.482  0.452   -14.819 1.00 86.63  ? 43  GLU A O   1 
ATOM   334  C  CB  . GLU A 1 43 ? 13.067  0.343   -12.411 1.00 88.26  ? 43  GLU A CB  1 
ATOM   335  C  CG  . GLU A 1 43 ? 13.953  -0.846  -12.140 1.00 91.26  ? 43  GLU A CG  1 
ATOM   336  C  CD  . GLU A 1 43 ? 13.833  -1.311  -10.711 1.00 92.04  ? 43  GLU A CD  1 
ATOM   337  O  OE1 . GLU A 1 43 ? 12.728  -1.746  -10.322 1.00 92.07  ? 43  GLU A OE1 1 
ATOM   338  O  OE2 . GLU A 1 43 ? 14.838  -1.235  -9.979  1.00 92.69  ? 43  GLU A OE2 1 
ATOM   339  N  N   . LYS A 1 44 ? 12.859  -0.728  -15.863 1.00 82.76  ? 44  LYS A N   1 
ATOM   340  C  CA  . LYS A 1 44 ? 13.631  -1.077  -17.049 1.00 82.08  ? 44  LYS A CA  1 
ATOM   341  C  C   . LYS A 1 44 ? 13.313  0.061   -18.008 1.00 81.44  ? 44  LYS A C   1 
ATOM   342  O  O   . LYS A 1 44 ? 13.331  -0.073  -19.233 1.00 81.25  ? 44  LYS A O   1 
ATOM   343  C  CB  . LYS A 1 44 ? 13.149  -2.415  -17.607 1.00 63.07  ? 44  LYS A CB  1 
ATOM   344  C  CG  . LYS A 1 44 ? 13.267  -3.567  -16.616 1.00 63.71  ? 44  LYS A CG  1 
ATOM   345  C  CD  . LYS A 1 44 ? 12.203  -3.495  -15.531 1.00 63.60  ? 44  LYS A CD  1 
ATOM   346  C  CE  . LYS A 1 44 ? 12.434  -4.513  -14.428 1.00 62.70  ? 44  LYS A CE  1 
ATOM   347  N  NZ  . LYS A 1 44 ? 13.568  -4.117  -13.557 1.00 63.81  ? 44  LYS A NZ  1 
ATOM   348  N  N   . ASN A 1 45 ? 13.015  1.183   -17.373 1.00 58.92  ? 45  ASN A N   1 
ATOM   349  C  CA  . ASN A 1 45 ? 12.654  2.453   -17.975 1.00 59.10  ? 45  ASN A CA  1 
ATOM   350  C  C   . ASN A 1 45 ? 11.933  3.029   -16.766 1.00 57.74  ? 45  ASN A C   1 
ATOM   351  O  O   . ASN A 1 45 ? 12.306  2.743   -15.628 1.00 57.49  ? 45  ASN A O   1 
ATOM   352  C  CB  . ASN A 1 45 ? 11.668  2.278   -19.134 1.00 67.64  ? 45  ASN A CB  1 
ATOM   353  C  CG  . ASN A 1 45 ? 11.538  3.539   -19.994 1.00 69.97  ? 45  ASN A CG  1 
ATOM   354  O  OD1 . ASN A 1 45 ? 12.197  3.674   -21.033 1.00 68.79  ? 45  ASN A OD1 1 
ATOM   355  N  ND2 . ASN A 1 45 ? 10.692  4.469   -19.556 1.00 69.23  ? 45  ASN A ND2 1 
ATOM   356  N  N   . GLN A 1 46 ? 10.893  3.810   -17.000 1.00 63.16  ? 46  GLN A N   1 
ATOM   357  C  CA  . GLN A 1 46 ? 10.132  4.385   -15.902 1.00 60.66  ? 46  GLN A CA  1 
ATOM   358  C  C   . GLN A 1 46 ? 8.679   4.156   -16.293 1.00 57.87  ? 46  GLN A C   1 
ATOM   359  O  O   . GLN A 1 46 ? 7.839   5.043   -16.142 1.00 59.46  ? 46  GLN A O   1 
ATOM   360  C  CB  . GLN A 1 46 ? 10.430  5.883   -15.793 1.00 61.65  ? 46  GLN A CB  1 
ATOM   361  C  CG  . GLN A 1 46 ? 11.920  6.229   -15.868 1.00 63.38  ? 46  GLN A CG  1 
ATOM   362  C  CD  . GLN A 1 46 ? 12.651  6.003   -14.556 1.00 65.08  ? 46  GLN A CD  1 
ATOM   363  O  OE1 . GLN A 1 46 ? 12.495  6.777   -13.613 1.00 66.87  ? 46  GLN A OE1 1 
ATOM   364  N  NE2 . GLN A 1 46 ? 13.446  4.939   -14.487 1.00 63.05  ? 46  GLN A NE2 1 
ATOM   365  N  N   . THR A 1 47 ? 8.393   2.949   -16.779 1.00 41.39  ? 47  THR A N   1 
ATOM   366  C  CA  . THR A 1 47 ? 7.058   2.601   -17.252 1.00 36.92  ? 47  THR A CA  1 
ATOM   367  C  C   . THR A 1 47 ? 6.158   1.744   -16.373 1.00 33.87  ? 47  THR A C   1 
ATOM   368  O  O   . THR A 1 47 ? 6.603   0.946   -15.549 1.00 32.49  ? 47  THR A O   1 
ATOM   369  C  CB  . THR A 1 47 ? 7.131   1.899   -18.619 1.00 39.03  ? 47  THR A CB  1 
ATOM   370  O  OG1 . THR A 1 47 ? 7.730   0.605   -18.459 1.00 36.86  ? 47  THR A OG1 1 
ATOM   371  C  CG2 . THR A 1 47 ? 7.955   2.729   -19.604 1.00 38.96  ? 47  THR A CG2 1 
ATOM   372  N  N   . PHE A 1 48 ? 4.865   1.915   -16.588 1.00 37.11  ? 48  PHE A N   1 
ATOM   373  C  CA  . PHE A 1 48 ? 3.861   1.172   -15.860 1.00 35.48  ? 48  PHE A CA  1 
ATOM   374  C  C   . PHE A 1 48 ? 3.144   0.259   -16.833 1.00 34.19  ? 48  PHE A C   1 
ATOM   375  O  O   . PHE A 1 48 ? 2.930   0.614   -17.994 1.00 34.14  ? 48  PHE A O   1 
ATOM   376  C  CB  . PHE A 1 48 ? 2.841   2.117   -15.237 1.00 27.48  ? 48  PHE A CB  1 
ATOM   377  C  CG  . PHE A 1 48 ? 3.423   3.059   -14.228 1.00 29.26  ? 48  PHE A CG  1 
ATOM   378  C  CD1 . PHE A 1 48 ? 4.171   4.159   -14.630 1.00 28.87  ? 48  PHE A CD1 1 
ATOM   379  C  CD2 . PHE A 1 48 ? 3.235   2.841   -12.870 1.00 28.91  ? 48  PHE A CD2 1 
ATOM   380  C  CE1 . PHE A 1 48 ? 4.722   5.027   -13.693 1.00 29.12  ? 48  PHE A CE1 1 
ATOM   381  C  CE2 . PHE A 1 48 ? 3.783   3.702   -11.926 1.00 26.42  ? 48  PHE A CE2 1 
ATOM   382  C  CZ  . PHE A 1 48 ? 4.525   4.792   -12.334 1.00 26.65  ? 48  PHE A CZ  1 
ATOM   383  N  N   . GLU A 1 49 ? 2.803   -0.932  -16.367 1.00 27.24  ? 49  GLU A N   1 
ATOM   384  C  CA  . GLU A 1 49 ? 2.060   -1.872  -17.185 1.00 26.24  ? 49  GLU A CA  1 
ATOM   385  C  C   . GLU A 1 49 ? 0.726   -2.099  -16.480 1.00 24.69  ? 49  GLU A C   1 
ATOM   386  O  O   . GLU A 1 49 ? 0.676   -2.610  -15.362 1.00 23.92  ? 49  GLU A O   1 
ATOM   387  C  CB  . GLU A 1 49 ? 2.808   -3.191  -17.320 1.00 37.35  ? 49  GLU A CB  1 
ATOM   388  C  CG  . GLU A 1 49 ? 2.086   -4.183  -18.212 1.00 41.61  ? 49  GLU A CG  1 
ATOM   389  C  CD  . GLU A 1 49 ? 2.740   -5.545  -18.213 1.00 43.84  ? 49  GLU A CD  1 
ATOM   390  O  OE1 . GLU A 1 49 ? 2.802   -6.178  -17.135 1.00 48.77  ? 49  GLU A OE1 1 
ATOM   391  O  OE2 . GLU A 1 49 ? 3.189   -5.983  -19.289 1.00 44.34  ? 49  GLU A OE2 1 
ATOM   392  N  N   . LEU A 1 50 ? -0.351  -1.686  -17.126 1.00 27.28  ? 50  LEU A N   1 
ATOM   393  C  CA  . LEU A 1 50 ? -1.673  -1.850  -16.553 1.00 25.67  ? 50  LEU A CA  1 
ATOM   394  C  C   . LEU A 1 50 ? -2.367  -3.098  -17.100 1.00 23.61  ? 50  LEU A C   1 
ATOM   395  O  O   . LEU A 1 50 ? -2.455  -3.299  -18.309 1.00 21.80  ? 50  LEU A O   1 
ATOM   396  C  CB  . LEU A 1 50 ? -2.518  -0.619  -16.850 1.00 26.98  ? 50  LEU A CB  1 
ATOM   397  C  CG  . LEU A 1 50 ? -3.942  -0.611  -16.292 1.00 28.88  ? 50  LEU A CG  1 
ATOM   398  C  CD1 . LEU A 1 50 ? -3.929  -0.303  -14.803 1.00 26.84  ? 50  LEU A CD1 1 
ATOM   399  C  CD2 . LEU A 1 50 ? -4.757  0.432   -17.030 1.00 29.96  ? 50  LEU A CD2 1 
ATOM   400  N  N   . THR A 1 51 ? -2.843  -3.934  -16.189 1.00 23.94  ? 51  THR A N   1 
ATOM   401  C  CA  . THR A 1 51 ? -3.552  -5.155  -16.534 1.00 21.52  ? 51  THR A CA  1 
ATOM   402  C  C   . THR A 1 51 ? -5.014  -4.979  -16.123 1.00 21.68  ? 51  THR A C   1 
ATOM   403  O  O   . THR A 1 51 ? -5.312  -4.699  -14.961 1.00 19.67  ? 51  THR A O   1 
ATOM   404  C  CB  . THR A 1 51 ? -2.922  -6.356  -15.809 1.00 20.90  ? 51  THR A CB  1 
ATOM   405  O  OG1 . THR A 1 51 ? -1.574  -6.518  -16.268 1.00 20.45  ? 51  THR A OG1 1 
ATOM   406  C  CG2 . THR A 1 51 ? -3.695  -7.625  -16.090 1.00 18.09  ? 51  THR A CG2 1 
ATOM   407  N  N   . VAL A 1 52 ? -5.914  -5.120  -17.097 1.00 21.36  ? 52  VAL A N   1 
ATOM   408  C  CA  . VAL A 1 52 ? -7.349  -4.952  -16.881 1.00 21.84  ? 52  VAL A CA  1 
ATOM   409  C  C   . VAL A 1 52 ? -8.052  -6.307  -16.897 1.00 22.83  ? 52  VAL A C   1 
ATOM   410  O  O   . VAL A 1 52 ? -8.055  -7.009  -17.911 1.00 22.12  ? 52  VAL A O   1 
ATOM   411  C  CB  . VAL A 1 52 ? -7.968  -4.073  -17.993 1.00 23.13  ? 52  VAL A CB  1 
ATOM   412  C  CG1 . VAL A 1 52 ? -9.425  -3.759  -17.662 1.00 20.82  ? 52  VAL A CG1 1 
ATOM   413  C  CG2 . VAL A 1 52 ? -7.146  -2.806  -18.174 1.00 23.67  ? 52  VAL A CG2 1 
ATOM   414  N  N   . PHE A 1 53 ? -8.676  -6.664  -15.784 1.00 22.85  ? 53  PHE A N   1 
ATOM   415  C  CA  . PHE A 1 53 ? -9.337  -7.961  -15.698 1.00 24.39  ? 53  PHE A CA  1 
ATOM   416  C  C   . PHE A 1 53 ? -10.717 -8.025  -16.347 1.00 24.98  ? 53  PHE A C   1 
ATOM   417  O  O   . PHE A 1 53 ? -11.439 -7.028  -16.439 1.00 23.57  ? 53  PHE A O   1 
ATOM   418  C  CB  . PHE A 1 53 ? -9.426  -8.395  -14.225 1.00 20.12  ? 53  PHE A CB  1 
ATOM   419  C  CG  . PHE A 1 53 ? -8.086  -8.441  -13.531 1.00 21.40  ? 53  PHE A CG  1 
ATOM   420  C  CD1 . PHE A 1 53 ? -7.113  -9.355  -13.929 1.00 18.76  ? 53  PHE A CD1 1 
ATOM   421  C  CD2 . PHE A 1 53 ? -7.776  -7.529  -12.520 1.00 20.19  ? 53  PHE A CD2 1 
ATOM   422  C  CE1 . PHE A 1 53 ? -5.847  -9.359  -13.334 1.00 22.26  ? 53  PHE A CE1 1 
ATOM   423  C  CE2 . PHE A 1 53 ? -6.513  -7.521  -11.917 1.00 20.71  ? 53  PHE A CE2 1 
ATOM   424  C  CZ  . PHE A 1 53 ? -5.547  -8.436  -12.324 1.00 21.77  ? 53  PHE A CZ  1 
ATOM   425  N  N   . GLN A 1 54 ? -11.053 -9.212  -16.827 1.00 29.29  ? 54  GLN A N   1 
ATOM   426  C  CA  . GLN A 1 54 ? -12.351 -9.472  -17.430 1.00 33.73  ? 54  GLN A CA  1 
ATOM   427  C  C   . GLN A 1 54 ? -12.677 -10.930 -17.105 1.00 32.48  ? 54  GLN A C   1 
ATOM   428  O  O   . GLN A 1 54 ? -11.888 -11.822 -17.409 1.00 33.58  ? 54  GLN A O   1 
ATOM   429  C  CB  . GLN A 1 54 ? -12.318 -9.263  -18.951 1.00 42.36  ? 54  GLN A CB  1 
ATOM   430  C  CG  . GLN A 1 54 ? -13.658 -9.556  -19.623 1.00 46.39  ? 54  GLN A CG  1 
ATOM   431  C  CD  . GLN A 1 54 ? -13.644 -9.364  -21.137 1.00 51.42  ? 54  GLN A CD  1 
ATOM   432  O  OE1 . GLN A 1 54 ? -12.808 -9.934  -21.846 1.00 51.53  ? 54  GLN A OE1 1 
ATOM   433  N  NE2 . GLN A 1 54 ? -14.589 -8.570  -21.641 1.00 52.87  ? 54  GLN A NE2 1 
ATOM   434  N  N   . LYS A 1 55 ? -13.823 -11.162 -16.475 1.00 23.46  ? 55  LYS A N   1 
ATOM   435  C  CA  . LYS A 1 55 ? -14.235 -12.512 -16.105 1.00 24.74  ? 55  LYS A CA  1 
ATOM   436  C  C   . LYS A 1 55 ? -14.204 -13.556 -17.230 1.00 24.90  ? 55  LYS A C   1 
ATOM   437  O  O   . LYS A 1 55 ? -14.669 -13.313 -18.349 1.00 27.26  ? 55  LYS A O   1 
ATOM   438  C  CB  . LYS A 1 55 ? -15.634 -12.479 -15.501 1.00 29.14  ? 55  LYS A CB  1 
ATOM   439  C  CG  . LYS A 1 55 ? -15.729 -11.837 -14.135 1.00 29.98  ? 55  LYS A CG  1 
ATOM   440  C  CD  . LYS A 1 55 ? -17.129 -12.035 -13.571 1.00 33.69  ? 55  LYS A CD  1 
ATOM   441  C  CE  . LYS A 1 55 ? -17.264 -11.477 -12.177 1.00 34.86  ? 55  LYS A CE  1 
ATOM   442  N  NZ  . LYS A 1 55 ? -18.646 -11.669 -11.664 1.00 37.98  ? 55  LYS A NZ  1 
ATOM   443  N  N   . GLY A 1 56 ? -13.651 -14.721 -16.914 1.00 27.61  ? 56  GLY A N   1 
ATOM   444  C  CA  . GLY A 1 56 ? -13.566 -15.805 -17.878 1.00 28.47  ? 56  GLY A CA  1 
ATOM   445  C  C   . GLY A 1 56 ? -12.679 -15.498 -19.066 1.00 29.47  ? 56  GLY A C   1 
ATOM   446  O  O   . GLY A 1 56 ? -12.580 -16.292 -20.008 1.00 29.93  ? 56  GLY A O   1 
ATOM   447  N  N   . GLU A 1 57 ? -12.011 -14.353 -19.014 1.00 28.95  ? 57  GLU A N   1 
ATOM   448  C  CA  . GLU A 1 57 ? -11.151 -13.933 -20.106 1.00 30.81  ? 57  GLU A CA  1 
ATOM   449  C  C   . GLU A 1 57 ? -9.715  -13.658 -19.667 1.00 30.50  ? 57  GLU A C   1 
ATOM   450  O  O   . GLU A 1 57 ? -9.460  -13.293 -18.523 1.00 32.64  ? 57  GLU A O   1 
ATOM   451  C  CB  . GLU A 1 57 ? -11.738 -12.670 -20.741 1.00 34.19  ? 57  GLU A CB  1 
ATOM   452  C  CG  . GLU A 1 57 ? -11.769 -12.693 -22.249 1.00 39.13  ? 57  GLU A CG  1 
ATOM   453  C  CD  . GLU A 1 57 ? -12.681 -13.776 -22.796 1.00 39.77  ? 57  GLU A CD  1 
ATOM   454  O  OE1 . GLU A 1 57 ? -13.913 -13.557 -22.857 1.00 39.91  ? 57  GLU A OE1 1 
ATOM   455  O  OE2 . GLU A 1 57 ? -12.156 -14.850 -23.158 1.00 39.43  ? 57  GLU A OE2 1 
ATOM   456  N  N   . LYS A 1 58 ? -8.780  -13.847 -20.584 1.00 24.16  ? 58  LYS A N   1 
ATOM   457  C  CA  . LYS A 1 58 ? -7.374  -13.563 -20.322 1.00 24.65  ? 58  LYS A CA  1 
ATOM   458  C  C   . LYS A 1 58 ? -7.311  -12.030 -20.194 1.00 21.47  ? 58  LYS A C   1 
ATOM   459  O  O   . LYS A 1 58 ? -7.893  -11.310 -21.001 1.00 18.71  ? 58  LYS A O   1 
ATOM   460  C  CB  . LYS A 1 58 ? -6.546  -14.051 -21.517 1.00 49.92  ? 58  LYS A CB  1 
ATOM   461  C  CG  . LYS A 1 58 ? -5.059  -13.810 -21.455 1.00 55.70  ? 58  LYS A CG  1 
ATOM   462  C  CD  . LYS A 1 58 ? -4.409  -14.436 -22.690 1.00 60.91  ? 58  LYS A CD  1 
ATOM   463  C  CE  . LYS A 1 58 ? -2.891  -14.345 -22.658 1.00 63.25  ? 58  LYS A CE  1 
ATOM   464  N  NZ  . LYS A 1 58 ? -2.421  -12.935 -22.682 1.00 64.08  ? 58  LYS A NZ  1 
ATOM   465  N  N   . PRO A 1 59 ? -6.607  -11.510 -19.179 1.00 27.42  ? 59  PRO A N   1 
ATOM   466  C  CA  . PRO A 1 59 ? -6.559  -10.046 -19.058 1.00 28.89  ? 59  PRO A CA  1 
ATOM   467  C  C   . PRO A 1 59 ? -5.720  -9.321  -20.109 1.00 27.24  ? 59  PRO A C   1 
ATOM   468  O  O   . PRO A 1 59 ? -4.766  -9.873  -20.654 1.00 27.60  ? 59  PRO A O   1 
ATOM   469  C  CB  . PRO A 1 59 ? -6.025  -9.836  -17.639 1.00 22.06  ? 59  PRO A CB  1 
ATOM   470  C  CG  . PRO A 1 59 ? -5.101  -11.001 -17.464 1.00 22.48  ? 59  PRO A CG  1 
ATOM   471  C  CD  . PRO A 1 59 ? -5.894  -12.159 -18.065 1.00 20.81  ? 59  PRO A CD  1 
ATOM   472  N  N   . ASN A 1 60 ? -6.085  -8.077  -20.388 1.00 23.05  ? 60  ASN A N   1 
ATOM   473  C  CA  . ASN A 1 60 ? -5.342  -7.275  -21.353 1.00 23.26  ? 60  ASN A CA  1 
ATOM   474  C  C   . ASN A 1 60 ? -4.399  -6.316  -20.647 1.00 22.42  ? 60  ASN A C   1 
ATOM   475  O  O   . ASN A 1 60 ? -4.725  -5.779  -19.591 1.00 22.38  ? 60  ASN A O   1 
ATOM   476  C  CB  . ASN A 1 60 ? -6.305  -6.517  -22.263 1.00 25.98  ? 60  ASN A CB  1 
ATOM   477  C  CG  . ASN A 1 60 ? -6.795  -7.374  -23.418 1.00 25.64  ? 60  ASN A CG  1 
ATOM   478  O  OD1 . ASN A 1 60 ? -6.894  -8.589  -23.298 1.00 26.45  ? 60  ASN A OD1 1 
ATOM   479  N  ND2 . ASN A 1 60 ? -7.105  -6.737  -24.543 1.00 31.50  ? 60  ASN A ND2 1 
ATOM   480  N  N   . THR A 1 61 ? -3.215  -6.126  -21.222 1.00 26.58  ? 61  THR A N   1 
ATOM   481  C  CA  . THR A 1 61 ? -2.222  -5.232  -20.639 1.00 25.75  ? 61  THR A CA  1 
ATOM   482  C  C   . THR A 1 61 ? -1.948  -4.046  -21.543 1.00 24.56  ? 61  THR A C   1 
ATOM   483  O  O   . THR A 1 61 ? -1.984  -4.162  -22.760 1.00 26.72  ? 61  THR A O   1 
ATOM   484  C  CB  . THR A 1 61 ? -0.903  -5.942  -20.406 1.00 26.67  ? 61  THR A CB  1 
ATOM   485  O  OG1 . THR A 1 61 ? -0.336  -6.300  -21.668 1.00 31.38  ? 61  THR A OG1 1 
ATOM   486  C  CG2 . THR A 1 61 ? -1.111  -7.182  -19.571 1.00 26.24  ? 61  THR A CG2 1 
ATOM   487  N  N   . TYR A 1 62 ? -1.669  -2.906  -20.928 1.00 22.47  ? 62  TYR A N   1 
ATOM   488  C  CA  . TYR A 1 62 ? -1.393  -1.673  -21.651 1.00 21.00  ? 62  TYR A CA  1 
ATOM   489  C  C   . TYR A 1 62 ? -0.194  -0.963  -21.041 1.00 20.89  ? 62  TYR A C   1 
ATOM   490  O  O   . TYR A 1 62 ? -0.163  -0.698  -19.835 1.00 21.91  ? 62  TYR A O   1 
ATOM   491  C  CB  . TYR A 1 62 ? -2.604  -0.742  -21.589 1.00 17.41  ? 62  TYR A CB  1 
ATOM   492  C  CG  . TYR A 1 62 ? -3.885  -1.403  -22.019 1.00 19.18  ? 62  TYR A CG  1 
ATOM   493  C  CD1 . TYR A 1 62 ? -4.630  -2.180  -21.127 1.00 18.13  ? 62  TYR A CD1 1 
ATOM   494  C  CD2 . TYR A 1 62 ? -4.333  -1.299  -23.335 1.00 19.66  ? 62  TYR A CD2 1 
ATOM   495  C  CE1 . TYR A 1 62 ? -5.794  -2.839  -21.539 1.00 18.77  ? 62  TYR A CE1 1 
ATOM   496  C  CE2 . TYR A 1 62 ? -5.490  -1.955  -23.764 1.00 18.22  ? 62  TYR A CE2 1 
ATOM   497  C  CZ  . TYR A 1 62 ? -6.218  -2.720  -22.862 1.00 21.19  ? 62  TYR A CZ  1 
ATOM   498  O  OH  . TYR A 1 62 ? -7.369  -3.357  -23.282 1.00 24.29  ? 62  TYR A OH  1 
ATOM   499  N  N   . PRO A 1 63 ? 0.824   -0.660  -21.863 1.00 21.50  ? 63  PRO A N   1 
ATOM   500  C  CA  . PRO A 1 63 ? 1.999   0.029   -21.323 1.00 21.30  ? 63  PRO A CA  1 
ATOM   501  C  C   . PRO A 1 63 ? 1.789   1.545   -21.230 1.00 20.83  ? 63  PRO A C   1 
ATOM   502  O  O   . PRO A 1 63 ? 1.059   2.128   -22.019 1.00 22.51  ? 63  PRO A O   1 
ATOM   503  C  CB  . PRO A 1 63 ? 3.098   -0.360  -22.302 1.00 21.05  ? 63  PRO A CB  1 
ATOM   504  C  CG  . PRO A 1 63 ? 2.363   -0.420  -23.610 1.00 20.37  ? 63  PRO A CG  1 
ATOM   505  C  CD  . PRO A 1 63 ? 1.061   -1.110  -23.249 1.00 19.83  ? 63  PRO A CD  1 
ATOM   506  N  N   . PHE A 1 64 ? 2.402   2.161   -20.226 1.00 21.24  ? 64  PHE A N   1 
ATOM   507  C  CA  . PHE A 1 64 ? 2.331   3.602   -19.997 1.00 21.59  ? 64  PHE A CA  1 
ATOM   508  C  C   . PHE A 1 64 ? 3.699   4.015   -19.464 1.00 23.89  ? 64  PHE A C   1 
ATOM   509  O  O   . PHE A 1 64 ? 4.280   3.323   -18.630 1.00 23.78  ? 64  PHE A O   1 
ATOM   510  C  CB  . PHE A 1 64 ? 1.277   3.969   -18.944 1.00 21.29  ? 64  PHE A CB  1 
ATOM   511  C  CG  . PHE A 1 64 ? -0.141  3.755   -19.387 1.00 24.74  ? 64  PHE A CG  1 
ATOM   512  C  CD1 . PHE A 1 64 ? -0.741  2.505   -19.281 1.00 23.73  ? 64  PHE A CD1 1 
ATOM   513  C  CD2 . PHE A 1 64 ? -0.882  4.809   -19.918 1.00 24.38  ? 64  PHE A CD2 1 
ATOM   514  C  CE1 . PHE A 1 64 ? -2.060  2.307   -19.697 1.00 24.76  ? 64  PHE A CE1 1 
ATOM   515  C  CE2 . PHE A 1 64 ? -2.195  4.621   -20.337 1.00 24.71  ? 64  PHE A CE2 1 
ATOM   516  C  CZ  . PHE A 1 64 ? -2.784  3.365   -20.224 1.00 25.94  ? 64  PHE A CZ  1 
ATOM   517  N  N   . ASP A 1 65 ? 4.214   5.139   -19.943 1.00 28.94  ? 65  ASP A N   1 
ATOM   518  C  CA  . ASP A 1 65 ? 5.509   5.619   -19.485 1.00 32.85  ? 65  ASP A CA  1 
ATOM   519  C  C   . ASP A 1 65 ? 5.309   6.865   -18.645 1.00 33.72  ? 65  ASP A C   1 
ATOM   520  O  O   . ASP A 1 65 ? 6.267   7.450   -18.154 1.00 37.74  ? 65  ASP A O   1 
ATOM   521  C  CB  . ASP A 1 65 ? 6.427   5.935   -20.670 1.00 47.15  ? 65  ASP A CB  1 
ATOM   522  C  CG  . ASP A 1 65 ? 5.828   6.957   -21.614 1.00 52.32  ? 65  ASP A CG  1 
ATOM   523  O  OD1 . ASP A 1 65 ? 4.804   6.645   -22.259 1.00 55.88  ? 65  ASP A OD1 1 
ATOM   524  O  OD2 . ASP A 1 65 ? 6.374   8.077   -21.708 1.00 56.42  ? 65  ASP A OD2 1 
ATOM   525  N  N   . ASN A 1 66 ? 4.053   7.255   -18.462 1.00 29.10  ? 66  ASN A N   1 
ATOM   526  C  CA  . ASN A 1 66 ? 3.749   8.433   -17.678 1.00 28.80  ? 66  ASN A CA  1 
ATOM   527  C  C   . ASN A 1 66 ? 2.735   8.152   -16.567 1.00 29.26  ? 66  ASN A C   1 
ATOM   528  O  O   . ASN A 1 66 ? 1.605   7.744   -16.823 1.00 28.69  ? 66  ASN A O   1 
ATOM   529  C  CB  . ASN A 1 66 ? 3.227   9.538   -18.591 1.00 38.12  ? 66  ASN A CB  1 
ATOM   530  C  CG  . ASN A 1 66 ? 2.918   10.804  -17.836 1.00 39.52  ? 66  ASN A CG  1 
ATOM   531  O  OD1 . ASN A 1 66 ? 2.107   10.799  -16.915 1.00 40.79  ? 66  ASN A OD1 1 
ATOM   532  N  ND2 . ASN A 1 66 ? 3.569   11.899  -18.215 1.00 42.10  ? 66  ASN A ND2 1 
ATOM   533  N  N   . ILE A 1 67 ? 3.156   8.399   -15.333 1.00 29.54  ? 67  ILE A N   1 
ATOM   534  C  CA  . ILE A 1 67 ? 2.334   8.178   -14.157 1.00 29.10  ? 67  ILE A CA  1 
ATOM   535  C  C   . ILE A 1 67 ? 0.968   8.886   -14.174 1.00 29.68  ? 67  ILE A C   1 
ATOM   536  O  O   . ILE A 1 67 ? -0.027  8.339   -13.697 1.00 28.36  ? 67  ILE A O   1 
ATOM   537  C  CB  . ILE A 1 67 ? 3.108   8.595   -12.896 1.00 33.68  ? 67  ILE A CB  1 
ATOM   538  C  CG1 . ILE A 1 67 ? 2.368   8.114   -11.651 1.00 33.24  ? 67  ILE A CG1 1 
ATOM   539  C  CG2 . ILE A 1 67 ? 3.286   10.113  -12.870 1.00 32.23  ? 67  ILE A CG2 1 
ATOM   540  C  CD1 . ILE A 1 67 ? 1.125   8.899   -11.157 1.00 39.50  ? 67  ILE A CD1 1 
ATOM   541  N  N   . ASP A 1 68 ? 0.912   10.094  -14.720 1.00 33.53  ? 68  ASP A N   1 
ATOM   542  C  CA  . ASP A 1 68 ? -0.353  10.819  -14.758 1.00 35.56  ? 68  ASP A CA  1 
ATOM   543  C  C   . ASP A 1 68 ? -1.332  10.160  -15.710 1.00 35.10  ? 68  ASP A C   1 
ATOM   544  O  O   . ASP A 1 68 ? -2.533  10.118  -15.446 1.00 34.52  ? 68  ASP A O   1 
ATOM   545  C  CB  . ASP A 1 68 ? -0.149  12.290  -15.173 1.00 37.14  ? 68  ASP A CB  1 
ATOM   546  C  CG  . ASP A 1 68 ? 0.469   13.133  -14.068 1.00 38.43  ? 68  ASP A CG  1 
ATOM   547  O  OD1 . ASP A 1 68 ? 0.275   12.794  -12.885 1.00 37.48  ? 68  ASP A OD1 1 
ATOM   548  O  OD2 . ASP A 1 68 ? 1.134   14.143  -14.380 1.00 41.00  ? 68  ASP A OD2 1 
HETATM 549  N  N   . MSE A 1 69 ? -0.812  9.640   -16.814 1.00 31.72  ? 69  MSE A N   1 
HETATM 550  C  CA  . MSE A 1 69 ? -1.646  8.990   -17.805 1.00 31.48  ? 69  MSE A CA  1 
HETATM 551  C  C   . MSE A 1 69 ? -2.156  7.611   -17.406 1.00 28.39  ? 69  MSE A C   1 
HETATM 552  O  O   . MSE A 1 69 ? -3.251  7.220   -17.801 1.00 27.84  ? 69  MSE A O   1 
HETATM 553  C  CB  . MSE A 1 69 ? -0.892  8.930   -19.118 1.00 53.52  ? 69  MSE A CB  1 
HETATM 554  C  CG  . MSE A 1 69 ? -0.682  10.316  -19.684 1.00 62.42  ? 69  MSE A CG  1 
HETATM 555  SE SE  . MSE A 1 69 ? 0.375   10.330  -21.263 1.00 76.94  ? 69  MSE A SE  1 
HETATM 556  C  CE  . MSE A 1 69 ? -0.901  9.489   -22.458 1.00 69.49  ? 69  MSE A CE  1 
ATOM   557  N  N   . VAL A 1 70 ? -1.373  6.865   -16.638 1.00 23.20  ? 70  VAL A N   1 
ATOM   558  C  CA  . VAL A 1 70 ? -1.821  5.557   -16.208 1.00 20.57  ? 70  VAL A CA  1 
ATOM   559  C  C   . VAL A 1 70 ? -2.838  5.775   -15.085 1.00 20.27  ? 70  VAL A C   1 
ATOM   560  O  O   . VAL A 1 70 ? -3.824  5.060   -14.978 1.00 22.36  ? 70  VAL A O   1 
ATOM   561  C  CB  . VAL A 1 70 ? -0.637  4.689   -15.726 1.00 26.10  ? 70  VAL A CB  1 
ATOM   562  C  CG1 . VAL A 1 70 ? 0.061   5.348   -14.540 1.00 24.27  ? 70  VAL A CG1 1 
ATOM   563  C  CG2 . VAL A 1 70 ? -1.134  3.291   -15.374 1.00 24.59  ? 70  VAL A CG2 1 
ATOM   564  N  N   . SER A 1 71 ? -2.608  6.802   -14.271 1.00 20.83  ? 71  SER A N   1 
ATOM   565  C  CA  . SER A 1 71 ? -3.512  7.138   -13.181 1.00 19.43  ? 71  SER A CA  1 
ATOM   566  C  C   . SER A 1 71 ? -4.903  7.483   -13.700 1.00 20.39  ? 71  SER A C   1 
ATOM   567  O  O   . SER A 1 71 ? -5.914  7.094   -13.120 1.00 20.24  ? 71  SER A O   1 
ATOM   568  C  CB  . SER A 1 71 ? -2.966  8.323   -12.391 1.00 17.23  ? 71  SER A CB  1 
ATOM   569  O  OG  . SER A 1 71 ? -1.786  7.983   -11.673 1.00 22.21  ? 71  SER A OG  1 
ATOM   570  N  N   . ILE A 1 72 ? -4.942  8.229   -14.798 1.00 26.62  ? 72  ILE A N   1 
ATOM   571  C  CA  . ILE A 1 72 ? -6.190  8.652   -15.412 1.00 26.23  ? 72  ILE A CA  1 
ATOM   572  C  C   . ILE A 1 72 ? -6.977  7.448   -15.906 1.00 26.32  ? 72  ILE A C   1 
ATOM   573  O  O   . ILE A 1 72 ? -8.187  7.335   -15.693 1.00 27.32  ? 72  ILE A O   1 
ATOM   574  C  CB  . ILE A 1 72 ? -5.892  9.607   -16.585 1.00 21.38  ? 72  ILE A CB  1 
ATOM   575  C  CG1 . ILE A 1 72 ? -5.372  10.927  -16.023 1.00 21.42  ? 72  ILE A CG1 1 
ATOM   576  C  CG2 . ILE A 1 72 ? -7.126  9.803   -17.452 1.00 15.50  ? 72  ILE A CG2 1 
ATOM   577  C  CD1 . ILE A 1 72 ? -4.717  11.851  -17.048 1.00 39.50  ? 72  ILE A CD1 1 
ATOM   578  N  N   . GLU A 1 73 ? -6.267  6.554   -16.574 1.00 23.40  ? 73  GLU A N   1 
ATOM   579  C  CA  . GLU A 1 73 ? -6.853  5.343   -17.115 1.00 21.79  ? 73  GLU A CA  1 
ATOM   580  C  C   . GLU A 1 73 ? -7.435  4.519   -15.970 1.00 20.91  ? 73  GLU A C   1 
ATOM   581  O  O   . GLU A 1 73 ? -8.558  4.011   -16.061 1.00 21.65  ? 73  GLU A O   1 
ATOM   582  C  CB  . GLU A 1 73 ? -5.765  4.554   -17.846 1.00 22.79  ? 73  GLU A CB  1 
ATOM   583  C  CG  . GLU A 1 73 ? -6.232  3.295   -18.550 1.00 24.89  ? 73  GLU A CG  1 
ATOM   584  C  CD  . GLU A 1 73 ? -6.989  3.585   -19.829 1.00 24.74  ? 73  GLU A CD  1 
ATOM   585  O  OE1 . GLU A 1 73 ? -6.655  4.576   -20.513 1.00 21.07  ? 73  GLU A OE1 1 
ATOM   586  O  OE2 . GLU A 1 73 ? -7.906  2.800   -20.157 1.00 29.38  ? 73  GLU A OE2 1 
ATOM   587  N  N   . ILE A 1 74 ? -6.672  4.386   -14.889 1.00 21.20  ? 74  ILE A N   1 
ATOM   588  C  CA  . ILE A 1 74 ? -7.149  3.621   -13.747 1.00 20.86  ? 74  ILE A CA  1 
ATOM   589  C  C   . ILE A 1 74 ? -8.415  4.264   -13.193 1.00 20.28  ? 74  ILE A C   1 
ATOM   590  O  O   . ILE A 1 74 ? -9.409  3.586   -12.933 1.00 22.97  ? 74  ILE A O   1 
ATOM   591  C  CB  . ILE A 1 74 ? -6.101  3.539   -12.630 1.00 20.84  ? 74  ILE A CB  1 
ATOM   592  C  CG1 . ILE A 1 74 ? -4.866  2.781   -13.125 1.00 23.60  ? 74  ILE A CG1 1 
ATOM   593  C  CG2 . ILE A 1 74 ? -6.685  2.798   -11.433 1.00 20.26  ? 74  ILE A CG2 1 
ATOM   594  C  CD1 . ILE A 1 74 ? -4.553  2.688   -14.628 1.00 39.50  ? 74  ILE A CD1 1 
ATOM   595  N  N   . PHE A 1 75 ? -8.374  5.579   -13.029 1.00 19.34  ? 75  PHE A N   1 
ATOM   596  C  CA  . PHE A 1 75 ? -9.512  6.325   -12.510 1.00 20.62  ? 75  PHE A CA  1 
ATOM   597  C  C   . PHE A 1 75 ? -10.780 6.069   -13.329 1.00 23.24  ? 75  PHE A C   1 
ATOM   598  O  O   . PHE A 1 75 ? -11.806 5.649   -12.795 1.00 24.22  ? 75  PHE A O   1 
ATOM   599  C  CB  . PHE A 1 75 ? -9.195  7.825   -12.506 1.00 17.42  ? 75  PHE A CB  1 
ATOM   600  C  CG  . PHE A 1 75 ? -10.335 8.685   -12.038 1.00 17.71  ? 75  PHE A CG  1 
ATOM   601  C  CD1 . PHE A 1 75 ? -10.592 8.848   -10.678 1.00 16.86  ? 75  PHE A CD1 1 
ATOM   602  C  CD2 . PHE A 1 75 ? -11.183 9.297   -12.957 1.00 17.10  ? 75  PHE A CD2 1 
ATOM   603  C  CE1 . PHE A 1 75 ? -11.681 9.608   -10.237 1.00 16.99  ? 75  PHE A CE1 1 
ATOM   604  C  CE2 . PHE A 1 75 ? -12.275 10.058  -12.528 1.00 20.29  ? 75  PHE A CE2 1 
ATOM   605  C  CZ  . PHE A 1 75 ? -12.521 10.211  -11.161 1.00 18.45  ? 75  PHE A CZ  1 
ATOM   606  N  N   . GLU A 1 76 ? -10.703 6.314   -14.633 1.00 27.51  ? 76  GLU A N   1 
ATOM   607  C  CA  . GLU A 1 76 ? -11.862 6.118   -15.490 1.00 29.41  ? 76  GLU A CA  1 
ATOM   608  C  C   . GLU A 1 76 ? -12.359 4.673   -15.440 1.00 29.30  ? 76  GLU A C   1 
ATOM   609  O  O   . GLU A 1 76 ? -13.555 4.403   -15.534 1.00 29.26  ? 76  GLU A O   1 
ATOM   610  C  CB  . GLU A 1 76 ? -11.520 6.534   -16.927 1.00 22.90  ? 76  GLU A CB  1 
ATOM   611  C  CG  . GLU A 1 76 ? -11.033 7.980   -17.028 1.00 23.74  ? 76  GLU A CG  1 
ATOM   612  C  CD  . GLU A 1 76 ? -10.925 8.493   -18.460 1.00 25.95  ? 76  GLU A CD  1 
ATOM   613  O  OE1 . GLU A 1 76 ? -10.697 7.681   -19.378 1.00 27.90  ? 76  GLU A OE1 1 
ATOM   614  O  OE2 . GLU A 1 76 ? -11.050 9.718   -18.677 1.00 28.54  ? 76  GLU A OE2 1 
ATOM   615  N  N   . LEU A 1 77 ? -11.424 3.754   -15.274 1.00 23.59  ? 77  LEU A N   1 
ATOM   616  C  CA  . LEU A 1 77 ? -11.739 2.335   -15.212 1.00 26.81  ? 77  LEU A CA  1 
ATOM   617  C  C   . LEU A 1 77 ? -12.502 2.018   -13.924 1.00 27.15  ? 77  LEU A C   1 
ATOM   618  O  O   . LEU A 1 77 ? -13.452 1.237   -13.918 1.00 27.62  ? 77  LEU A O   1 
ATOM   619  C  CB  . LEU A 1 77 ? -10.432 1.548   -15.269 1.00 31.35  ? 77  LEU A CB  1 
ATOM   620  C  CG  . LEU A 1 77 ? -10.317 0.271   -16.085 1.00 32.27  ? 77  LEU A CG  1 
ATOM   621  C  CD1 . LEU A 1 77 ? -10.983 0.423   -17.465 1.00 30.81  ? 77  LEU A CD1 1 
ATOM   622  C  CD2 . LEU A 1 77 ? -8.831  -0.041  -16.217 1.00 30.40  ? 77  LEU A CD2 1 
ATOM   623  N  N   . LEU A 1 78 ? -12.084 2.637   -12.830 1.00 33.65  ? 78  LEU A N   1 
ATOM   624  C  CA  . LEU A 1 78 ? -12.741 2.420   -11.554 1.00 35.49  ? 78  LEU A CA  1 
ATOM   625  C  C   . LEU A 1 78 ? -14.068 3.158   -11.526 1.00 37.85  ? 78  LEU A C   1 
ATOM   626  O  O   . LEU A 1 78 ? -14.980 2.758   -10.813 1.00 38.13  ? 78  LEU A O   1 
ATOM   627  C  CB  . LEU A 1 78 ? -11.859 2.917   -10.412 1.00 28.40  ? 78  LEU A CB  1 
ATOM   628  C  CG  . LEU A 1 78 ? -10.508 2.211   -10.274 1.00 28.66  ? 78  LEU A CG  1 
ATOM   629  C  CD1 . LEU A 1 78 ? -9.661  2.942   -9.266  1.00 27.72  ? 78  LEU A CD1 1 
ATOM   630  C  CD2 . LEU A 1 78 ? -10.713 0.771   -9.855  1.00 28.34  ? 78  LEU A CD2 1 
ATOM   631  N  N   . GLN A 1 79 ? -14.175 4.236   -12.304 1.00 34.70  ? 79  GLN A N   1 
ATOM   632  C  CA  . GLN A 1 79 ? -15.404 5.018   -12.335 1.00 38.01  ? 79  GLN A CA  1 
ATOM   633  C  C   . GLN A 1 79 ? -16.517 4.211   -12.947 1.00 41.84  ? 79  GLN A C   1 
ATOM   634  O  O   . GLN A 1 79 ? -17.643 4.229   -12.447 1.00 42.46  ? 79  GLN A O   1 
ATOM   635  C  CB  . GLN A 1 79 ? -15.232 6.322   -13.120 1.00 37.79  ? 79  GLN A CB  1 
ATOM   636  C  CG  . GLN A 1 79 ? -14.271 7.299   -12.492 1.00 36.63  ? 79  GLN A CG  1 
ATOM   637  C  CD  . GLN A 1 79 ? -14.551 7.536   -11.022 1.00 36.29  ? 79  GLN A CD  1 
ATOM   638  O  OE1 . GLN A 1 79 ? -15.594 8.081   -10.655 1.00 35.36  ? 79  GLN A OE1 1 
ATOM   639  N  NE2 . GLN A 1 79 ? -13.615 7.125   -10.167 1.00 34.54  ? 79  GLN A NE2 1 
ATOM   640  N  N   . LEU A 1 80 ? -16.214 3.504   -14.032 1.00 47.14  ? 80  LEU A N   1 
ATOM   641  C  CA  . LEU A 1 80 ? -17.236 2.686   -14.655 1.00 51.60  ? 80  LEU A CA  1 
ATOM   642  C  C   . LEU A 1 80 ? -17.563 1.551   -13.690 1.00 53.59  ? 80  LEU A C   1 
ATOM   643  O  O   . LEU A 1 80 ? -18.531 0.814   -13.877 1.00 54.34  ? 80  LEU A O   1 
ATOM   644  C  CB  . LEU A 1 80 ? -16.771 2.166   -16.025 1.00 71.43  ? 80  LEU A CB  1 
ATOM   645  C  CG  . LEU A 1 80 ? -15.478 1.382   -16.249 1.00 73.77  ? 80  LEU A CG  1 
ATOM   646  C  CD1 . LEU A 1 80 ? -15.588 -0.036  -15.684 1.00 74.76  ? 80  LEU A CD1 1 
ATOM   647  C  CD2 . LEU A 1 80 ? -15.213 1.328   -17.749 1.00 73.35  ? 80  LEU A CD2 1 
ATOM   648  N  N   . GLU A 1 81 ? -16.748 1.445   -12.642 1.00 70.08  ? 81  GLU A N   1 
ATOM   649  C  CA  . GLU A 1 81 ? -16.929 0.446   -11.593 1.00 71.97  ? 81  GLU A CA  1 
ATOM   650  C  C   . GLU A 1 81 ? -16.649 -0.985  -12.051 1.00 73.22  ? 81  GLU A C   1 
ATOM   651  O  O   . GLU A 1 81 ? -15.860 -1.666  -11.364 1.00 73.23  ? 81  GLU A O   1 
ATOM   652  C  CB  . GLU A 1 81 ? -18.345 0.584   -11.022 1.00 88.44  ? 81  GLU A CB  1 
ATOM   653  C  CG  . GLU A 1 81 ? -18.604 2.000   -10.503 1.00 89.93  ? 81  GLU A CG  1 
ATOM   654  C  CD  . GLU A 1 81 ? -20.074 2.344   -10.351 1.00 90.93  ? 81  GLU A CD  1 
ATOM   655  O  OE1 . GLU A 1 81 ? -20.835 2.183   -11.331 1.00 90.93  ? 81  GLU A OE1 1 
ATOM   656  O  OE2 . GLU A 1 81 ? -20.468 2.795   -9.252  1.00 90.93  ? 81  GLU A OE2 1 
ATOM   657  N  N   . SER B 1 2  ? 6.979   14.036  3.181   1.00 47.72  ? 2   SER B N   1 
ATOM   658  C  CA  . SER B 1 2  ? 7.157   14.137  4.658   1.00 44.68  ? 2   SER B CA  1 
ATOM   659  C  C   . SER B 1 2  ? 7.259   12.746  5.252   1.00 43.58  ? 2   SER B C   1 
ATOM   660  O  O   . SER B 1 2  ? 6.908   11.752  4.616   1.00 43.27  ? 2   SER B O   1 
ATOM   661  C  CB  . SER B 1 2  ? 5.967   14.846  5.291   1.00 41.75  ? 2   SER B CB  1 
ATOM   662  O  OG  . SER B 1 2  ? 4.830   14.000  5.295   1.00 40.13  ? 2   SER B OG  1 
ATOM   663  N  N   . GLN B 1 3  ? 7.731   12.679  6.485   1.00 38.72  ? 3   GLN B N   1 
ATOM   664  C  CA  . GLN B 1 3  ? 7.873   11.397  7.144   1.00 38.48  ? 3   GLN B CA  1 
ATOM   665  C  C   . GLN B 1 3  ? 6.499   10.763  7.406   1.00 36.88  ? 3   GLN B C   1 
ATOM   666  O  O   . GLN B 1 3  ? 6.313   9.560   7.243   1.00 36.52  ? 3   GLN B O   1 
ATOM   667  C  CB  . GLN B 1 3  ? 8.622   11.581  8.456   1.00 46.77  ? 3   GLN B CB  1 
ATOM   668  C  CG  . GLN B 1 3  ? 9.450   10.386  8.846   1.00 52.48  ? 3   GLN B CG  1 
ATOM   669  C  CD  . GLN B 1 3  ? 9.603   10.247  10.346  1.00 54.14  ? 3   GLN B CD  1 
ATOM   670  O  OE1 . GLN B 1 3  ? 9.873   11.224  11.054  1.00 56.04  ? 3   GLN B OE1 1 
ATOM   671  N  NE2 . GLN B 1 3  ? 9.437   9.026   10.841  1.00 54.14  ? 3   GLN B NE2 1 
ATOM   672  N  N   . LEU B 1 4  ? 5.534   11.580  7.806   1.00 34.59  ? 4   LEU B N   1 
ATOM   673  C  CA  . LEU B 1 4  ? 4.204   11.075  8.097   1.00 32.26  ? 4   LEU B CA  1 
ATOM   674  C  C   . LEU B 1 4  ? 3.562   10.448  6.863   1.00 31.45  ? 4   LEU B C   1 
ATOM   675  O  O   . LEU B 1 4  ? 2.988   9.365   6.939   1.00 31.78  ? 4   LEU B O   1 
ATOM   676  C  CB  . LEU B 1 4  ? 3.326   12.205  8.646   1.00 29.01  ? 4   LEU B CB  1 
ATOM   677  C  CG  . LEU B 1 4  ? 1.898   11.865  9.087   1.00 29.03  ? 4   LEU B CG  1 
ATOM   678  C  CD1 . LEU B 1 4  ? 1.902   10.741  10.124  1.00 29.08  ? 4   LEU B CD1 1 
ATOM   679  C  CD2 . LEU B 1 4  ? 1.256   13.114  9.657   1.00 29.80  ? 4   LEU B CD2 1 
HETATM 680  N  N   . MSE B 1 5  ? 3.671   11.119  5.720   1.00 33.25  ? 5   MSE B N   1 
HETATM 681  C  CA  . MSE B 1 5  ? 3.084   10.601  4.492   1.00 31.91  ? 5   MSE B CA  1 
HETATM 682  C  C   . MSE B 1 5  ? 3.607   9.198   4.213   1.00 27.77  ? 5   MSE B C   1 
HETATM 683  O  O   . MSE B 1 5  ? 2.838   8.309   3.868   1.00 25.94  ? 5   MSE B O   1 
HETATM 684  C  CB  . MSE B 1 5  ? 3.393   11.525  3.309   1.00 48.80  ? 5   MSE B CB  1 
HETATM 685  C  CG  . MSE B 1 5  ? 2.588   11.224  2.034   1.00 57.07  ? 5   MSE B CG  1 
HETATM 686  SE SE  . MSE B 1 5  ? 0.664   11.665  2.104   1.00 73.50  ? 5   MSE B SE  1 
HETATM 687  C  CE  . MSE B 1 5  ? -0.106  9.889   2.252   1.00 60.22  ? 5   MSE B CE  1 
ATOM   688  N  N   . GLY B 1 6  ? 4.914   9.005   4.383   1.00 25.19  ? 6   GLY B N   1 
ATOM   689  C  CA  . GLY B 1 6  ? 5.521   7.706   4.143   1.00 22.62  ? 6   GLY B CA  1 
ATOM   690  C  C   . GLY B 1 6  ? 4.923   6.608   5.000   1.00 23.67  ? 6   GLY B C   1 
ATOM   691  O  O   . GLY B 1 6  ? 4.746   5.469   4.549   1.00 22.62  ? 6   GLY B O   1 
ATOM   692  N  N   . ILE B 1 7  ? 4.599   6.954   6.240   1.00 23.57  ? 7   ILE B N   1 
ATOM   693  C  CA  . ILE B 1 7  ? 4.025   5.995   7.153   1.00 23.92  ? 7   ILE B CA  1 
ATOM   694  C  C   . ILE B 1 7  ? 2.628   5.638   6.688   1.00 24.99  ? 7   ILE B C   1 
ATOM   695  O  O   . ILE B 1 7  ? 2.234   4.469   6.708   1.00 23.79  ? 7   ILE B O   1 
ATOM   696  C  CB  . ILE B 1 7  ? 3.977   6.556   8.573   1.00 26.89  ? 7   ILE B CB  1 
ATOM   697  C  CG1 . ILE B 1 7  ? 5.400   6.791   9.081   1.00 25.95  ? 7   ILE B CG1 1 
ATOM   698  C  CG2 . ILE B 1 7  ? 3.209   5.601   9.482   1.00 26.25  ? 7   ILE B CG2 1 
ATOM   699  C  CD1 . ILE B 1 7  ? 6.230   5.573   9.480   1.00 39.50  ? 7   ILE B CD1 1 
ATOM   700  N  N   . ILE B 1 8  ? 1.887   6.649   6.256   1.00 25.11  ? 8   ILE B N   1 
ATOM   701  C  CA  . ILE B 1 8  ? 0.534   6.438   5.759   1.00 25.05  ? 8   ILE B CA  1 
ATOM   702  C  C   . ILE B 1 8  ? 0.483   5.525   4.535   1.00 23.58  ? 8   ILE B C   1 
ATOM   703  O  O   . ILE B 1 8  ? -0.322  4.603   4.489   1.00 23.10  ? 8   ILE B O   1 
ATOM   704  C  CB  . ILE B 1 8  ? -0.137  7.770   5.370   1.00 29.45  ? 8   ILE B CB  1 
ATOM   705  C  CG1 . ILE B 1 8  ? -0.343  8.631   6.620   1.00 30.22  ? 8   ILE B CG1 1 
ATOM   706  C  CG2 . ILE B 1 8  ? -1.464  7.495   4.640   1.00 28.22  ? 8   ILE B CG2 1 
ATOM   707  C  CD1 . ILE B 1 8  ? -1.599  8.356   7.463   1.00 39.50  ? 8   ILE B CD1 1 
ATOM   708  N  N   . THR B 1 9  ? 1.325   5.795   3.539   1.00 22.13  ? 9   THR B N   1 
ATOM   709  C  CA  . THR B 1 9  ? 1.322   4.987   2.327   1.00 23.15  ? 9   THR B CA  1 
ATOM   710  C  C   . THR B 1 9  ? 1.780   3.554   2.571   1.00 23.61  ? 9   THR B C   1 
ATOM   711  O  O   . THR B 1 9  ? 1.283   2.619   1.934   1.00 23.33  ? 9   THR B O   1 
ATOM   712  C  CB  . THR B 1 9  ? 2.171   5.640   1.194   1.00 31.39  ? 9   THR B CB  1 
ATOM   713  O  OG1 . THR B 1 9  ? 3.450   6.033   1.698   1.00 34.42  ? 9   THR B OG1 1 
ATOM   714  C  CG2 . THR B 1 9  ? 1.469   6.867   0.658   1.00 32.26  ? 9   THR B CG2 1 
ATOM   715  N  N   . ARG B 1 10 ? 2.716   3.367   3.491   1.00 27.17  ? 10  ARG B N   1 
ATOM   716  C  CA  . ARG B 1 10 ? 3.155   2.019   3.789   1.00 29.22  ? 10  ARG B CA  1 
ATOM   717  C  C   . ARG B 1 10 ? 1.953   1.267   4.357   1.00 29.95  ? 10  ARG B C   1 
ATOM   718  O  O   . ARG B 1 10 ? 1.674   0.142   3.954   1.00 31.93  ? 10  ARG B O   1 
ATOM   719  C  CB  . ARG B 1 10 ? 4.319   2.026   4.790   1.00 35.20  ? 10  ARG B CB  1 
ATOM   720  C  CG  . ARG B 1 10 ? 5.674   2.268   4.139   1.00 38.16  ? 10  ARG B CG  1 
ATOM   721  C  CD  . ARG B 1 10 ? 6.828   2.317   5.144   1.00 44.00  ? 10  ARG B CD  1 
ATOM   722  N  NE  . ARG B 1 10 ? 6.926   3.608   5.826   1.00 49.10  ? 10  ARG B NE  1 
ATOM   723  C  CZ  . ARG B 1 10 ? 7.911   3.960   6.652   1.00 50.27  ? 10  ARG B CZ  1 
ATOM   724  N  NH1 . ARG B 1 10 ? 8.908   3.118   6.917   1.00 50.56  ? 10  ARG B NH1 1 
ATOM   725  N  NH2 . ARG B 1 10 ? 7.899   5.161   7.214   1.00 48.49  ? 10  ARG B NH2 1 
ATOM   726  N  N   . LEU B 1 11 ? 1.223   1.905   5.266   1.00 24.47  ? 11  LEU B N   1 
ATOM   727  C  CA  . LEU B 1 11 ? 0.057   1.279   5.882   1.00 24.70  ? 11  LEU B CA  1 
ATOM   728  C  C   . LEU B 1 11 ? -1.077  1.077   4.895   1.00 24.95  ? 11  LEU B C   1 
ATOM   729  O  O   . LEU B 1 11 ? -1.819  0.096   4.980   1.00 23.99  ? 11  LEU B O   1 
ATOM   730  C  CB  . LEU B 1 11 ? -0.449  2.115   7.063   1.00 29.36  ? 11  LEU B CB  1 
ATOM   731  C  CG  . LEU B 1 11 ? 0.452   2.238   8.298   1.00 31.81  ? 11  LEU B CG  1 
ATOM   732  C  CD1 . LEU B 1 11 ? -0.290  2.978   9.403   1.00 32.74  ? 11  LEU B CD1 1 
ATOM   733  C  CD2 . LEU B 1 11 ? 0.866   0.855   8.779   1.00 34.02  ? 11  LEU B CD2 1 
ATOM   734  N  N   . GLN B 1 12 ? -1.226  2.017   3.970   1.00 27.02  ? 12  GLN B N   1 
ATOM   735  C  CA  . GLN B 1 12 ? -2.265  1.910   2.960   1.00 28.26  ? 12  GLN B CA  1 
ATOM   736  C  C   . GLN B 1 12 ? -2.055  0.612   2.200   1.00 28.81  ? 12  GLN B C   1 
ATOM   737  O  O   . GLN B 1 12 ? -2.997  -0.141  1.973   1.00 28.42  ? 12  GLN B O   1 
ATOM   738  C  CB  . GLN B 1 12 ? -2.200  3.082   1.977   1.00 31.93  ? 12  GLN B CB  1 
ATOM   739  C  CG  . GLN B 1 12 ? -2.951  4.336   2.392   1.00 32.22  ? 12  GLN B CG  1 
ATOM   740  C  CD  . GLN B 1 12 ? -2.770  5.469   1.390   1.00 32.94  ? 12  GLN B CD  1 
ATOM   741  O  OE1 . GLN B 1 12 ? -3.410  6.510   1.497   1.00 32.54  ? 12  GLN B OE1 1 
ATOM   742  N  NE2 . GLN B 1 12 ? -1.891  5.266   0.413   1.00 31.08  ? 12  GLN B NE2 1 
ATOM   743  N  N   . SER B 1 13 ? -0.812  0.350   1.811   1.00 31.94  ? 13  SER B N   1 
ATOM   744  C  CA  . SER B 1 13 ? -0.523  -0.863  1.066   1.00 34.97  ? 13  SER B CA  1 
ATOM   745  C  C   . SER B 1 13 ? -0.593  -2.087  1.980   1.00 35.47  ? 13  SER B C   1 
ATOM   746  O  O   . SER B 1 13 ? -0.935  -3.182  1.542   1.00 36.33  ? 13  SER B O   1 
ATOM   747  C  CB  . SER B 1 13 ? 0.851   -0.764  0.406   1.00 32.01  ? 13  SER B CB  1 
ATOM   748  O  OG  . SER B 1 13 ? 1.873   -0.934  1.356   1.00 36.15  ? 13  SER B OG  1 
ATOM   749  N  N   . LEU B 1 14 ? -0.268  -1.897  3.254   1.00 34.16  ? 14  LEU B N   1 
ATOM   750  C  CA  . LEU B 1 14 ? -0.321  -2.986  4.219   1.00 34.31  ? 14  LEU B CA  1 
ATOM   751  C  C   . LEU B 1 14 ? -1.756  -3.478  4.186   1.00 34.75  ? 14  LEU B C   1 
ATOM   752  O  O   . LEU B 1 14 ? -2.031  -4.661  3.983   1.00 35.01  ? 14  LEU B O   1 
ATOM   753  C  CB  . LEU B 1 14 ? 0.033   -2.461  5.617   1.00 38.80  ? 14  LEU B CB  1 
ATOM   754  C  CG  . LEU B 1 14 ? 0.515   -3.408  6.732   1.00 40.50  ? 14  LEU B CG  1 
ATOM   755  C  CD1 . LEU B 1 14 ? -0.652  -4.150  7.336   1.00 38.43  ? 14  LEU B CD1 1 
ATOM   756  C  CD2 . LEU B 1 14 ? 1.565   -4.373  6.177   1.00 39.06  ? 14  LEU B CD2 1 
ATOM   757  N  N   . GLN B 1 15 ? -2.670  -2.536  4.357   1.00 29.07  ? 15  GLN B N   1 
ATOM   758  C  CA  . GLN B 1 15 ? -4.090  -2.813  4.351   1.00 30.22  ? 15  GLN B CA  1 
ATOM   759  C  C   . GLN B 1 15 ? -4.559  -3.391  3.019   1.00 32.28  ? 15  GLN B C   1 
ATOM   760  O  O   . GLN B 1 15 ? -5.281  -4.383  2.990   1.00 32.50  ? 15  GLN B O   1 
ATOM   761  C  CB  . GLN B 1 15 ? -4.836  -1.518  4.633   1.00 39.44  ? 15  GLN B CB  1 
ATOM   762  C  CG  . GLN B 1 15 ? -6.333  -1.634  4.698   1.00 39.42  ? 15  GLN B CG  1 
ATOM   763  C  CD  . GLN B 1 15 ? -6.979  -0.281  4.861   1.00 41.93  ? 15  GLN B CD  1 
ATOM   764  O  OE1 . GLN B 1 15 ? -8.103  -0.169  5.357   1.00 42.75  ? 15  GLN B OE1 1 
ATOM   765  N  NE2 . GLN B 1 15 ? -6.270  0.763   4.435   1.00 39.54  ? 15  GLN B NE2 1 
ATOM   766  N  N   . GLU B 1 16 ? -4.146  -2.764  1.920   1.00 44.31  ? 16  GLU B N   1 
ATOM   767  C  CA  . GLU B 1 16 ? -4.543  -3.202  0.585   1.00 47.20  ? 16  GLU B CA  1 
ATOM   768  C  C   . GLU B 1 16 ? -4.003  -4.558  0.150   1.00 49.96  ? 16  GLU B C   1 
ATOM   769  O  O   . GLU B 1 16 ? -4.730  -5.345  -0.463  1.00 51.21  ? 16  GLU B O   1 
ATOM   770  C  CB  . GLU B 1 16 ? -4.179  -2.134  -0.454  1.00 37.38  ? 16  GLU B CB  1 
ATOM   771  C  CG  . GLU B 1 16 ? -5.326  -1.178  -0.762  1.00 35.94  ? 16  GLU B CG  1 
ATOM   772  C  CD  . GLU B 1 16 ? -4.933  0.286   -0.683  1.00 36.32  ? 16  GLU B CD  1 
ATOM   773  O  OE1 . GLU B 1 16 ? -4.010  0.698   -1.411  1.00 35.83  ? 16  GLU B OE1 1 
ATOM   774  O  OE2 . GLU B 1 16 ? -5.553  1.029   0.110   1.00 36.22  ? 16  GLU B OE2 1 
ATOM   775  N  N   . THR B 1 17 ? -2.741  -4.848  0.447   1.00 48.53  ? 17  THR B N   1 
ATOM   776  C  CA  . THR B 1 17 ? -2.209  -6.145  0.054   1.00 51.41  ? 17  THR B CA  1 
ATOM   777  C  C   . THR B 1 17 ? -2.867  -7.200  0.922   1.00 53.09  ? 17  THR B C   1 
ATOM   778  O  O   . THR B 1 17 ? -2.886  -8.376  0.567   1.00 55.20  ? 17  THR B O   1 
ATOM   779  C  CB  . THR B 1 17 ? -0.683  -6.238  0.225   1.00 58.63  ? 17  THR B CB  1 
ATOM   780  O  OG1 . THR B 1 17 ? -0.341  -6.121  1.612   1.00 59.27  ? 17  THR B OG1 1 
ATOM   781  C  CG2 . THR B 1 17 ? 0.002   -5.143  -0.576  1.00 59.04  ? 17  THR B CG2 1 
ATOM   782  N  N   . ALA B 1 18 ? -3.402  -6.773  2.064   1.00 48.71  ? 18  ALA B N   1 
ATOM   783  C  CA  . ALA B 1 18 ? -4.086  -7.685  2.976   1.00 50.15  ? 18  ALA B CA  1 
ATOM   784  C  C   . ALA B 1 18 ? -5.309  -8.230  2.240   1.00 51.50  ? 18  ALA B C   1 
ATOM   785  O  O   . ALA B 1 18 ? -5.612  -9.425  2.307   1.00 49.39  ? 18  ALA B O   1 
ATOM   786  C  CB  . ALA B 1 18 ? -4.507  -6.951  4.238   1.00 31.47  ? 18  ALA B CB  1 
ATOM   787  N  N   . GLU B 1 19 ? -6.012  -7.338  1.544   1.00 64.75  ? 19  GLU B N   1 
ATOM   788  C  CA  . GLU B 1 19 ? -7.173  -7.731  0.755   1.00 66.65  ? 19  GLU B CA  1 
ATOM   789  C  C   . GLU B 1 19 ? -6.694  -7.882  -0.685  1.00 66.84  ? 19  GLU B C   1 
ATOM   790  O  O   . GLU B 1 19 ? -7.003  -7.078  -1.561  1.00 66.65  ? 19  GLU B O   1 
ATOM   791  C  CB  . GLU B 1 19 ? -8.292  -6.685  0.857   1.00 79.20  ? 19  GLU B CB  1 
ATOM   792  C  CG  . GLU B 1 19 ? -9.514  -6.965  -0.037  1.00 80.07  ? 19  GLU B CG  1 
ATOM   793  C  CD  . GLU B 1 19 ? -9.890  -8.444  -0.113  1.00 80.30  ? 19  GLU B CD  1 
ATOM   794  O  OE1 . GLU B 1 19 ? -9.129  -9.225  -0.725  1.00 79.47  ? 19  GLU B OE1 1 
ATOM   795  O  OE2 . GLU B 1 19 ? -10.948 -8.826  0.433   1.00 79.31  ? 19  GLU B OE2 1 
ATOM   796  N  N   . ALA B 1 20 ? -5.900  -8.925  -0.890  1.00 94.21  ? 20  ALA B N   1 
ATOM   797  C  CA  . ALA B 1 20 ? -5.328  -9.275  -2.179  1.00 94.28  ? 20  ALA B CA  1 
ATOM   798  C  C   . ALA B 1 20 ? -5.199  -10.786 -2.120  1.00 94.59  ? 20  ALA B C   1 
ATOM   799  O  O   . ALA B 1 20 ? -4.915  -11.448 -3.121  1.00 94.59  ? 20  ALA B O   1 
ATOM   800  C  CB  . ALA B 1 20 ? -3.951  -8.629  -2.343  1.00 64.24  ? 20  ALA B CB  1 
ATOM   801  N  N   . ALA B 1 21 ? -5.410  -11.316 -0.920  1.00 101.70 ? 21  ALA B N   1 
ATOM   802  C  CA  . ALA B 1 21 ? -5.341  -12.750 -0.673  1.00 101.70 ? 21  ALA B CA  1 
ATOM   803  C  C   . ALA B 1 21 ? -6.253  -13.118 0.500   1.00 101.70 ? 21  ALA B C   1 
ATOM   804  O  O   . ALA B 1 21 ? -6.228  -14.250 0.988   1.00 101.70 ? 21  ALA B O   1 
ATOM   805  C  CB  . ALA B 1 21 ? -3.895  -13.160 -0.369  1.00 80.85  ? 21  ALA B CB  1 
ATOM   806  N  N   . ASN B 1 22 ? -7.064  -12.159 0.943   1.00 63.17  ? 22  ASN B N   1 
ATOM   807  C  CA  . ASN B 1 22 ? -7.979  -12.374 2.064   1.00 62.69  ? 22  ASN B CA  1 
ATOM   808  C  C   . ASN B 1 22 ? -7.244  -12.960 3.269   1.00 63.15  ? 22  ASN B C   1 
ATOM   809  O  O   . ASN B 1 22 ? -7.593  -14.032 3.773   1.00 62.93  ? 22  ASN B O   1 
ATOM   810  C  CB  . ASN B 1 22 ? -9.118  -13.314 1.663   1.00 88.47  ? 22  ASN B CB  1 
ATOM   811  C  CG  . ASN B 1 22 ? -9.928  -12.791 0.496   1.00 88.91  ? 22  ASN B CG  1 
ATOM   812  O  OD1 . ASN B 1 22 ? -11.041 -13.257 0.245   1.00 88.91  ? 22  ASN B OD1 1 
ATOM   813  N  ND2 . ASN B 1 22 ? -9.370  -11.830 -0.235  1.00 88.91  ? 22  ASN B ND2 1 
ATOM   814  N  N   . GLU B 1 23 ? -6.223  -12.245 3.726   1.00 80.23  ? 23  GLU B N   1 
ATOM   815  C  CA  . GLU B 1 23 ? -5.430  -12.676 4.870   1.00 80.23  ? 23  GLU B CA  1 
ATOM   816  C  C   . GLU B 1 23 ? -4.679  -11.484 5.451   1.00 80.23  ? 23  GLU B C   1 
ATOM   817  O  O   . GLU B 1 23 ? -4.316  -10.558 4.726   1.00 80.23  ? 23  GLU B O   1 
ATOM   818  C  CB  . GLU B 1 23 ? -4.433  -13.751 4.437   1.00 84.30  ? 23  GLU B CB  1 
ATOM   819  C  CG  . GLU B 1 23 ? -3.616  -13.359 3.216   1.00 84.30  ? 23  GLU B CG  1 
ATOM   820  C  CD  . GLU B 1 23 ? -2.432  -14.274 2.987   1.00 84.30  ? 23  GLU B CD  1 
ATOM   821  O  OE1 . GLU B 1 23 ? -2.627  -15.508 2.992   1.00 84.30  ? 23  GLU B OE1 1 
ATOM   822  O  OE2 . GLU B 1 23 ? -1.309  -13.758 2.799   1.00 83.87  ? 23  GLU B OE2 1 
ATOM   823  N  N   . PRO B 1 24 ? -4.442  -11.488 6.774   1.00 86.60  ? 24  PRO B N   1 
ATOM   824  C  CA  . PRO B 1 24 ? -3.725  -10.397 7.445   1.00 86.60  ? 24  PRO B CA  1 
ATOM   825  C  C   . PRO B 1 24 ? -2.338  -10.113 6.851   1.00 86.23  ? 24  PRO B C   1 
ATOM   826  O  O   . PRO B 1 24 ? -1.848  -10.880 6.023   1.00 86.60  ? 24  PRO B O   1 
ATOM   827  C  CB  . PRO B 1 24 ? -3.669  -10.875 8.893   1.00 75.68  ? 24  PRO B CB  1 
ATOM   828  C  CG  . PRO B 1 24 ? -4.986  -11.589 9.037   1.00 75.68  ? 24  PRO B CG  1 
ATOM   829  C  CD  . PRO B 1 24 ? -5.024  -12.415 7.762   1.00 75.68  ? 24  PRO B CD  1 
HETATM 830  N  N   . MSE B 1 25 ? -1.720  -9.014  7.283   1.00 86.09  ? 25  MSE B N   1 
HETATM 831  C  CA  . MSE B 1 25 ? -0.401  -8.591  6.789   1.00 85.23  ? 25  MSE B CA  1 
HETATM 832  C  C   . MSE B 1 25 ? 0.322   -7.848  7.932   1.00 83.86  ? 25  MSE B C   1 
HETATM 833  O  O   . MSE B 1 25 ? -0.343  -7.357  8.845   1.00 84.15  ? 25  MSE B O   1 
HETATM 834  C  CB  . MSE B 1 25 ? -0.610  -7.656  5.586   1.00 114.72 ? 25  MSE B CB  1 
HETATM 835  C  CG  . MSE B 1 25 ? 0.590   -7.457  4.651   1.00 116.37 ? 25  MSE B CG  1 
HETATM 836  SE SE  . MSE B 1 25 ? 0.819   -8.837  3.277   1.00 116.37 ? 25  MSE B SE  1 
HETATM 837  C  CE  . MSE B 1 25 ? -1.042  -9.278  2.937   1.00 116.37 ? 25  MSE B CE  1 
ATOM   838  N  N   . GLN B 1 26 ? 1.658   -7.758  7.897   1.00 55.93  ? 26  GLN B N   1 
ATOM   839  C  CA  . GLN B 1 26 ? 2.393   -7.063  8.970   1.00 54.78  ? 26  GLN B CA  1 
ATOM   840  C  C   . GLN B 1 26 ? 3.591   -6.216  8.492   1.00 53.15  ? 26  GLN B C   1 
ATOM   841  O  O   . GLN B 1 26 ? 4.048   -6.367  7.359   1.00 53.53  ? 26  GLN B O   1 
ATOM   842  C  CB  . GLN B 1 26 ? 2.854   -8.077  10.030  1.00 57.21  ? 26  GLN B CB  1 
ATOM   843  C  CG  . GLN B 1 26 ? 4.224   -8.701  9.795   1.00 58.57  ? 26  GLN B CG  1 
ATOM   844  C  CD  . GLN B 1 26 ? 5.351   -7.882  10.410  1.00 60.00  ? 26  GLN B CD  1 
ATOM   845  O  OE1 . GLN B 1 26 ? 5.409   -7.702  11.628  1.00 59.28  ? 26  GLN B OE1 1 
ATOM   846  N  NE2 . GLN B 1 26 ? 6.252   -7.381  9.568   1.00 59.31  ? 26  GLN B NE2 1 
ATOM   847  N  N   . ARG B 1 27 ? 4.090   -5.324  9.354   1.00 48.71  ? 27  ARG B N   1 
ATOM   848  C  CA  . ARG B 1 27 ? 5.223   -4.455  8.996   1.00 45.62  ? 27  ARG B CA  1 
ATOM   849  C  C   . ARG B 1 27 ? 5.923   -3.792  10.196  1.00 41.97  ? 27  ARG B C   1 
ATOM   850  O  O   . ARG B 1 27 ? 5.277   -3.387  11.164  1.00 41.14  ? 27  ARG B O   1 
ATOM   851  C  CB  . ARG B 1 27 ? 4.755   -3.355  8.029   1.00 65.82  ? 27  ARG B CB  1 
ATOM   852  C  CG  . ARG B 1 27 ? 5.897   -2.562  7.386   1.00 70.77  ? 27  ARG B CG  1 
ATOM   853  C  CD  . ARG B 1 27 ? 5.432   -1.250  6.758   1.00 72.78  ? 27  ARG B CD  1 
ATOM   854  N  NE  . ARG B 1 27 ? 6.468   -0.643  5.920   1.00 73.76  ? 27  ARG B NE  1 
ATOM   855  C  CZ  . ARG B 1 27 ? 6.814   -1.096  4.717   1.00 75.00  ? 27  ARG B CZ  1 
ATOM   856  N  NH1 . ARG B 1 27 ? 6.209   -2.160  4.205   1.00 74.76  ? 27  ARG B NH1 1 
ATOM   857  N  NH2 . ARG B 1 27 ? 7.771   -0.494  4.024   1.00 76.48  ? 27  ARG B NH2 1 
ATOM   858  N  N   . TYR B 1 28 ? 7.245   -3.663  10.106  1.00 35.06  ? 28  TYR B N   1 
ATOM   859  C  CA  . TYR B 1 28 ? 8.056   -3.042  11.155  1.00 33.21  ? 28  TYR B CA  1 
ATOM   860  C  C   . TYR B 1 28 ? 8.440   -1.602  10.800  1.00 31.81  ? 28  TYR B C   1 
ATOM   861  O  O   . TYR B 1 28 ? 8.554   -1.253  9.623   1.00 31.86  ? 28  TYR B O   1 
ATOM   862  C  CB  . TYR B 1 28 ? 9.356   -3.818  11.361  1.00 42.72  ? 28  TYR B CB  1 
ATOM   863  C  CG  . TYR B 1 28 ? 9.215   -5.165  12.022  1.00 46.24  ? 28  TYR B CG  1 
ATOM   864  C  CD1 . TYR B 1 28 ? 8.821   -5.270  13.356  1.00 47.91  ? 28  TYR B CD1 1 
ATOM   865  C  CD2 . TYR B 1 28 ? 9.516   -6.336  11.331  1.00 47.03  ? 28  TYR B CD2 1 
ATOM   866  C  CE1 . TYR B 1 28 ? 8.734   -6.510  13.996  1.00 49.85  ? 28  TYR B CE1 1 
ATOM   867  C  CE2 . TYR B 1 28 ? 9.431   -7.591  11.958  1.00 50.30  ? 28  TYR B CE2 1 
ATOM   868  C  CZ  . TYR B 1 28 ? 9.039   -7.666  13.292  1.00 51.76  ? 28  TYR B CZ  1 
ATOM   869  O  OH  . TYR B 1 28 ? 8.957   -8.891  13.921  1.00 52.33  ? 28  TYR B OH  1 
ATOM   870  N  N   . PHE B 1 29 ? 8.651   -0.773  11.818  1.00 30.09  ? 29  PHE B N   1 
ATOM   871  C  CA  . PHE B 1 29 ? 9.072   0.612   11.614  1.00 28.86  ? 29  PHE B CA  1 
ATOM   872  C  C   . PHE B 1 29 ? 10.317  0.843   12.468  1.00 30.41  ? 29  PHE B C   1 
ATOM   873  O  O   . PHE B 1 29 ? 10.306  0.595   13.668  1.00 31.61  ? 29  PHE B O   1 
ATOM   874  C  CB  . PHE B 1 29 ? 7.954   1.590   11.995  1.00 27.78  ? 29  PHE B CB  1 
ATOM   875  C  CG  . PHE B 1 29 ? 6.777   1.556   11.052  1.00 25.06  ? 29  PHE B CG  1 
ATOM   876  C  CD1 . PHE B 1 29 ? 5.756   0.624   11.215  1.00 23.80  ? 29  PHE B CD1 1 
ATOM   877  C  CD2 . PHE B 1 29 ? 6.713   2.432   9.966   1.00 24.37  ? 29  PHE B CD2 1 
ATOM   878  C  CE1 . PHE B 1 29 ? 4.689   0.562   10.310  1.00 22.79  ? 29  PHE B CE1 1 
ATOM   879  C  CE2 . PHE B 1 29 ? 5.651   2.379   9.056   1.00 20.33  ? 29  PHE B CE2 1 
ATOM   880  C  CZ  . PHE B 1 29 ? 4.643   1.444   9.230   1.00 24.90  ? 29  PHE B CZ  1 
ATOM   881  N  N   . GLU B 1 30 ? 11.394  1.329   11.860  1.00 33.81  ? 30  GLU B N   1 
ATOM   882  C  CA  . GLU B 1 30 ? 12.627  1.506   12.615  1.00 35.06  ? 30  GLU B CA  1 
ATOM   883  C  C   . GLU B 1 30 ? 13.329  2.856   12.577  1.00 37.19  ? 30  GLU B C   1 
ATOM   884  O  O   . GLU B 1 30 ? 13.011  3.739   11.784  1.00 37.02  ? 30  GLU B O   1 
ATOM   885  C  CB  . GLU B 1 30 ? 13.638  0.446   12.181  1.00 42.71  ? 30  GLU B CB  1 
ATOM   886  C  CG  . GLU B 1 30 ? 13.035  -0.735  11.464  1.00 42.87  ? 30  GLU B CG  1 
ATOM   887  C  CD  . GLU B 1 30 ? 14.096  -1.674  10.964  1.00 46.72  ? 30  GLU B CD  1 
ATOM   888  O  OE1 . GLU B 1 30 ? 15.151  -1.170  10.522  1.00 48.85  ? 30  GLU B OE1 1 
ATOM   889  O  OE2 . GLU B 1 30 ? 13.880  -2.904  11.003  1.00 46.49  ? 30  GLU B OE2 1 
ATOM   890  N  N   . VAL B 1 31 ? 14.309  2.983   13.465  1.00 44.28  ? 31  VAL B N   1 
ATOM   891  C  CA  . VAL B 1 31 ? 15.134  4.170   13.573  1.00 47.61  ? 31  VAL B CA  1 
ATOM   892  C  C   . VAL B 1 31 ? 16.561  3.680   13.813  1.00 49.90  ? 31  VAL B C   1 
ATOM   893  O  O   . VAL B 1 31 ? 16.888  3.174   14.892  1.00 50.78  ? 31  VAL B O   1 
ATOM   894  C  CB  . VAL B 1 31 ? 14.690  5.067   14.741  1.00 48.18  ? 31  VAL B CB  1 
ATOM   895  C  CG1 . VAL B 1 31 ? 15.602  6.274   14.840  1.00 47.21  ? 31  VAL B CG1 1 
ATOM   896  C  CG2 . VAL B 1 31 ? 13.245  5.508   14.532  1.00 48.95  ? 31  VAL B CG2 1 
ATOM   897  N  N   . ASN B 1 32 ? 17.398  3.829   12.788  1.00 55.47  ? 32  ASN B N   1 
ATOM   898  C  CA  . ASN B 1 32 ? 18.788  3.393   12.832  1.00 55.54  ? 32  ASN B CA  1 
ATOM   899  C  C   . ASN B 1 32 ? 18.875  1.878   13.014  1.00 54.91  ? 32  ASN B C   1 
ATOM   900  O  O   . ASN B 1 32 ? 19.565  1.390   13.910  1.00 54.50  ? 32  ASN B O   1 
ATOM   901  C  CB  . ASN B 1 32 ? 19.548  4.104   13.957  1.00 68.29  ? 32  ASN B CB  1 
ATOM   902  C  CG  . ASN B 1 32 ? 19.665  5.603   13.730  1.00 71.73  ? 32  ASN B CG  1 
ATOM   903  O  OD1 . ASN B 1 32 ? 19.988  6.054   12.629  1.00 72.92  ? 32  ASN B OD1 1 
ATOM   904  N  ND2 . ASN B 1 32 ? 19.415  6.380   14.777  1.00 72.10  ? 32  ASN B ND2 1 
ATOM   905  N  N   . GLY B 1 33 ? 18.160  1.144   12.163  1.00 48.45  ? 33  GLY B N   1 
ATOM   906  C  CA  . GLY B 1 33 ? 18.172  -0.312  12.219  1.00 46.79  ? 33  GLY B CA  1 
ATOM   907  C  C   . GLY B 1 33 ? 17.472  -0.947  13.409  1.00 45.94  ? 33  GLY B C   1 
ATOM   908  O  O   . GLY B 1 33 ? 17.340  -2.169  13.472  1.00 46.29  ? 33  GLY B O   1 
ATOM   909  N  N   . GLU B 1 34 ? 17.019  -0.129  14.351  1.00 39.00  ? 34  GLU B N   1 
ATOM   910  C  CA  . GLU B 1 34 ? 16.339  -0.636  15.531  1.00 38.01  ? 34  GLU B CA  1 
ATOM   911  C  C   . GLU B 1 34 ? 14.819  -0.592  15.402  1.00 36.23  ? 34  GLU B C   1 
ATOM   912  O  O   . GLU B 1 34 ? 14.243  0.456   15.117  1.00 35.41  ? 34  GLU B O   1 
ATOM   913  C  CB  . GLU B 1 34 ? 16.764  0.164   16.764  1.00 56.82  ? 34  GLU B CB  1 
ATOM   914  C  CG  . GLU B 1 34 ? 15.996  -0.197  18.026  1.00 61.00  ? 34  GLU B CG  1 
ATOM   915  C  CD  . GLU B 1 34 ? 16.329  0.716   19.187  1.00 64.13  ? 34  GLU B CD  1 
ATOM   916  O  OE1 . GLU B 1 34 ? 16.327  1.951   18.984  1.00 65.42  ? 34  GLU B OE1 1 
ATOM   917  O  OE2 . GLU B 1 34 ? 16.580  0.202   20.298  1.00 65.54  ? 34  GLU B OE2 1 
ATOM   918  N  N   . LYS B 1 35 ? 14.181  -1.741  15.617  1.00 40.13  ? 35  LYS B N   1 
ATOM   919  C  CA  . LYS B 1 35 ? 12.729  -1.849  15.552  1.00 38.64  ? 35  LYS B CA  1 
ATOM   920  C  C   . LYS B 1 35 ? 12.084  -1.064  16.699  1.00 36.51  ? 35  LYS B C   1 
ATOM   921  O  O   . LYS B 1 35 ? 12.392  -1.290  17.864  1.00 35.42  ? 35  LYS B O   1 
ATOM   922  C  CB  . LYS B 1 35 ? 12.303  -3.314  15.655  1.00 43.07  ? 35  LYS B CB  1 
ATOM   923  C  CG  . LYS B 1 35 ? 12.858  -4.222  14.573  1.00 44.90  ? 35  LYS B CG  1 
ATOM   924  C  CD  . LYS B 1 35 ? 12.313  -5.628  14.736  1.00 45.10  ? 35  LYS B CD  1 
ATOM   925  C  CE  . LYS B 1 35 ? 12.693  -6.521  13.572  1.00 47.46  ? 35  LYS B CE  1 
ATOM   926  N  NZ  . LYS B 1 35 ? 12.088  -7.877  13.717  1.00 48.72  ? 35  LYS B NZ  1 
ATOM   927  N  N   . ILE B 1 36 ? 11.193  -0.140  16.370  1.00 35.58  ? 36  ILE B N   1 
ATOM   928  C  CA  . ILE B 1 36 ? 10.527  0.648   17.395  1.00 32.81  ? 36  ILE B CA  1 
ATOM   929  C  C   . ILE B 1 36 ? 9.140   0.071   17.655  1.00 31.31  ? 36  ILE B C   1 
ATOM   930  O  O   . ILE B 1 36 ? 8.704   -0.044  18.798  1.00 33.47  ? 36  ILE B O   1 
ATOM   931  C  CB  . ILE B 1 36 ? 10.411  2.134   16.972  1.00 27.29  ? 36  ILE B CB  1 
ATOM   932  C  CG1 . ILE B 1 36 ? 11.798  2.680   16.631  1.00 25.57  ? 36  ILE B CG1 1 
ATOM   933  C  CG2 . ILE B 1 36 ? 9.802   2.961   18.099  1.00 21.80  ? 36  ILE B CG2 1 
ATOM   934  C  CD1 . ILE B 1 36 ? 12.882  2.658   17.749  1.00 39.50  ? 36  ILE B CD1 1 
ATOM   935  N  N   . CYS B 1 37 ? 8.451   -0.305  16.591  1.00 28.76  ? 37  CYS B N   1 
ATOM   936  C  CA  . CYS B 1 37 ? 7.126   -0.881  16.727  1.00 29.07  ? 37  CYS B CA  1 
ATOM   937  C  C   . CYS B 1 37 ? 6.810   -1.726  15.501  1.00 27.61  ? 37  CYS B C   1 
ATOM   938  O  O   . CYS B 1 37 ? 7.540   -1.709  14.511  1.00 28.26  ? 37  CYS B O   1 
ATOM   939  C  CB  . CYS B 1 37 ? 6.064   0.222   16.898  1.00 28.32  ? 37  CYS B CB  1 
ATOM   940  S  SG  . CYS B 1 37 ? 5.929   1.341   15.491  1.00 29.22  ? 37  CYS B SG  1 
ATOM   941  N  N   . SER B 1 38 ? 5.709   -2.457  15.581  1.00 20.10  ? 38  SER B N   1 
ATOM   942  C  CA  . SER B 1 38 ? 5.270   -3.333  14.513  1.00 19.59  ? 38  SER B CA  1 
ATOM   943  C  C   . SER B 1 38 ? 3.763   -3.179  14.292  1.00 19.44  ? 38  SER B C   1 
ATOM   944  O  O   . SER B 1 38 ? 3.018   -2.898  15.226  1.00 18.70  ? 38  SER B O   1 
ATOM   945  C  CB  . SER B 1 38 ? 5.603   -4.776  14.888  1.00 23.45  ? 38  SER B CB  1 
ATOM   946  O  OG  . SER B 1 38 ? 4.914   -5.692  14.057  1.00 27.79  ? 38  SER B OG  1 
ATOM   947  N  N   . VAL B 1 39 ? 3.315   -3.363  13.054  1.00 25.89  ? 39  VAL B N   1 
ATOM   948  C  CA  . VAL B 1 39 ? 1.891   -3.226  12.749  1.00 27.63  ? 39  VAL B CA  1 
ATOM   949  C  C   . VAL B 1 39 ? 1.386   -4.405  11.945  1.00 27.48  ? 39  VAL B C   1 
ATOM   950  O  O   . VAL B 1 39 ? 2.092   -4.924  11.092  1.00 27.99  ? 39  VAL B O   1 
ATOM   951  C  CB  . VAL B 1 39 ? 1.601   -1.943  11.926  1.00 24.82  ? 39  VAL B CB  1 
ATOM   952  C  CG1 . VAL B 1 39 ? 0.112   -1.762  11.765  1.00 26.29  ? 39  VAL B CG1 1 
ATOM   953  C  CG2 . VAL B 1 39 ? 2.214   -0.743  12.596  1.00 24.52  ? 39  VAL B CG2 1 
ATOM   954  N  N   . LYS B 1 40 ? 0.156   -4.812  12.225  1.00 24.11  ? 40  LYS B N   1 
ATOM   955  C  CA  . LYS B 1 40 ? -0.485  -5.913  11.527  1.00 27.60  ? 40  LYS B CA  1 
ATOM   956  C  C   . LYS B 1 40 ? -1.912  -5.459  11.209  1.00 29.55  ? 40  LYS B C   1 
ATOM   957  O  O   . LYS B 1 40 ? -2.519  -4.734  11.999  1.00 30.04  ? 40  LYS B O   1 
ATOM   958  C  CB  . LYS B 1 40 ? -0.511  -7.149  12.425  1.00 50.84  ? 40  LYS B CB  1 
ATOM   959  C  CG  . LYS B 1 40 ? -1.176  -8.367  11.816  1.00 56.53  ? 40  LYS B CG  1 
ATOM   960  C  CD  . LYS B 1 40 ? -1.134  -9.552  12.775  1.00 61.14  ? 40  LYS B CD  1 
ATOM   961  C  CE  . LYS B 1 40 ? -1.816  -10.785 12.183  1.00 64.75  ? 40  LYS B CE  1 
ATOM   962  N  NZ  . LYS B 1 40 ? -1.906  -11.912 13.163  1.00 66.40  ? 40  LYS B NZ  1 
ATOM   963  N  N   . TYR B 1 41 ? -2.435  -5.857  10.052  1.00 28.85  ? 41  TYR B N   1 
ATOM   964  C  CA  . TYR B 1 41 ? -3.786  -5.477  9.672   1.00 30.80  ? 41  TYR B CA  1 
ATOM   965  C  C   . TYR B 1 41 ? -4.683  -6.691  9.530   1.00 33.03  ? 41  TYR B C   1 
ATOM   966  O  O   . TYR B 1 41 ? -4.263  -7.724  9.014   1.00 33.45  ? 41  TYR B O   1 
ATOM   967  C  CB  . TYR B 1 41 ? -3.778  -4.696  8.362   1.00 36.56  ? 41  TYR B CB  1 
ATOM   968  C  CG  . TYR B 1 41 ? -5.160  -4.316  7.879   1.00 35.87  ? 41  TYR B CG  1 
ATOM   969  C  CD1 . TYR B 1 41 ? -5.898  -5.172  7.063   1.00 35.51  ? 41  TYR B CD1 1 
ATOM   970  C  CD2 . TYR B 1 41 ? -5.738  -3.111  8.257   1.00 34.39  ? 41  TYR B CD2 1 
ATOM   971  C  CE1 . TYR B 1 41 ? -7.174  -4.830  6.631   1.00 34.27  ? 41  TYR B CE1 1 
ATOM   972  C  CE2 . TYR B 1 41 ? -7.010  -2.760  7.833   1.00 34.44  ? 41  TYR B CE2 1 
ATOM   973  C  CZ  . TYR B 1 41 ? -7.720  -3.623  7.022   1.00 34.27  ? 41  TYR B CZ  1 
ATOM   974  O  OH  . TYR B 1 41 ? -8.968  -3.259  6.588   1.00 37.44  ? 41  TYR B OH  1 
ATOM   975  N  N   . PHE B 1 42 ? -5.921  -6.559  9.990   1.00 33.69  ? 42  PHE B N   1 
ATOM   976  C  CA  . PHE B 1 42 ? -6.883  -7.651  9.916   1.00 37.56  ? 42  PHE B CA  1 
ATOM   977  C  C   . PHE B 1 42 ? -7.999  -7.289  8.960   1.00 39.77  ? 42  PHE B C   1 
ATOM   978  O  O   . PHE B 1 42 ? -8.829  -6.434  9.256   1.00 39.76  ? 42  PHE B O   1 
ATOM   979  C  CB  . PHE B 1 42 ? -7.462  -7.955  11.298  1.00 47.06  ? 42  PHE B CB  1 
ATOM   980  C  CG  . PHE B 1 42 ? -6.451  -8.501  12.261  1.00 49.07  ? 42  PHE B CG  1 
ATOM   981  C  CD1 . PHE B 1 42 ? -5.411  -7.705  12.726  1.00 50.13  ? 42  PHE B CD1 1 
ATOM   982  C  CD2 . PHE B 1 42 ? -6.513  -9.826  12.674  1.00 51.38  ? 42  PHE B CD2 1 
ATOM   983  C  CE1 . PHE B 1 42 ? -4.442  -8.220  13.591  1.00 51.40  ? 42  PHE B CE1 1 
ATOM   984  C  CE2 . PHE B 1 42 ? -5.550  -10.355 13.540  1.00 52.89  ? 42  PHE B CE2 1 
ATOM   985  C  CZ  . PHE B 1 42 ? -4.513  -9.548  13.998  1.00 52.86  ? 42  PHE B CZ  1 
ATOM   986  N  N   . GLU B 1 43 ? -7.997  -7.951  7.807   1.00 50.21  ? 43  GLU B N   1 
ATOM   987  C  CA  . GLU B 1 43 ? -8.982  -7.726  6.758   1.00 53.44  ? 43  GLU B CA  1 
ATOM   988  C  C   . GLU B 1 43 ? -10.398 -8.001  7.254   1.00 54.59  ? 43  GLU B C   1 
ATOM   989  O  O   . GLU B 1 43 ? -11.253 -7.118  7.241   1.00 54.51  ? 43  GLU B O   1 
ATOM   990  C  CB  . GLU B 1 43 ? -8.669  -8.628  5.562   1.00 102.89 ? 43  GLU B CB  1 
ATOM   991  C  CG  . GLU B 1 43 ? -9.577  -8.401  4.357   1.00 107.94 ? 43  GLU B CG  1 
ATOM   992  C  CD  . GLU B 1 43 ? -9.326  -9.398  3.235   1.00 109.93 ? 43  GLU B CD  1 
ATOM   993  O  OE1 . GLU B 1 43 ? -8.167  -9.492  2.770   1.00 109.93 ? 43  GLU B OE1 1 
ATOM   994  O  OE2 . GLU B 1 43 ? -10.289 -10.085 2.816   1.00 109.93 ? 43  GLU B OE2 1 
ATOM   995  N  N   . LYS B 1 44 ? -10.632 -9.238  7.677   1.00 76.88  ? 44  LYS B N   1 
ATOM   996  C  CA  . LYS B 1 44 ? -11.933 -9.659  8.186   1.00 78.81  ? 44  LYS B CA  1 
ATOM   997  C  C   . LYS B 1 44 ? -12.029 -9.097  9.594   1.00 78.82  ? 44  LYS B C   1 
ATOM   998  O  O   . LYS B 1 44 ? -12.154 -9.847  10.562  1.00 80.05  ? 44  LYS B O   1 
ATOM   999  C  CB  . LYS B 1 44 ? -11.997 -11.190 8.229   1.00 86.76  ? 44  LYS B CB  1 
ATOM   1000 C  CG  . LYS B 1 44 ? -13.377 -11.788 8.476   1.00 88.70  ? 44  LYS B CG  1 
ATOM   1001 C  CD  . LYS B 1 44 ? -14.198 -11.862 7.192   1.00 89.52  ? 44  LYS B CD  1 
ATOM   1002 C  CE  . LYS B 1 44 ? -15.425 -12.756 7.381   1.00 89.52  ? 44  LYS B CE  1 
ATOM   1003 N  NZ  . LYS B 1 44 ? -16.216 -12.936 6.129   1.00 88.49  ? 44  LYS B NZ  1 
ATOM   1004 N  N   . ASN B 1 45 ? -11.963 -7.774  9.699   1.00 53.49  ? 45  ASN B N   1 
ATOM   1005 C  CA  . ASN B 1 45 ? -12.000 -7.106  10.993  1.00 52.76  ? 45  ASN B CA  1 
ATOM   1006 C  C   . ASN B 1 45 ? -11.965 -5.600  10.751  1.00 51.65  ? 45  ASN B C   1 
ATOM   1007 O  O   . ASN B 1 45 ? -12.671 -4.837  11.413  1.00 51.54  ? 45  ASN B O   1 
ATOM   1008 C  CB  . ASN B 1 45 ? -10.771 -7.524  11.808  1.00 57.22  ? 45  ASN B CB  1 
ATOM   1009 C  CG  . ASN B 1 45 ? -11.080 -7.748  13.268  1.00 57.11  ? 45  ASN B CG  1 
ATOM   1010 O  OD1 . ASN B 1 45 ? -11.520 -6.841  13.966  1.00 56.58  ? 45  ASN B OD1 1 
ATOM   1011 N  ND2 . ASN B 1 45 ? -10.842 -8.966  13.743  1.00 59.20  ? 45  ASN B ND2 1 
ATOM   1012 N  N   . GLN B 1 46 ? -11.134 -5.194  9.793   1.00 54.59  ? 46  GLN B N   1 
ATOM   1013 C  CA  . GLN B 1 46 ? -10.960 -3.792  9.418   1.00 53.19  ? 46  GLN B CA  1 
ATOM   1014 C  C   . GLN B 1 46 ? -10.177 -3.031  10.477  1.00 50.81  ? 46  GLN B C   1 
ATOM   1015 O  O   . GLN B 1 46 ? -10.434 -1.851  10.728  1.00 50.99  ? 46  GLN B O   1 
ATOM   1016 C  CB  . GLN B 1 46 ? -12.319 -3.119  9.202   1.00 77.96  ? 46  GLN B CB  1 
ATOM   1017 C  CG  . GLN B 1 46 ? -12.697 -2.923  7.740   1.00 81.67  ? 46  GLN B CG  1 
ATOM   1018 C  CD  . GLN B 1 46 ? -12.606 -4.206  6.949   1.00 83.24  ? 46  GLN B CD  1 
ATOM   1019 O  OE1 . GLN B 1 46 ? -13.205 -5.218  7.317   1.00 84.70  ? 46  GLN B OE1 1 
ATOM   1020 N  NE2 . GLN B 1 46 ? -11.857 -4.174  5.848   1.00 84.66  ? 46  GLN B NE2 1 
ATOM   1021 N  N   . THR B 1 47 ? -9.205  -3.700  11.086  1.00 42.57  ? 47  THR B N   1 
ATOM   1022 C  CA  . THR B 1 47 ? -8.415  -3.064  12.130  1.00 39.14  ? 47  THR B CA  1 
ATOM   1023 C  C   . THR B 1 47 ? -6.904  -3.206  12.011  1.00 35.96  ? 47  THR B C   1 
ATOM   1024 O  O   . THR B 1 47 ? -6.392  -4.168  11.452  1.00 35.03  ? 47  THR B O   1 
ATOM   1025 C  CB  . THR B 1 47 ? -8.838  -3.583  13.517  1.00 37.78  ? 47  THR B CB  1 
ATOM   1026 O  OG1 . THR B 1 47 ? -8.979  -5.006  13.466  1.00 37.63  ? 47  THR B OG1 1 
ATOM   1027 C  CG2 . THR B 1 47 ? -10.152 -2.951  13.945  1.00 37.04  ? 47  THR B CG2 1 
ATOM   1028 N  N   . PHE B 1 48 ? -6.200  -2.218  12.547  1.00 35.97  ? 48  PHE B N   1 
ATOM   1029 C  CA  . PHE B 1 48 ? -4.742  -2.211  12.559  1.00 33.93  ? 48  PHE B CA  1 
ATOM   1030 C  C   . PHE B 1 48 ? -4.315  -2.514  13.990  1.00 32.76  ? 48  PHE B C   1 
ATOM   1031 O  O   . PHE B 1 48 ? -4.872  -1.950  14.930  1.00 31.70  ? 48  PHE B O   1 
ATOM   1032 C  CB  . PHE B 1 48 ? -4.210  -0.831  12.195  1.00 32.19  ? 48  PHE B CB  1 
ATOM   1033 C  CG  . PHE B 1 48 ? -4.414  -0.452  10.763  1.00 32.65  ? 48  PHE B CG  1 
ATOM   1034 C  CD1 . PHE B 1 48 ? -3.497  -0.845  9.790   1.00 31.82  ? 48  PHE B CD1 1 
ATOM   1035 C  CD2 . PHE B 1 48 ? -5.507  0.327   10.385  1.00 31.36  ? 48  PHE B CD2 1 
ATOM   1036 C  CE1 . PHE B 1 48 ? -3.662  -0.464  8.458   1.00 31.90  ? 48  PHE B CE1 1 
ATOM   1037 C  CE2 . PHE B 1 48 ? -5.676  0.711   9.054   1.00 32.04  ? 48  PHE B CE2 1 
ATOM   1038 C  CZ  . PHE B 1 48 ? -4.751  0.315   8.092   1.00 28.67  ? 48  PHE B CZ  1 
ATOM   1039 N  N   . GLU B 1 49 ? -3.348  -3.406  14.163  1.00 34.81  ? 49  GLU B N   1 
ATOM   1040 C  CA  . GLU B 1 49 ? -2.857  -3.713  15.499  1.00 33.54  ? 49  GLU B CA  1 
ATOM   1041 C  C   . GLU B 1 49 ? -1.412  -3.271  15.628  1.00 30.89  ? 49  GLU B C   1 
ATOM   1042 O  O   . GLU B 1 49 ? -0.527  -3.772  14.944  1.00 31.57  ? 49  GLU B O   1 
ATOM   1043 C  CB  . GLU B 1 49 ? -3.002  -5.201  15.821  1.00 44.19  ? 49  GLU B CB  1 
ATOM   1044 C  CG  . GLU B 1 49 ? -4.340  -5.513  16.504  1.00 49.99  ? 49  GLU B CG  1 
ATOM   1045 C  CD  . GLU B 1 49 ? -4.483  -6.960  16.956  1.00 52.32  ? 49  GLU B CD  1 
ATOM   1046 O  OE1 . GLU B 1 49 ? -3.521  -7.506  17.540  1.00 56.30  ? 49  GLU B OE1 1 
ATOM   1047 O  OE2 . GLU B 1 49 ? -5.566  -7.545  16.744  1.00 52.85  ? 49  GLU B OE2 1 
ATOM   1048 N  N   . LEU B 1 50 ? -1.195  -2.300  16.503  1.00 26.84  ? 50  LEU B N   1 
ATOM   1049 C  CA  . LEU B 1 50 ? 0.125   -1.756  16.738  1.00 24.64  ? 50  LEU B CA  1 
ATOM   1050 C  C   . LEU B 1 50 ? 0.815   -2.420  17.933  1.00 24.54  ? 50  LEU B C   1 
ATOM   1051 O  O   . LEU B 1 50 ? 0.262   -2.471  19.033  1.00 25.36  ? 50  LEU B O   1 
ATOM   1052 C  CB  . LEU B 1 50 ? 0.009   -0.253  16.992  1.00 18.40  ? 50  LEU B CB  1 
ATOM   1053 C  CG  . LEU B 1 50 ? 1.321   0.466   17.279  1.00 15.90  ? 50  LEU B CG  1 
ATOM   1054 C  CD1 . LEU B 1 50 ? 2.135   0.517   15.993  1.00 12.04  ? 50  LEU B CD1 1 
ATOM   1055 C  CD2 . LEU B 1 50 ? 1.044   1.870   17.820  1.00 12.46  ? 50  LEU B CD2 1 
ATOM   1056 N  N   . THR B 1 51 ? 2.017   -2.937  17.718  1.00 21.51  ? 51  THR B N   1 
ATOM   1057 C  CA  . THR B 1 51 ? 2.759   -3.559  18.802  1.00 20.99  ? 51  THR B CA  1 
ATOM   1058 C  C   . THR B 1 51 ? 3.944   -2.668  19.086  1.00 19.71  ? 51  THR B C   1 
ATOM   1059 O  O   . THR B 1 51 ? 4.751   -2.412  18.206  1.00 19.02  ? 51  THR B O   1 
ATOM   1060 C  CB  . THR B 1 51 ? 3.274   -4.954  18.429  1.00 27.67  ? 51  THR B CB  1 
ATOM   1061 O  OG1 . THR B 1 51 ? 2.161   -5.829  18.210  1.00 30.45  ? 51  THR B OG1 1 
ATOM   1062 C  CG2 . THR B 1 51 ? 4.146   -5.510  19.545  1.00 27.64  ? 51  THR B CG2 1 
ATOM   1063 N  N   . VAL B 1 52 ? 4.043   -2.179  20.312  1.00 23.04  ? 52  VAL B N   1 
ATOM   1064 C  CA  . VAL B 1 52 ? 5.154   -1.313  20.661  1.00 25.32  ? 52  VAL B CA  1 
ATOM   1065 C  C   . VAL B 1 52 ? 6.166   -2.099  21.483  1.00 27.19  ? 52  VAL B C   1 
ATOM   1066 O  O   . VAL B 1 52 ? 5.798   -2.846  22.391  1.00 26.03  ? 52  VAL B O   1 
ATOM   1067 C  CB  . VAL B 1 52 ? 4.671   -0.081  21.449  1.00 15.61  ? 52  VAL B CB  1 
ATOM   1068 C  CG1 . VAL B 1 52 ? 5.845   0.800   21.805  1.00 13.02  ? 52  VAL B CG1 1 
ATOM   1069 C  CG2 . VAL B 1 52 ? 3.655   0.686   20.618  1.00 13.91  ? 52  VAL B CG2 1 
ATOM   1070 N  N   . PHE B 1 53 ? 7.443   -1.932  21.151  1.00 26.64  ? 53  PHE B N   1 
ATOM   1071 C  CA  . PHE B 1 53 ? 8.503   -2.650  21.843  1.00 28.79  ? 53  PHE B CA  1 
ATOM   1072 C  C   . PHE B 1 53 ? 9.140   -1.908  23.005  1.00 29.32  ? 53  PHE B C   1 
ATOM   1073 O  O   . PHE B 1 53 ? 9.375   -0.699  22.950  1.00 30.39  ? 53  PHE B O   1 
ATOM   1074 C  CB  . PHE B 1 53 ? 9.592   -3.055  20.854  1.00 26.03  ? 53  PHE B CB  1 
ATOM   1075 C  CG  . PHE B 1 53 ? 9.085   -3.876  19.715  1.00 25.78  ? 53  PHE B CG  1 
ATOM   1076 C  CD1 . PHE B 1 53 ? 8.397   -5.059  19.956  1.00 24.80  ? 53  PHE B CD1 1 
ATOM   1077 C  CD2 . PHE B 1 53 ? 9.283   -3.464  18.402  1.00 24.03  ? 53  PHE B CD2 1 
ATOM   1078 C  CE1 . PHE B 1 53 ? 7.905   -5.832  18.897  1.00 27.88  ? 53  PHE B CE1 1 
ATOM   1079 C  CE2 . PHE B 1 53 ? 8.802   -4.222  17.334  1.00 24.16  ? 53  PHE B CE2 1 
ATOM   1080 C  CZ  . PHE B 1 53 ? 8.109   -5.412  17.583  1.00 26.84  ? 53  PHE B CZ  1 
ATOM   1081 N  N   . GLN B 1 54 ? 9.414   -2.659  24.064  1.00 26.47  ? 54  GLN B N   1 
ATOM   1082 C  CA  . GLN B 1 54 ? 10.057  -2.120  25.254  1.00 27.29  ? 54  GLN B CA  1 
ATOM   1083 C  C   . GLN B 1 54 ? 11.040  -3.188  25.744  1.00 24.08  ? 54  GLN B C   1 
ATOM   1084 O  O   . GLN B 1 54 ? 10.640  -4.298  26.097  1.00 20.16  ? 54  GLN B O   1 
ATOM   1085 C  CB  . GLN B 1 54 ? 9.007   -1.780  26.327  1.00 39.09  ? 54  GLN B CB  1 
ATOM   1086 C  CG  . GLN B 1 54 ? 7.977   -2.882  26.569  1.00 47.90  ? 54  GLN B CG  1 
ATOM   1087 C  CD  . GLN B 1 54 ? 7.006   -2.580  27.718  1.00 53.07  ? 54  GLN B CD  1 
ATOM   1088 O  OE1 . GLN B 1 54 ? 6.118   -3.388  28.024  1.00 54.89  ? 54  GLN B OE1 1 
ATOM   1089 N  NE2 . GLN B 1 54 ? 7.176   -1.424  28.356  1.00 53.38  ? 54  GLN B NE2 1 
ATOM   1090 N  N   . LYS B 1 55 ? 12.327  -2.842  25.743  1.00 26.96  ? 55  LYS B N   1 
ATOM   1091 C  CA  . LYS B 1 55 ? 13.392  -3.757  26.166  1.00 26.00  ? 55  LYS B CA  1 
ATOM   1092 C  C   . LYS B 1 55 ? 13.118  -4.466  27.485  1.00 25.96  ? 55  LYS B C   1 
ATOM   1093 O  O   . LYS B 1 55 ? 12.799  -3.830  28.486  1.00 25.54  ? 55  LYS B O   1 
ATOM   1094 C  CB  . LYS B 1 55 ? 14.720  -3.014  26.271  1.00 22.03  ? 55  LYS B CB  1 
ATOM   1095 C  CG  . LYS B 1 55 ? 15.459  -2.824  24.947  1.00 21.39  ? 55  LYS B CG  1 
ATOM   1096 C  CD  . LYS B 1 55 ? 16.781  -2.128  25.189  1.00 23.21  ? 55  LYS B CD  1 
ATOM   1097 C  CE  . LYS B 1 55 ? 17.627  -2.007  23.934  1.00 27.73  ? 55  LYS B CE  1 
ATOM   1098 N  NZ  . LYS B 1 55 ? 18.968  -1.359  24.218  1.00 29.31  ? 55  LYS B NZ  1 
ATOM   1099 N  N   . GLY B 1 56 ? 13.228  -5.792  27.468  1.00 26.17  ? 56  GLY B N   1 
ATOM   1100 C  CA  . GLY B 1 56 ? 13.014  -6.584  28.668  1.00 27.74  ? 56  GLY B CA  1 
ATOM   1101 C  C   . GLY B 1 56 ? 11.580  -6.745  29.130  1.00 30.48  ? 56  GLY B C   1 
ATOM   1102 O  O   . GLY B 1 56 ? 11.329  -7.068  30.293  1.00 31.55  ? 56  GLY B O   1 
ATOM   1103 N  N   . GLU B 1 57 ? 10.626  -6.540  28.234  1.00 29.97  ? 57  GLU B N   1 
ATOM   1104 C  CA  . GLU B 1 57 ? 9.231   -6.673  28.614  1.00 32.03  ? 57  GLU B CA  1 
ATOM   1105 C  C   . GLU B 1 57 ? 8.317   -7.172  27.504  1.00 34.76  ? 57  GLU B C   1 
ATOM   1106 O  O   . GLU B 1 57 ? 8.656   -7.120  26.321  1.00 34.21  ? 57  GLU B O   1 
ATOM   1107 C  CB  . GLU B 1 57 ? 8.717   -5.329  29.123  1.00 36.00  ? 57  GLU B CB  1 
ATOM   1108 C  CG  . GLU B 1 57 ? 9.054   -5.044  30.577  1.00 40.01  ? 57  GLU B CG  1 
ATOM   1109 C  CD  . GLU B 1 57 ? 9.436   -3.602  30.811  1.00 41.23  ? 57  GLU B CD  1 
ATOM   1110 O  OE1 . GLU B 1 57 ? 9.019   -2.735  30.017  1.00 43.07  ? 57  GLU B OE1 1 
ATOM   1111 O  OE2 . GLU B 1 57 ? 10.147  -3.333  31.798  1.00 43.56  ? 57  GLU B OE2 1 
ATOM   1112 N  N   . LYS B 1 58 ? 7.156   -7.673  27.903  1.00 42.34  ? 58  LYS B N   1 
ATOM   1113 C  CA  . LYS B 1 58 ? 6.164   -8.122  26.943  1.00 44.98  ? 58  LYS B CA  1 
ATOM   1114 C  C   . LYS B 1 58 ? 5.708   -6.838  26.244  1.00 44.79  ? 58  LYS B C   1 
ATOM   1115 O  O   . LYS B 1 58 ? 5.563   -5.791  26.879  1.00 44.29  ? 58  LYS B O   1 
ATOM   1116 C  CB  . LYS B 1 58 ? 4.990   -8.789  27.666  1.00 67.47  ? 58  LYS B CB  1 
ATOM   1117 C  CG  . LYS B 1 58 ? 3.799   -9.109  26.766  1.00 74.77  ? 58  LYS B CG  1 
ATOM   1118 C  CD  . LYS B 1 58 ? 2.762   -10.012 27.457  1.00 77.50  ? 58  LYS B CD  1 
ATOM   1119 C  CE  . LYS B 1 58 ? 3.276   -11.446 27.615  1.00 79.65  ? 58  LYS B CE  1 
ATOM   1120 N  NZ  . LYS B 1 58 ? 2.285   -12.358 28.265  1.00 79.44  ? 58  LYS B NZ  1 
ATOM   1121 N  N   . PRO B 1 59 ? 5.498   -6.892  24.926  1.00 36.76  ? 59  PRO B N   1 
ATOM   1122 C  CA  . PRO B 1 59 ? 5.066   -5.683  24.226  1.00 36.57  ? 59  PRO B CA  1 
ATOM   1123 C  C   . PRO B 1 59 ? 3.569   -5.439  24.329  1.00 36.18  ? 59  PRO B C   1 
ATOM   1124 O  O   . PRO B 1 59 ? 2.774   -6.376  24.430  1.00 36.41  ? 59  PRO B O   1 
ATOM   1125 C  CB  . PRO B 1 59 ? 5.499   -5.952  22.797  1.00 52.83  ? 59  PRO B CB  1 
ATOM   1126 C  CG  . PRO B 1 59 ? 5.213   -7.417  22.666  1.00 53.91  ? 59  PRO B CG  1 
ATOM   1127 C  CD  . PRO B 1 59 ? 5.746   -7.990  23.975  1.00 52.48  ? 59  PRO B CD  1 
ATOM   1128 N  N   . ASN B 1 60 ? 3.192   -4.168  24.316  1.00 41.08  ? 60  ASN B N   1 
ATOM   1129 C  CA  . ASN B 1 60 ? 1.788   -3.793  24.370  1.00 40.61  ? 60  ASN B CA  1 
ATOM   1130 C  C   . ASN B 1 60 ? 1.238   -3.716  22.948  1.00 39.69  ? 60  ASN B C   1 
ATOM   1131 O  O   . ASN B 1 60 ? 1.904   -3.218  22.036  1.00 38.64  ? 60  ASN B O   1 
ATOM   1132 C  CB  . ASN B 1 60 ? 1.623   -2.433  25.057  1.00 42.49  ? 60  ASN B CB  1 
ATOM   1133 C  CG  . ASN B 1 60 ? 1.381   -2.554  26.554  1.00 43.46  ? 60  ASN B CG  1 
ATOM   1134 O  OD1 . ASN B 1 60 ? 0.275   -2.875  26.993  1.00 42.47  ? 60  ASN B OD1 1 
ATOM   1135 N  ND2 . ASN B 1 60 ? 2.418   -2.303  27.343  1.00 43.14  ? 60  ASN B ND2 1 
ATOM   1136 N  N   . THR B 1 61 ? 0.035   -4.241  22.758  1.00 41.23  ? 61  THR B N   1 
ATOM   1137 C  CA  . THR B 1 61 ? -0.611  -4.184  21.464  1.00 41.85  ? 61  THR B CA  1 
ATOM   1138 C  C   . THR B 1 61 ? -1.777  -3.227  21.638  1.00 41.11  ? 61  THR B C   1 
ATOM   1139 O  O   . THR B 1 61 ? -2.386  -3.168  22.703  1.00 41.53  ? 61  THR B O   1 
ATOM   1140 C  CB  . THR B 1 61 ? -1.140  -5.552  21.021  1.00 53.06  ? 61  THR B CB  1 
ATOM   1141 O  OG1 . THR B 1 61 ? -2.155  -5.989  21.930  1.00 56.45  ? 61  THR B OG1 1 
ATOM   1142 C  CG2 . THR B 1 61 ? -0.012  -6.562  20.986  1.00 53.40  ? 61  THR B CG2 1 
ATOM   1143 N  N   . TYR B 1 62 ? -2.080  -2.476  20.591  1.00 35.41  ? 62  TYR B N   1 
ATOM   1144 C  CA  . TYR B 1 62 ? -3.153  -1.497  20.635  1.00 32.69  ? 62  TYR B CA  1 
ATOM   1145 C  C   . TYR B 1 62 ? -3.921  -1.521  19.323  1.00 29.74  ? 62  TYR B C   1 
ATOM   1146 O  O   . TYR B 1 62 ? -3.333  -1.360  18.262  1.00 29.26  ? 62  TYR B O   1 
ATOM   1147 C  CB  . TYR B 1 62 ? -2.565  -0.105  20.811  1.00 37.73  ? 62  TYR B CB  1 
ATOM   1148 C  CG  . TYR B 1 62 ? -1.639  0.051   21.986  1.00 38.17  ? 62  TYR B CG  1 
ATOM   1149 C  CD1 . TYR B 1 62 ? -2.139  0.317   23.257  1.00 37.92  ? 62  TYR B CD1 1 
ATOM   1150 C  CD2 . TYR B 1 62 ? -0.257  -0.029  21.820  1.00 37.45  ? 62  TYR B CD2 1 
ATOM   1151 C  CE1 . TYR B 1 62 ? -1.286  0.510   24.337  1.00 37.54  ? 62  TYR B CE1 1 
ATOM   1152 C  CE2 . TYR B 1 62 ? 0.606   0.160   22.891  1.00 37.31  ? 62  TYR B CE2 1 
ATOM   1153 C  CZ  . TYR B 1 62 ? 0.085   0.432   24.146  1.00 38.68  ? 62  TYR B CZ  1 
ATOM   1154 O  OH  . TYR B 1 62 ? 0.932   0.644   25.206  1.00 38.65  ? 62  TYR B OH  1 
ATOM   1155 N  N   . PRO B 1 63 ? -5.241  -1.732  19.379  1.00 30.14  ? 63  PRO B N   1 
ATOM   1156 C  CA  . PRO B 1 63 ? -6.030  -1.760  18.147  1.00 28.15  ? 63  PRO B CA  1 
ATOM   1157 C  C   . PRO B 1 63 ? -6.426  -0.367  17.667  1.00 27.85  ? 63  PRO B C   1 
ATOM   1158 O  O   . PRO B 1 63 ? -6.577  0.565   18.463  1.00 26.71  ? 63  PRO B O   1 
ATOM   1159 C  CB  . PRO B 1 63 ? -7.237  -2.612  18.530  1.00 29.83  ? 63  PRO B CB  1 
ATOM   1160 C  CG  . PRO B 1 63 ? -7.456  -2.251  19.948  1.00 29.67  ? 63  PRO B CG  1 
ATOM   1161 C  CD  . PRO B 1 63 ? -6.045  -2.196  20.528  1.00 30.46  ? 63  PRO B CD  1 
ATOM   1162 N  N   . PHE B 1 64 ? -6.564  -0.238  16.349  1.00 30.79  ? 64  PHE B N   1 
ATOM   1163 C  CA  . PHE B 1 64 ? -6.957  1.011   15.698  1.00 29.80  ? 64  PHE B CA  1 
ATOM   1164 C  C   . PHE B 1 64 ? -7.847  0.639   14.529  1.00 31.32  ? 64  PHE B C   1 
ATOM   1165 O  O   . PHE B 1 64 ? -7.569  -0.335  13.826  1.00 33.48  ? 64  PHE B O   1 
ATOM   1166 C  CB  . PHE B 1 64 ? -5.746  1.760   15.129  1.00 28.00  ? 64  PHE B CB  1 
ATOM   1167 C  CG  . PHE B 1 64 ? -4.846  2.370   16.169  1.00 27.07  ? 64  PHE B CG  1 
ATOM   1168 C  CD1 . PHE B 1 64 ? -3.815  1.635   16.737  1.00 25.05  ? 64  PHE B CD1 1 
ATOM   1169 C  CD2 . PHE B 1 64 ? -5.016  3.696   16.558  1.00 25.12  ? 64  PHE B CD2 1 
ATOM   1170 C  CE1 . PHE B 1 64 ? -2.963  2.218   17.676  1.00 26.13  ? 64  PHE B CE1 1 
ATOM   1171 C  CE2 . PHE B 1 64 ? -4.170  4.285   17.496  1.00 23.96  ? 64  PHE B CE2 1 
ATOM   1172 C  CZ  . PHE B 1 64 ? -3.142  3.544   18.054  1.00 24.86  ? 64  PHE B CZ  1 
ATOM   1173 N  N   . ASP B 1 65 ? -8.917  1.391   14.312  1.00 29.37  ? 65  ASP B N   1 
ATOM   1174 C  CA  . ASP B 1 65 ? -9.773  1.101   13.174  1.00 31.16  ? 65  ASP B CA  1 
ATOM   1175 C  C   . ASP B 1 65 ? -9.573  2.173   12.115  1.00 30.18  ? 65  ASP B C   1 
ATOM   1176 O  O   . ASP B 1 65 ? -10.187 2.131   11.055  1.00 31.99  ? 65  ASP B O   1 
ATOM   1177 C  CB  . ASP B 1 65 ? -11.244 1.030   13.588  1.00 45.95  ? 65  ASP B CB  1 
ATOM   1178 C  CG  . ASP B 1 65 ? -11.713 2.277   14.300  1.00 50.40  ? 65  ASP B CG  1 
ATOM   1179 O  OD1 . ASP B 1 65 ? -11.344 3.392   13.868  1.00 52.98  ? 65  ASP B OD1 1 
ATOM   1180 O  OD2 . ASP B 1 65 ? -12.470 2.136   15.282  1.00 51.24  ? 65  ASP B OD2 1 
ATOM   1181 N  N   . ASN B 1 66 ? -8.672  3.109   12.400  1.00 28.99  ? 66  ASN B N   1 
ATOM   1182 C  CA  . ASN B 1 66 ? -8.388  4.218   11.502  1.00 28.14  ? 66  ASN B CA  1 
ATOM   1183 C  C   . ASN B 1 66 ? -6.897  4.311   11.168  1.00 26.79  ? 66  ASN B C   1 
ATOM   1184 O  O   . ASN B 1 66 ? -6.048  4.393   12.060  1.00 26.43  ? 66  ASN B O   1 
ATOM   1185 C  CB  . ASN B 1 66 ? -8.859  5.521   12.160  1.00 38.84  ? 66  ASN B CB  1 
ATOM   1186 C  CG  . ASN B 1 66 ? -8.846  6.693   11.212  1.00 40.51  ? 66  ASN B CG  1 
ATOM   1187 O  OD1 . ASN B 1 66 ? -7.876  6.910   10.494  1.00 43.46  ? 66  ASN B OD1 1 
ATOM   1188 N  ND2 . ASN B 1 66 ? -9.923  7.469   11.213  1.00 42.40  ? 66  ASN B ND2 1 
ATOM   1189 N  N   . ILE B 1 67 ? -6.592  4.316   9.876   1.00 24.55  ? 67  ILE B N   1 
ATOM   1190 C  CA  . ILE B 1 67 ? -5.220  4.385   9.392   1.00 24.99  ? 67  ILE B CA  1 
ATOM   1191 C  C   . ILE B 1 67 ? -4.512  5.679   9.845   1.00 24.59  ? 67  ILE B C   1 
ATOM   1192 O  O   . ILE B 1 67 ? -3.313  5.673   10.136  1.00 22.73  ? 67  ILE B O   1 
ATOM   1193 C  CB  . ILE B 1 67 ? -5.216  4.244   7.844   1.00 27.55  ? 67  ILE B CB  1 
ATOM   1194 C  CG1 . ILE B 1 67 ? -3.801  3.994   7.313   1.00 29.70  ? 67  ILE B CG1 1 
ATOM   1195 C  CG2 . ILE B 1 67 ? -5.852  5.475   7.212   1.00 27.32  ? 67  ILE B CG2 1 
ATOM   1196 C  CD1 . ILE B 1 67 ? -3.731  3.511   5.866   1.00 39.50  ? 67  ILE B CD1 1 
ATOM   1197 N  N   . ASP B 1 68 ? -5.260  6.777   9.923   1.00 27.42  ? 68  ASP B N   1 
ATOM   1198 C  CA  . ASP B 1 68 ? -4.704  8.063   10.360  1.00 29.07  ? 68  ASP B CA  1 
ATOM   1199 C  C   . ASP B 1 68 ? -4.300  8.035   11.837  1.00 27.55  ? 68  ASP B C   1 
ATOM   1200 O  O   . ASP B 1 68 ? -3.258  8.571   12.214  1.00 26.09  ? 68  ASP B O   1 
ATOM   1201 C  CB  . ASP B 1 68 ? -5.711  9.203   10.122  1.00 29.39  ? 68  ASP B CB  1 
ATOM   1202 C  CG  . ASP B 1 68 ? -5.922  9.507   8.633   1.00 34.86  ? 68  ASP B CG  1 
ATOM   1203 O  OD1 . ASP B 1 68 ? -4.920  9.584   7.881   1.00 34.73  ? 68  ASP B OD1 1 
ATOM   1204 O  OD2 . ASP B 1 68 ? -7.090  9.683   8.212   1.00 36.40  ? 68  ASP B OD2 1 
HETATM 1205 N  N   . MSE B 1 69 ? -5.133  7.407   12.658  1.00 26.27  ? 69  MSE B N   1 
HETATM 1206 C  CA  . MSE B 1 69 ? -4.881  7.288   14.090  1.00 29.41  ? 69  MSE B CA  1 
HETATM 1207 C  C   . MSE B 1 69 ? -3.567  6.584   14.365  1.00 26.08  ? 69  MSE B C   1 
HETATM 1208 O  O   . MSE B 1 69 ? -2.722  7.087   15.097  1.00 25.92  ? 69  MSE B O   1 
HETATM 1209 C  CB  . MSE B 1 69 ? -5.987  6.475   14.763  1.00 56.99  ? 69  MSE B CB  1 
HETATM 1210 C  CG  . MSE B 1 69 ? -7.351  7.062   14.616  1.00 67.45  ? 69  MSE B CG  1 
HETATM 1211 SE SE  . MSE B 1 69 ? -7.341  8.813   15.350  1.00 82.87  ? 69  MSE B SE  1 
HETATM 1212 C  CE  . MSE B 1 69 ? -7.718  8.355   17.198  1.00 79.40  ? 69  MSE B CE  1 
ATOM   1213 N  N   . VAL B 1 70 ? -3.421  5.397   13.784  1.00 21.27  ? 70  VAL B N   1 
ATOM   1214 C  CA  . VAL B 1 70 ? -2.228  4.597   13.966  1.00 19.67  ? 70  VAL B CA  1 
ATOM   1215 C  C   . VAL B 1 70 ? -0.999  5.247   13.328  1.00 18.73  ? 70  VAL B C   1 
ATOM   1216 O  O   . VAL B 1 70 ? 0.086   5.223   13.902  1.00 19.32  ? 70  VAL B O   1 
ATOM   1217 C  CB  . VAL B 1 70 ? -2.456  3.161   13.435  1.00 20.54  ? 70  VAL B CB  1 
ATOM   1218 C  CG1 . VAL B 1 70 ? -2.719  3.177   11.939  1.00 20.46  ? 70  VAL B CG1 1 
ATOM   1219 C  CG2 . VAL B 1 70 ? -1.273  2.289   13.795  1.00 22.37  ? 70  VAL B CG2 1 
ATOM   1220 N  N   . SER B 1 71 ? -1.163  5.848   12.154  1.00 21.77  ? 71  SER B N   1 
ATOM   1221 C  CA  . SER B 1 71 ? -0.043  6.523   11.507  1.00 21.27  ? 71  SER B CA  1 
ATOM   1222 C  C   . SER B 1 71 ? 0.508   7.592   12.439  1.00 21.64  ? 71  SER B C   1 
ATOM   1223 O  O   . SER B 1 71 ? 1.719   7.775   12.538  1.00 23.54  ? 71  SER B O   1 
ATOM   1224 C  CB  . SER B 1 71 ? -0.483  7.184   10.195  1.00 24.05  ? 71  SER B CB  1 
ATOM   1225 O  OG  . SER B 1 71 ? -0.751  6.221   9.190   1.00 25.29  ? 71  SER B OG  1 
ATOM   1226 N  N   . ILE B 1 72 ? -0.392  8.296   13.117  1.00 22.35  ? 72  ILE B N   1 
ATOM   1227 C  CA  . ILE B 1 72 ? -0.007  9.345   14.061  1.00 23.45  ? 72  ILE B CA  1 
ATOM   1228 C  C   . ILE B 1 72 ? 0.720   8.742   15.259  1.00 24.81  ? 72  ILE B C   1 
ATOM   1229 O  O   . ILE B 1 72 ? 1.757   9.239   15.699  1.00 25.78  ? 72  ILE B O   1 
ATOM   1230 C  CB  . ILE B 1 72 ? -1.252  10.105  14.583  1.00 19.57  ? 72  ILE B CB  1 
ATOM   1231 C  CG1 . ILE B 1 72 ? -1.862  10.932  13.454  1.00 18.44  ? 72  ILE B CG1 1 
ATOM   1232 C  CG2 . ILE B 1 72 ? -0.879  10.981  15.771  1.00 19.68  ? 72  ILE B CG2 1 
ATOM   1233 C  CD1 . ILE B 1 72 ? -0.980  12.046  12.824  1.00 39.50  ? 72  ILE B CD1 1 
ATOM   1234 N  N   . GLU B 1 73 ? 0.157   7.672   15.793  1.00 24.95  ? 73  GLU B N   1 
ATOM   1235 C  CA  . GLU B 1 73 ? 0.761   7.006   16.928  1.00 27.64  ? 73  GLU B CA  1 
ATOM   1236 C  C   . GLU B 1 73 ? 2.162   6.523   16.555  1.00 26.77  ? 73  GLU B C   1 
ATOM   1237 O  O   . GLU B 1 73 ? 3.091   6.637   17.347  1.00 27.74  ? 73  GLU B O   1 
ATOM   1238 C  CB  . GLU B 1 73 ? -0.115  5.831   17.369  1.00 31.85  ? 73  GLU B CB  1 
ATOM   1239 C  CG  . GLU B 1 73 ? 0.348   5.174   18.649  1.00 39.48  ? 73  GLU B CG  1 
ATOM   1240 C  CD  . GLU B 1 73 ? 0.600   6.174   19.762  1.00 44.16  ? 73  GLU B CD  1 
ATOM   1241 O  OE1 . GLU B 1 73 ? -0.285  7.030   20.002  1.00 45.21  ? 73  GLU B OE1 1 
ATOM   1242 O  OE2 . GLU B 1 73 ? 1.679   6.095   20.399  1.00 46.66  ? 73  GLU B OE2 1 
ATOM   1243 N  N   . ILE B 1 74 ? 2.314   5.991   15.347  1.00 22.59  ? 74  ILE B N   1 
ATOM   1244 C  CA  . ILE B 1 74 ? 3.620   5.527   14.915  1.00 23.34  ? 74  ILE B CA  1 
ATOM   1245 C  C   . ILE B 1 74 ? 4.590   6.707   14.789  1.00 25.86  ? 74  ILE B C   1 
ATOM   1246 O  O   . ILE B 1 74 ? 5.719   6.647   15.283  1.00 28.51  ? 74  ILE B O   1 
ATOM   1247 C  CB  . ILE B 1 74 ? 3.535   4.776   13.559  1.00 24.06  ? 74  ILE B CB  1 
ATOM   1248 C  CG1 . ILE B 1 74 ? 2.784   3.454   13.741  1.00 21.98  ? 74  ILE B CG1 1 
ATOM   1249 C  CG2 . ILE B 1 74 ? 4.924   4.504   13.029  1.00 21.48  ? 74  ILE B CG2 1 
ATOM   1250 C  CD1 . ILE B 1 74 ? 2.300   2.805   12.445  1.00 39.50  ? 74  ILE B CD1 1 
ATOM   1251 N  N   . PHE B 1 75 ? 4.154   7.787   14.150  1.00 22.34  ? 75  PHE B N   1 
ATOM   1252 C  CA  . PHE B 1 75 ? 5.020   8.954   13.980  1.00 22.66  ? 75  PHE B CA  1 
ATOM   1253 C  C   . PHE B 1 75 ? 5.620   9.470   15.290  1.00 22.61  ? 75  PHE B C   1 
ATOM   1254 O  O   . PHE B 1 75 ? 6.818   9.725   15.375  1.00 19.17  ? 75  PHE B O   1 
ATOM   1255 C  CB  . PHE B 1 75 ? 4.249   10.103  13.320  1.00 22.58  ? 75  PHE B CB  1 
ATOM   1256 C  CG  . PHE B 1 75 ? 5.077   11.343  13.095  1.00 20.35  ? 75  PHE B CG  1 
ATOM   1257 C  CD1 . PHE B 1 75 ? 5.902   11.455  11.985  1.00 21.81  ? 75  PHE B CD1 1 
ATOM   1258 C  CD2 . PHE B 1 75 ? 5.029   12.399  13.992  1.00 20.42  ? 75  PHE B CD2 1 
ATOM   1259 C  CE1 . PHE B 1 75 ? 6.665   12.598  11.769  1.00 21.93  ? 75  PHE B CE1 1 
ATOM   1260 C  CE2 . PHE B 1 75 ? 5.790   13.551  13.786  1.00 20.97  ? 75  PHE B CE2 1 
ATOM   1261 C  CZ  . PHE B 1 75 ? 6.608   13.646  12.671  1.00 20.97  ? 75  PHE B CZ  1 
ATOM   1262 N  N   . GLU B 1 76 ? 4.767   9.636   16.295  1.00 25.28  ? 76  GLU B N   1 
ATOM   1263 C  CA  . GLU B 1 76 ? 5.181   10.150  17.587  1.00 27.86  ? 76  GLU B CA  1 
ATOM   1264 C  C   . GLU B 1 76 ? 6.103   9.205   18.336  1.00 28.67  ? 76  GLU B C   1 
ATOM   1265 O  O   . GLU B 1 76 ? 6.931   9.635   19.135  1.00 31.43  ? 76  GLU B O   1 
ATOM   1266 C  CB  . GLU B 1 76 ? 3.941   10.481  18.425  1.00 35.74  ? 76  GLU B CB  1 
ATOM   1267 C  CG  . GLU B 1 76 ? 2.920   11.304  17.647  1.00 39.87  ? 76  GLU B CG  1 
ATOM   1268 C  CD  . GLU B 1 76 ? 1.912   12.032  18.524  1.00 43.34  ? 76  GLU B CD  1 
ATOM   1269 O  OE1 . GLU B 1 76 ? 1.253   11.378  19.372  1.00 43.24  ? 76  GLU B OE1 1 
ATOM   1270 O  OE2 . GLU B 1 76 ? 1.777   13.264  18.346  1.00 41.28  ? 76  GLU B OE2 1 
ATOM   1271 N  N   . LEU B 1 77 ? 5.942   7.915   18.081  1.00 30.48  ? 77  LEU B N   1 
ATOM   1272 C  CA  . LEU B 1 77 ? 6.770   6.892   18.694  1.00 29.27  ? 77  LEU B CA  1 
ATOM   1273 C  C   . LEU B 1 77 ? 8.175   7.011   18.101  1.00 30.71  ? 77  LEU B C   1 
ATOM   1274 O  O   . LEU B 1 77 ? 9.180   6.900   18.814  1.00 31.56  ? 77  LEU B O   1 
ATOM   1275 C  CB  . LEU B 1 77 ? 6.193   5.523   18.367  1.00 18.87  ? 77  LEU B CB  1 
ATOM   1276 C  CG  . LEU B 1 77 ? 5.736   4.541   19.436  1.00 20.45  ? 77  LEU B CG  1 
ATOM   1277 C  CD1 . LEU B 1 77 ? 5.232   5.240   20.693  1.00 20.93  ? 77  LEU B CD1 1 
ATOM   1278 C  CD2 . LEU B 1 77 ? 4.659   3.673   18.807  1.00 15.93  ? 77  LEU B CD2 1 
ATOM   1279 N  N   . LEU B 1 78 ? 8.238   7.233   16.790  1.00 26.92  ? 78  LEU B N   1 
ATOM   1280 C  CA  . LEU B 1 78 ? 9.518   7.361   16.099  1.00 30.00  ? 78  LEU B CA  1 
ATOM   1281 C  C   . LEU B 1 78 ? 10.209  8.666   16.452  1.00 31.80  ? 78  LEU B C   1 
ATOM   1282 O  O   . LEU B 1 78 ? 11.433  8.735   16.510  1.00 34.12  ? 78  LEU B O   1 
ATOM   1283 C  CB  . LEU B 1 78 ? 9.330   7.304   14.579  1.00 27.21  ? 78  LEU B CB  1 
ATOM   1284 C  CG  . LEU B 1 78 ? 8.640   6.068   14.010  1.00 29.13  ? 78  LEU B CG  1 
ATOM   1285 C  CD1 . LEU B 1 78 ? 8.495   6.204   12.501  1.00 27.75  ? 78  LEU B CD1 1 
ATOM   1286 C  CD2 . LEU B 1 78 ? 9.450   4.834   14.365  1.00 28.77  ? 78  LEU B CD2 1 
ATOM   1287 N  N   . GLN B 1 79 ? 9.421   9.703   16.693  1.00 32.52  ? 79  GLN B N   1 
ATOM   1288 C  CA  . GLN B 1 79 ? 9.979   11.007  17.009  1.00 35.83  ? 79  GLN B CA  1 
ATOM   1289 C  C   . GLN B 1 79 ? 10.832  10.962  18.273  1.00 38.40  ? 79  GLN B C   1 
ATOM   1290 O  O   . GLN B 1 79 ? 11.760  11.757  18.442  1.00 37.32  ? 79  GLN B O   1 
ATOM   1291 C  CB  . GLN B 1 79 ? 8.851   12.032  17.151  1.00 41.50  ? 79  GLN B CB  1 
ATOM   1292 C  CG  . GLN B 1 79 ? 9.174   13.364  16.513  1.00 43.02  ? 79  GLN B CG  1 
ATOM   1293 C  CD  . GLN B 1 79 ? 9.504   13.229  15.044  1.00 44.10  ? 79  GLN B CD  1 
ATOM   1294 O  OE1 . GLN B 1 79 ? 10.205  14.067  14.472  1.00 45.64  ? 79  GLN B OE1 1 
ATOM   1295 N  NE2 . GLN B 1 79 ? 8.994   12.171  14.418  1.00 44.88  ? 79  GLN B NE2 1 
ATOM   1296 N  N   . LEU B 1 80 ? 10.521  10.020  19.155  1.00 41.37  ? 80  LEU B N   1 
ATOM   1297 C  CA  . LEU B 1 80 ? 11.265  9.865   20.396  1.00 43.58  ? 80  LEU B CA  1 
ATOM   1298 C  C   . LEU B 1 80 ? 12.582  9.146   20.115  1.00 44.80  ? 80  LEU B C   1 
ATOM   1299 O  O   . LEU B 1 80 ? 12.710  7.986   20.556  1.00 45.42  ? 80  LEU B O   1 
ATOM   1300 C  CB  . LEU B 1 80 ? 10.444  9.060   21.404  1.00 48.40  ? 80  LEU B CB  1 
ATOM   1301 C  CG  . LEU B 1 80 ? 9.035   9.573   21.687  1.00 48.84  ? 80  LEU B CG  1 
ATOM   1302 C  CD1 . LEU B 1 80 ? 8.263   8.529   22.473  1.00 48.72  ? 80  LEU B CD1 1 
ATOM   1303 C  CD2 . LEU B 1 80 ? 9.116   10.885  22.455  1.00 50.28  ? 80  LEU B CD2 1 
HETATM 1304 O  O   . HOH C 2 .  ? -9.762  9.420   -21.129 1.00 34.47  ? 101 HOH A O   1 
HETATM 1305 O  O   . HOH C 2 .  ? -13.001 11.212  -17.193 1.00 35.53  ? 102 HOH A O   1 
HETATM 1306 O  O   . HOH C 2 .  ? -14.188 9.836   -19.297 1.00 41.44  ? 103 HOH A O   1 
HETATM 1307 O  O   . HOH C 2 .  ? -12.557 9.775   -21.265 1.00 42.38  ? 104 HOH A O   1 
HETATM 1308 O  O   . HOH C 2 .  ? -7.128  8.007   -21.055 1.00 25.24  ? 105 HOH A O   1 
HETATM 1309 O  O   . HOH C 2 .  ? -4.601  8.268   -19.954 1.00 32.75  ? 106 HOH A O   1 
HETATM 1310 O  O   . HOH C 2 .  ? -12.528 6.365   -20.655 1.00 28.85  ? 107 HOH A O   1 
HETATM 1311 O  O   . HOH C 2 .  ? -10.622 12.058  -20.584 1.00 38.28  ? 108 HOH A O   1 
HETATM 1312 O  O   . HOH C 2 .  ? -9.044  10.886  -23.491 1.00 40.63  ? 109 HOH A O   1 
HETATM 1313 O  O   . HOH C 2 .  ? 18.002  -0.056  -10.759 1.00 38.19  ? 110 HOH A O   1 
HETATM 1314 O  O   . HOH C 2 .  ? -11.857 -4.989  -14.975 1.00 17.66  ? 111 HOH A O   1 
HETATM 1315 O  O   . HOH C 2 .  ? -3.153  -7.497  -24.032 1.00 17.76  ? 112 HOH A O   1 
HETATM 1316 O  O   . HOH C 2 .  ? -1.147  1.973   -23.437 1.00 21.41  ? 113 HOH A O   1 
HETATM 1317 O  O   . HOH C 2 .  ? -8.989  -11.144 -16.868 1.00 22.34  ? 114 HOH A O   1 
HETATM 1318 O  O   . HOH C 2 .  ? -8.983  -6.668  -20.281 1.00 24.57  ? 115 HOH A O   1 
HETATM 1319 O  O   . HOH C 2 .  ? -7.349  -0.238  -20.276 1.00 24.89  ? 116 HOH A O   1 
HETATM 1320 O  O   . HOH C 2 .  ? 0.424   -5.263  -15.112 1.00 25.23  ? 117 HOH A O   1 
HETATM 1321 O  O   . HOH C 2 .  ? -13.591 6.841   -23.003 1.00 26.57  ? 118 HOH A O   1 
HETATM 1322 O  O   . HOH C 2 .  ? 2.256   6.702   -21.099 1.00 26.59  ? 119 HOH A O   1 
HETATM 1323 O  O   . HOH C 2 .  ? -11.645 -14.412 -14.544 1.00 27.36  ? 120 HOH A O   1 
HETATM 1324 O  O   . HOH C 2 .  ? 5.065   -6.719  -6.372  1.00 28.95  ? 121 HOH A O   1 
HETATM 1325 O  O   . HOH C 2 .  ? -2.458  -4.278  -3.755  1.00 29.21  ? 122 HOH A O   1 
HETATM 1326 O  O   . HOH C 2 .  ? -9.170  1.238   -5.607  1.00 30.16  ? 123 HOH A O   1 
HETATM 1327 O  O   . HOH C 2 .  ? -3.422  -0.117  -4.219  1.00 30.39  ? 124 HOH A O   1 
HETATM 1328 O  O   . HOH C 2 .  ? -9.551  -4.256  -21.606 1.00 30.64  ? 125 HOH A O   1 
HETATM 1329 O  O   . HOH C 2 .  ? -9.441  -15.079 -23.224 1.00 31.00  ? 126 HOH A O   1 
HETATM 1330 O  O   . HOH C 2 .  ? 5.907   9.538   -14.948 1.00 31.15  ? 127 HOH A O   1 
HETATM 1331 O  O   . HOH C 2 .  ? -7.550  6.916   -4.046  1.00 32.50  ? 128 HOH A O   1 
HETATM 1332 O  O   . HOH C 2 .  ? 0.295   -6.150  -12.695 1.00 34.58  ? 129 HOH A O   1 
HETATM 1333 O  O   . HOH C 2 .  ? -2.611  4.250   -23.545 1.00 34.92  ? 130 HOH A O   1 
HETATM 1334 O  O   . HOH C 2 .  ? -1.380  -2.515  -1.967  1.00 35.14  ? 131 HOH A O   1 
HETATM 1335 O  O   . HOH C 2 .  ? 4.147   -3.682  -4.558  1.00 36.05  ? 132 HOH A O   1 
HETATM 1336 O  O   . HOH C 2 .  ? -13.290 14.085  -17.509 1.00 37.71  ? 133 HOH A O   1 
HETATM 1337 O  O   . HOH C 2 .  ? -5.889  5.718   -22.879 1.00 38.98  ? 134 HOH A O   1 
HETATM 1338 O  O   . HOH C 2 .  ? -7.410  6.570   0.579   1.00 40.73  ? 135 HOH A O   1 
HETATM 1339 O  O   . HOH C 2 .  ? -12.925 -2.457  -19.074 1.00 40.98  ? 136 HOH A O   1 
HETATM 1340 O  O   . HOH C 2 .  ? 8.980   6.568   -19.142 1.00 42.88  ? 137 HOH A O   1 
HETATM 1341 O  O   . HOH C 2 .  ? 18.244  1.908   -6.873  1.00 42.89  ? 138 HOH A O   1 
HETATM 1342 O  O   . HOH C 2 .  ? 2.764   14.004  -16.304 1.00 45.57  ? 139 HOH A O   1 
HETATM 1343 O  O   . HOH C 2 .  ? -10.573 -0.533  -2.562  1.00 47.13  ? 140 HOH A O   1 
HETATM 1344 O  O   . HOH C 2 .  ? -7.973  -15.356 -16.853 1.00 48.07  ? 141 HOH A O   1 
HETATM 1345 O  O   . HOH C 2 .  ? 3.627   8.832   -2.108  1.00 49.01  ? 142 HOH A O   1 
HETATM 1346 O  O   . HOH C 2 .  ? 3.541   8.899   -22.566 1.00 49.53  ? 143 HOH A O   1 
HETATM 1347 O  O   . HOH C 2 .  ? -7.015  1.744   -3.975  1.00 50.07  ? 144 HOH A O   1 
HETATM 1348 O  O   . HOH C 2 .  ? -3.109  7.108   -22.094 1.00 53.86  ? 145 HOH A O   1 
HETATM 1349 O  O   . HOH C 2 .  ? -12.863 -2.083  -16.098 1.00 56.90  ? 146 HOH A O   1 
HETATM 1350 O  O   . HOH D 2 .  ? 9.731   1.204   21.048  1.00 24.39  ? 88  HOH B O   1 
HETATM 1351 O  O   . HOH D 2 .  ? 0.597   -5.939  15.915  1.00 27.44  ? 89  HOH B O   1 
HETATM 1352 O  O   . HOH D 2 .  ? 8.771   -5.917  23.793  1.00 30.45  ? 90  HOH B O   1 
HETATM 1353 O  O   . HOH D 2 .  ? -8.361  3.986   15.743  1.00 32.46  ? 91  HOH B O   1 
HETATM 1354 O  O   . HOH D 2 .  ? 0.550   2.941   -0.594  1.00 33.61  ? 92  HOH B O   1 
HETATM 1355 O  O   . HOH D 2 .  ? 3.723   3.269   24.119  1.00 33.67  ? 93  HOH B O   1 
HETATM 1356 O  O   . HOH D 2 .  ? 9.003   -4.287  7.943   1.00 33.92  ? 94  HOH B O   1 
HETATM 1357 O  O   . HOH D 2 .  ? 4.540   8.273   0.336   1.00 34.87  ? 95  HOH B O   1 
HETATM 1358 O  O   . HOH D 2 .  ? 5.509   -1.021  1.166   1.00 36.32  ? 96  HOH B O   1 
HETATM 1359 O  O   . HOH D 2 .  ? 13.388  -7.011  24.842  1.00 36.81  ? 97  HOH B O   1 
HETATM 1360 O  O   . HOH D 2 .  ? 8.217   7.659   6.721   1.00 37.64  ? 98  HOH B O   1 
HETATM 1361 O  O   . HOH D 2 .  ? 1.196   -12.744 12.577  1.00 37.69  ? 99  HOH B O   1 
HETATM 1362 O  O   . HOH D 2 .  ? -8.488  -9.557  15.092  1.00 39.14  ? 100 HOH B O   1 
HETATM 1363 O  O   . HOH D 2 .  ? 1.274   3.652   22.119  1.00 41.38  ? 101 HOH B O   1 
HETATM 1364 O  O   . HOH D 2 .  ? 17.096  -2.611  20.736  1.00 45.47  ? 102 HOH B O   1 
HETATM 1365 O  O   . HOH D 2 .  ? -1.668  -4.854  25.809  1.00 45.89  ? 103 HOH B O   1 
HETATM 1366 O  O   . HOH D 2 .  ? 9.706   5.550   21.204  1.00 49.39  ? 104 HOH B O   1 
HETATM 1367 O  O   . HOH D 2 .  ? 9.808   1.220   2.114   1.00 52.07  ? 105 HOH B O   1 
HETATM 1368 O  O   . HOH D 2 .  ? 17.319  5.771   10.815  1.00 55.91  ? 106 HOH B O   1 
HETATM 1369 O  O   . HOH D 2 .  ? 18.084  -4.158  11.787  1.00 57.84  ? 107 HOH B O   1 
HETATM 1370 O  O   . HOH D 2 .  ? 13.718  5.311   19.749  1.00 59.39  ? 108 HOH B O   1 
# 
